data_8V1S
#
_entry.id   8V1S
#
_cell.length_a   1.00
_cell.length_b   1.00
_cell.length_c   1.00
_cell.angle_alpha   90.00
_cell.angle_beta   90.00
_cell.angle_gamma   90.00
#
_symmetry.space_group_name_H-M   'P 1'
#
loop_
_entity.id
_entity.type
_entity.pdbx_description
1 polymer 'DNA polymerase'
2 polymer 'DNA polymerase processivity factor'
3 polymer 'PRIMER DNA (33-MER)'
4 polymer 'TEMPLATE DNA (50-MER)'
5 non-polymer 'MAGNESIUM ION'
#
loop_
_entity_poly.entity_id
_entity_poly.type
_entity_poly.pdbx_seq_one_letter_code
_entity_poly.pdbx_strand_id
1 'polypeptide(L)'
;HHHHHHNFYNPYLAPVGTQQKPTGPTQRHTYYSECDEFRFIAPRVLDEDAPPEKRAGVHDGHLKRAPKVYCGGDERDVLR
VGSGGFWPRRSRLWGGVDHAPAGFNPTVTVFHVYDILENVEHAYGMRAAQFHARFMDAITPTGTVITLLGLTPEGHRVAV
HVYGTRQYFYMNKEEVDRHLQCRAPRDLCERMAAALRESPGASFRGISADHFEAEVVERTDVYYYETRPALFYRVYVRSG
RVLSYLCDNFCPAIKKYEGGVDATTRFILDNPGFVTFGWYRLKPGRNNTLAQPRAPMAFGTSSDVEFNCTADNLAIEGGM
SDLPAYKLMCFDIECKAGGEDELAFPVAGHPEDLVIQISCLLYDLSTTALEHVLLFSLGSCDLPESHLNELAARGLPTPV
VLEFDSEFEMLLAFMTLVKQYGPEFVTGYNIINFDWPFLLAKLTDIYKVPLDGYGRMNGRGVFRVWDIGQSHFQKRSKIK
VNGMVNIDMYGIITDKIKLSSYKLNAVAEAVLKDKKKDLSYRDIPAYYATGPAQRGVIGEYCIQDSLLVGQLFFKFLPHL
ELSAVARLAGINITRTIYDGQQIRVFTCLLRLADQKGFILPDTQGRFRGAGGEAPKRPAAAREDEERPEEEGEDEDEREE
GGGEREPEGARETAGRHVGYQGARVLDPTSGFHVNPVVVFDFASLYPSIIQAHNLCFSTLSLRADAVAHLEAGKDYLEIE
VGGRRLFFVKAHVRESLLSILLRDWLAMRKQIRSRIPQSSPEEAVLLDKQQAAIKVVCNSVYGFTGVQHGLLPCLHVAAT
VTTIGREMLLATREYVHARWAAFEQLLADFPEAADMRAPGPYSMRIIYGDTDSIFVLCRGLTAAGLTAMGDKMASHISRA
LFLPPIKLECEKTFTKLLLIAKKKYIGVIYGGKMLIKGVDLVRKNNCAFINRTSRALVDLLFYDDTVSGAAAALAERPAE
EWLARPLPEGLQAFGAVLVDAHRRITDPERDIQDFVLTAELSRHPRAYTNKRLAHLTVYYKLMARRAQVPSIKDRIPYVI
VAQTREVEETVARLAALRELDAAAPGDEPAPPAALPSPAKRPRETPSHADPPGGASKPRKLLVSELAEDPAYAIAHGVAL
NTDYYFSHLLGAACVTFKALFGNNAKITESLLKRFIPEVWHPPDDVAARLRAAGFGAVGAGATAEETRRMLHRAFDTLA
;
A
2 'polypeptide(L)'
;MTDSPGGVAPASPVEDASDASLGQPEEGAPCQVVLQGAELNGILQAFAPLRTSLLDSLLVMGDRGILIHNTIFGEQVFLP
LEHSQFSRYRWRGPTAAFLSLVDQKRSLLSVFRANQYPDLRRVELAITGQAPFRTLVQRIWTTTSDGEAVELASETLMKR
ELTSFVVLVPQGTPDVQLRLTRPQLTKVLNATGADSATPTTFELGVNGKFSVFTTSTCVTFAAREEGVSSSTSTQVQILS
NALTKAGQAAANAKTVYGENTHRTFSVVVDDCSMRAVLRRLQVAGGTLKFFLTTPVPSLCVTATGPNAVSAVFLLKPQKI
CLDWLGHSQGSPSAGSSASR
;
B
3 'polydeoxyribonucleotide'
;(DG)(DA)(DT)(DT)(DA)(DC)(DG)(DA)(DA)(DT)(DT)(DC)(DG)(DA)(DG)(DC)(DT)(DC)(DG)(DG)
(DT)(DA)(DC)(DC)(DC)(DG)(DG)(DG)(DG)(DA)(DT)(DC)(GS)
;
P
4 'polydeoxyribonucleotide'
;(DC)(DA)(DC)(DA)(DC)(DA)(DC)(DA)(DC)(DA)(DC)(DA)(DC)(DA)(DC)(DA)(DC)(DA)(DG)(DA)
(DT)(DC)(DC)(DC)(DC)(DG)(DG)(DG)(DT)(DA)(DC)(DC)(DG)(DA)(DG)(DC)(DT)(DC)(DG)(DA)
(DA)(DT)(DT)(DC)(DG)(DT)(DA)(DA)(DT)(DC)
;
T
#
# COMPACT_ATOMS: atom_id res chain seq x y z
N GLY A 24 -25.92 0.50 -47.71
CA GLY A 24 -24.62 0.75 -48.32
C GLY A 24 -23.71 1.59 -47.46
N PRO A 25 -23.33 1.07 -46.29
CA PRO A 25 -22.29 1.74 -45.49
C PRO A 25 -20.98 1.81 -46.26
N THR A 26 -20.29 2.94 -46.11
CA THR A 26 -19.01 3.12 -46.78
C THR A 26 -17.97 2.19 -46.18
N GLN A 27 -17.75 2.34 -44.87
CA GLN A 27 -16.90 1.46 -44.08
C GLN A 27 -17.77 0.35 -43.50
N ARG A 28 -17.43 -0.90 -43.81
CA ARG A 28 -18.11 -2.02 -43.19
C ARG A 28 -18.17 -1.84 -41.70
N HIS A 29 -19.30 -2.21 -41.11
CA HIS A 29 -19.48 -2.13 -39.67
C HIS A 29 -19.09 -3.48 -39.11
N THR A 30 -18.23 -3.47 -38.12
CA THR A 30 -17.66 -4.68 -37.56
C THR A 30 -18.28 -5.01 -36.20
N TYR A 31 -19.51 -4.60 -35.99
CA TYR A 31 -20.33 -5.09 -34.91
C TYR A 31 -21.35 -6.03 -35.53
N TYR A 32 -21.92 -6.89 -34.69
CA TYR A 32 -22.98 -7.78 -35.14
C TYR A 32 -24.27 -7.01 -35.27
N SER A 33 -24.52 -6.47 -36.45
CA SER A 33 -25.87 -6.11 -36.84
C SER A 33 -26.80 -7.32 -36.77
N GLU A 34 -26.37 -8.45 -37.32
CA GLU A 34 -27.10 -9.69 -37.18
C GLU A 34 -26.11 -10.83 -37.03
N CYS A 35 -26.48 -11.82 -36.23
CA CYS A 35 -25.78 -13.08 -36.13
C CYS A 35 -26.84 -14.14 -36.03
N ASP A 36 -26.70 -15.19 -36.83
CA ASP A 36 -27.69 -16.26 -36.89
C ASP A 36 -27.24 -17.44 -36.07
N GLU A 37 -25.94 -17.64 -35.96
CA GLU A 37 -25.36 -18.77 -35.25
C GLU A 37 -24.53 -18.22 -34.12
N PHE A 38 -24.38 -19.00 -33.07
CA PHE A 38 -23.39 -18.65 -32.09
C PHE A 38 -22.89 -19.92 -31.47
N ARG A 39 -22.12 -19.80 -30.43
CA ARG A 39 -21.58 -20.96 -29.76
C ARG A 39 -22.29 -20.99 -28.44
N PHE A 40 -23.20 -21.93 -28.32
CA PHE A 40 -24.16 -21.95 -27.23
C PHE A 40 -23.50 -22.49 -26.00
N ILE A 41 -23.38 -21.66 -24.99
CA ILE A 41 -22.81 -22.07 -23.73
C ILE A 41 -23.83 -21.68 -22.69
N ALA A 42 -24.26 -22.63 -21.89
CA ALA A 42 -25.24 -22.26 -20.89
C ALA A 42 -25.31 -23.36 -19.85
N PRO A 43 -25.44 -23.06 -18.57
CA PRO A 43 -25.54 -24.13 -17.59
C PRO A 43 -26.76 -24.99 -17.81
N ARG A 44 -26.57 -26.31 -17.74
CA ARG A 44 -27.70 -27.22 -17.76
C ARG A 44 -28.51 -27.18 -16.48
N VAL A 45 -28.11 -26.37 -15.51
CA VAL A 45 -29.00 -25.91 -14.47
C VAL A 45 -30.21 -25.17 -15.04
N LEU A 46 -30.10 -24.63 -16.26
CA LEU A 46 -31.20 -23.88 -16.86
C LEU A 46 -32.44 -24.73 -17.04
N ASP A 47 -32.31 -25.86 -17.71
CA ASP A 47 -33.44 -26.79 -17.76
C ASP A 47 -33.82 -27.22 -16.36
N GLU A 48 -35.13 -27.42 -16.14
CA GLU A 48 -35.61 -28.05 -14.93
C GLU A 48 -36.21 -29.42 -15.16
N ASP A 49 -36.46 -29.84 -16.40
CA ASP A 49 -36.47 -31.24 -16.74
C ASP A 49 -35.08 -31.50 -17.26
N ALA A 50 -34.18 -31.90 -16.38
CA ALA A 50 -32.90 -32.42 -16.79
C ALA A 50 -32.32 -33.23 -15.65
N PRO A 51 -32.90 -34.36 -15.24
CA PRO A 51 -32.62 -34.92 -13.90
C PRO A 51 -31.15 -35.05 -13.59
N PRO A 52 -30.77 -35.14 -12.30
CA PRO A 52 -29.52 -34.52 -11.82
C PRO A 52 -28.26 -34.86 -12.61
N GLU A 53 -28.19 -36.04 -13.20
CA GLU A 53 -27.02 -36.38 -14.01
C GLU A 53 -26.90 -35.42 -15.19
N LYS A 54 -28.02 -35.08 -15.82
CA LYS A 54 -28.06 -34.12 -16.91
C LYS A 54 -28.29 -32.68 -16.40
N ARG A 55 -27.96 -32.43 -15.13
CA ARG A 55 -28.09 -31.15 -14.43
C ARG A 55 -26.73 -30.70 -13.95
N ALA A 56 -25.73 -30.83 -14.83
CA ALA A 56 -24.39 -30.44 -14.46
C ALA A 56 -23.64 -29.88 -15.66
N GLY A 57 -22.52 -29.26 -15.33
CA GLY A 57 -21.69 -28.53 -16.24
C GLY A 57 -22.42 -27.48 -17.02
N VAL A 58 -21.80 -27.04 -18.11
CA VAL A 58 -22.37 -26.10 -19.07
C VAL A 58 -22.62 -26.85 -20.36
N HIS A 59 -23.73 -26.57 -20.99
CA HIS A 59 -24.12 -27.21 -22.23
C HIS A 59 -23.40 -26.34 -23.22
N ASP A 60 -22.27 -26.85 -23.69
CA ASP A 60 -21.25 -26.14 -24.44
C ASP A 60 -21.33 -26.68 -25.85
N GLY A 61 -21.58 -25.80 -26.79
CA GLY A 61 -22.08 -26.32 -28.02
C GLY A 61 -22.30 -25.26 -29.05
N HIS A 62 -23.41 -25.36 -29.72
CA HIS A 62 -23.59 -24.63 -30.95
C HIS A 62 -25.06 -24.68 -31.32
N LEU A 63 -25.53 -23.62 -31.97
CA LEU A 63 -26.90 -23.57 -32.43
C LEU A 63 -27.02 -22.56 -33.54
N LYS A 64 -27.92 -22.83 -34.47
CA LYS A 64 -28.25 -21.92 -35.55
C LYS A 64 -29.67 -21.43 -35.28
N ARG A 65 -29.75 -20.30 -34.63
CA ARG A 65 -30.98 -19.58 -34.35
C ARG A 65 -30.55 -18.20 -33.94
N ALA A 66 -31.29 -17.20 -34.33
CA ALA A 66 -30.84 -15.86 -34.00
C ALA A 66 -31.02 -15.67 -32.50
N PRO A 67 -30.06 -15.06 -31.82
CA PRO A 67 -30.07 -15.06 -30.37
C PRO A 67 -31.29 -14.30 -29.86
N LYS A 68 -32.01 -14.89 -28.93
CA LYS A 68 -33.30 -14.41 -28.45
C LYS A 68 -33.13 -13.86 -27.05
N VAL A 69 -33.71 -12.69 -26.81
CA VAL A 69 -33.87 -12.11 -25.49
C VAL A 69 -35.33 -12.12 -25.11
N TYR A 70 -35.60 -12.56 -23.88
CA TYR A 70 -36.95 -12.61 -23.31
C TYR A 70 -37.07 -11.58 -22.20
N CYS A 71 -38.09 -10.76 -22.31
CA CYS A 71 -38.28 -9.60 -21.47
C CYS A 71 -39.66 -9.74 -20.85
N GLY A 72 -39.72 -10.17 -19.60
CA GLY A 72 -41.03 -10.46 -19.06
C GLY A 72 -41.62 -11.58 -19.87
N GLY A 73 -42.78 -11.31 -20.47
CA GLY A 73 -43.42 -12.26 -21.36
C GLY A 73 -42.88 -12.28 -22.76
N ASP A 74 -42.26 -11.19 -23.21
CA ASP A 74 -42.00 -10.98 -24.63
C ASP A 74 -40.72 -11.68 -25.03
N GLU A 75 -40.55 -11.87 -26.34
CA GLU A 75 -39.32 -12.40 -26.90
C GLU A 75 -39.06 -11.73 -28.23
N ARG A 76 -37.79 -11.43 -28.49
CA ARG A 76 -37.36 -11.04 -29.82
C ARG A 76 -35.86 -11.24 -29.90
N ASP A 77 -35.35 -11.22 -31.12
CA ASP A 77 -33.92 -11.30 -31.32
C ASP A 77 -33.23 -10.20 -30.53
N VAL A 78 -32.08 -10.54 -29.97
CA VAL A 78 -31.24 -9.54 -29.32
C VAL A 78 -30.87 -8.47 -30.33
N LEU A 79 -30.42 -8.90 -31.50
CA LEU A 79 -29.87 -8.05 -32.53
C LEU A 79 -30.94 -7.52 -33.46
N ARG A 80 -31.96 -6.88 -32.90
CA ARG A 80 -33.12 -6.48 -33.69
C ARG A 80 -33.53 -5.07 -33.34
N VAL A 81 -33.62 -4.27 -34.40
CA VAL A 81 -33.99 -2.87 -34.32
C VAL A 81 -35.49 -2.70 -34.17
N GLY A 82 -36.26 -3.20 -35.14
CA GLY A 82 -37.70 -3.31 -35.00
C GLY A 82 -38.41 -1.98 -34.85
N SER A 83 -39.73 -2.02 -34.70
CA SER A 83 -40.45 -0.85 -34.21
C SER A 83 -40.21 -0.66 -32.73
N GLY A 84 -40.37 -1.72 -31.96
CA GLY A 84 -40.24 -1.70 -30.52
C GLY A 84 -38.93 -2.33 -30.12
N GLY A 85 -38.41 -1.91 -28.97
CA GLY A 85 -37.23 -2.51 -28.39
C GLY A 85 -37.43 -2.75 -26.91
N PHE A 86 -36.45 -3.43 -26.34
CA PHE A 86 -36.43 -3.71 -24.93
C PHE A 86 -35.41 -2.88 -24.20
N TRP A 87 -34.58 -2.17 -24.93
CA TRP A 87 -33.60 -1.24 -24.40
C TRP A 87 -33.67 0.03 -25.23
N PRO A 88 -33.17 1.14 -24.72
CA PRO A 88 -33.14 2.35 -25.54
C PRO A 88 -32.13 2.26 -26.67
N ARG A 89 -32.32 3.11 -27.64
CA ARG A 89 -31.47 3.16 -28.80
C ARG A 89 -31.24 4.62 -29.14
N ARG A 90 -30.01 4.93 -29.52
CA ARG A 90 -29.59 6.29 -29.85
C ARG A 90 -28.76 6.33 -31.12
N SER A 91 -28.82 5.32 -31.95
CA SER A 91 -28.08 5.29 -33.19
C SER A 91 -29.07 5.29 -34.32
N ARG A 92 -28.82 6.10 -35.32
CA ARG A 92 -29.81 6.21 -36.37
C ARG A 92 -29.57 5.22 -37.50
N LEU A 93 -28.33 4.81 -37.72
CA LEU A 93 -28.08 3.56 -38.42
C LEU A 93 -27.82 2.48 -37.38
N TRP A 94 -28.16 1.25 -37.74
CA TRP A 94 -27.65 0.08 -37.03
C TRP A 94 -27.69 -1.01 -38.09
N GLY A 95 -26.54 -1.32 -38.65
CA GLY A 95 -26.50 -2.17 -39.82
C GLY A 95 -26.79 -1.49 -41.14
N GLY A 96 -26.79 -0.16 -41.21
CA GLY A 96 -26.87 0.55 -42.48
C GLY A 96 -28.24 1.07 -42.90
N VAL A 97 -29.33 0.41 -42.52
CA VAL A 97 -30.66 0.96 -42.77
C VAL A 97 -30.92 2.09 -41.79
N ASP A 98 -31.33 3.26 -42.31
CA ASP A 98 -31.62 4.39 -41.44
C ASP A 98 -32.75 4.06 -40.48
N HIS A 99 -32.66 4.58 -39.25
CA HIS A 99 -33.69 4.41 -38.23
C HIS A 99 -34.34 5.71 -37.79
N ALA A 100 -33.57 6.73 -37.51
CA ALA A 100 -34.15 8.03 -37.19
C ALA A 100 -35.13 8.47 -38.29
N PRO A 101 -36.07 9.35 -37.99
CA PRO A 101 -37.25 9.52 -38.86
C PRO A 101 -36.98 10.44 -40.05
N ALA A 102 -37.97 10.47 -40.95
CA ALA A 102 -37.89 10.92 -42.35
C ALA A 102 -37.03 12.16 -42.56
N GLY A 103 -37.21 13.16 -41.71
CA GLY A 103 -36.64 14.49 -41.88
C GLY A 103 -35.48 14.50 -40.91
N PHE A 104 -35.56 15.12 -39.73
CA PHE A 104 -34.47 14.99 -38.76
C PHE A 104 -33.12 15.46 -39.30
N ASN A 105 -33.03 16.75 -39.65
CA ASN A 105 -31.77 17.34 -40.06
C ASN A 105 -31.46 18.44 -39.05
N PRO A 106 -30.95 18.07 -37.88
CA PRO A 106 -30.73 19.02 -36.80
C PRO A 106 -29.57 19.97 -37.02
N THR A 107 -29.77 20.94 -37.89
CA THR A 107 -28.80 22.00 -38.06
C THR A 107 -28.36 22.51 -36.71
N VAL A 108 -27.06 22.41 -36.46
CA VAL A 108 -26.46 22.71 -35.17
C VAL A 108 -25.24 23.54 -35.49
N THR A 109 -25.34 24.84 -35.33
CA THR A 109 -24.12 25.60 -35.45
C THR A 109 -23.24 25.32 -34.24
N VAL A 110 -23.81 25.47 -33.04
CA VAL A 110 -23.07 25.28 -31.79
C VAL A 110 -23.15 23.83 -31.35
N PHE A 111 -22.25 22.99 -31.83
CA PHE A 111 -22.09 21.64 -31.34
C PHE A 111 -21.09 21.56 -30.19
N HIS A 112 -21.18 20.50 -29.43
CA HIS A 112 -20.17 20.20 -28.43
C HIS A 112 -19.20 19.23 -29.06
N VAL A 113 -18.06 19.06 -28.44
CA VAL A 113 -17.05 18.10 -28.85
C VAL A 113 -16.50 17.40 -27.63
N TYR A 114 -16.88 16.16 -27.33
CA TYR A 114 -16.30 15.53 -26.14
C TYR A 114 -15.10 14.68 -26.43
N ASP A 115 -14.79 14.42 -27.69
CA ASP A 115 -13.69 13.51 -27.94
C ASP A 115 -13.29 13.61 -29.39
N ILE A 116 -12.00 13.58 -29.57
CA ILE A 116 -11.34 13.70 -30.85
C ILE A 116 -10.69 12.37 -31.13
N LEU A 117 -11.04 11.76 -32.23
CA LEU A 117 -10.28 10.62 -32.71
C LEU A 117 -9.46 11.13 -33.86
N GLU A 118 -8.33 10.48 -34.11
CA GLU A 118 -7.50 10.75 -35.26
C GLU A 118 -7.33 9.44 -35.96
N ASN A 119 -7.66 9.41 -37.23
CA ASN A 119 -7.44 8.17 -37.94
C ASN A 119 -7.20 8.52 -39.38
N VAL A 120 -6.63 7.59 -40.10
CA VAL A 120 -6.10 7.88 -41.40
C VAL A 120 -7.15 7.40 -42.35
N GLU A 121 -7.56 8.26 -43.23
CA GLU A 121 -8.74 8.00 -44.05
C GLU A 121 -8.19 8.14 -45.43
N HIS A 122 -7.91 7.02 -46.03
CA HIS A 122 -7.23 7.04 -47.29
C HIS A 122 -8.28 7.43 -48.30
N ALA A 123 -8.01 8.49 -49.05
CA ALA A 123 -9.08 9.20 -49.74
C ALA A 123 -9.74 8.35 -50.79
N TYR A 124 -9.10 7.26 -51.19
CA TYR A 124 -9.78 6.27 -52.00
C TYR A 124 -10.73 5.45 -51.12
N GLY A 125 -10.32 5.18 -49.89
CA GLY A 125 -11.16 4.51 -48.91
C GLY A 125 -12.34 5.32 -48.43
N MET A 126 -12.43 6.60 -48.81
CA MET A 126 -13.60 7.44 -48.60
C MET A 126 -13.93 8.11 -49.93
N ARG A 127 -13.91 7.28 -50.97
CA ARG A 127 -14.35 7.69 -52.28
C ARG A 127 -15.83 8.00 -52.28
N ALA A 128 -16.62 7.05 -51.78
CA ALA A 128 -18.06 7.08 -51.90
C ALA A 128 -18.74 7.81 -50.75
N ALA A 129 -17.97 8.51 -49.91
CA ALA A 129 -18.57 9.30 -48.84
C ALA A 129 -19.34 10.49 -49.38
N GLN A 130 -19.21 10.80 -50.67
CA GLN A 130 -20.00 11.83 -51.35
C GLN A 130 -19.76 13.18 -50.70
N PHE A 131 -18.50 13.52 -50.66
CA PHE A 131 -18.10 14.86 -50.32
C PHE A 131 -18.07 15.67 -51.61
N HIS A 132 -17.87 16.96 -51.47
CA HIS A 132 -17.36 17.74 -52.58
C HIS A 132 -15.87 17.54 -52.52
N ALA A 133 -15.09 18.27 -53.30
CA ALA A 133 -13.75 17.82 -53.65
C ALA A 133 -12.69 18.45 -52.78
N ARG A 134 -13.08 19.16 -51.73
CA ARG A 134 -12.10 19.84 -50.90
C ARG A 134 -11.42 18.83 -50.00
N PHE A 135 -12.20 18.15 -49.19
CA PHE A 135 -11.67 17.20 -48.21
C PHE A 135 -10.98 16.04 -48.90
N MET A 136 -11.42 15.71 -50.10
CA MET A 136 -10.78 14.63 -50.85
C MET A 136 -9.45 15.12 -51.40
N ASP A 137 -9.48 16.21 -52.17
CA ASP A 137 -8.28 16.90 -52.65
C ASP A 137 -7.18 16.99 -51.61
N ALA A 138 -7.51 17.51 -50.41
CA ALA A 138 -6.52 17.58 -49.34
C ALA A 138 -5.69 16.31 -49.16
N ILE A 139 -6.35 15.14 -49.07
CA ILE A 139 -5.75 13.94 -48.48
C ILE A 139 -5.61 12.76 -49.44
N THR A 140 -5.44 13.05 -50.71
CA THR A 140 -5.75 12.17 -51.84
C THR A 140 -5.16 10.74 -51.75
N PRO A 141 -3.85 10.49 -51.69
CA PRO A 141 -3.41 9.14 -51.33
C PRO A 141 -3.78 8.71 -49.92
N THR A 142 -3.49 9.55 -48.93
CA THR A 142 -3.67 9.25 -47.53
C THR A 142 -3.49 10.52 -46.75
N GLY A 143 -4.28 10.68 -45.70
CA GLY A 143 -4.07 11.78 -44.79
C GLY A 143 -4.69 11.40 -43.49
N THR A 144 -4.54 12.27 -42.52
CA THR A 144 -5.16 12.12 -41.22
C THR A 144 -6.41 12.97 -41.15
N VAL A 145 -7.45 12.40 -40.54
CA VAL A 145 -8.72 13.04 -40.34
C VAL A 145 -8.99 12.98 -38.87
N ILE A 146 -9.16 14.14 -38.27
CA ILE A 146 -9.44 14.23 -36.86
C ILE A 146 -10.96 14.38 -36.75
N THR A 147 -11.66 13.36 -36.28
CA THR A 147 -13.11 13.42 -36.14
C THR A 147 -13.47 13.84 -34.71
N LEU A 148 -14.23 14.94 -34.63
CA LEU A 148 -14.72 15.59 -33.42
C LEU A 148 -16.08 15.06 -33.02
N LEU A 149 -16.08 13.94 -32.30
CA LEU A 149 -17.28 13.41 -31.68
C LEU A 149 -17.82 14.36 -30.63
N GLY A 150 -19.06 14.81 -30.82
CA GLY A 150 -19.80 15.54 -29.83
C GLY A 150 -21.30 15.39 -29.90
N LEU A 151 -22.00 16.40 -29.37
CA LEU A 151 -23.43 16.37 -29.15
C LEU A 151 -23.97 17.80 -29.19
N THR A 152 -25.18 17.92 -29.63
CA THR A 152 -25.84 19.16 -30.01
C THR A 152 -26.86 19.56 -28.97
N PRO A 153 -27.04 20.85 -28.68
CA PRO A 153 -28.03 21.22 -27.66
C PRO A 153 -29.42 20.72 -27.95
N GLU A 154 -29.74 20.51 -29.23
CA GLU A 154 -30.99 19.87 -29.60
C GLU A 154 -31.08 18.48 -29.00
N GLY A 155 -29.95 17.83 -28.77
CA GLY A 155 -29.91 16.47 -28.24
C GLY A 155 -29.03 15.54 -29.05
N HIS A 156 -29.02 15.75 -30.35
CA HIS A 156 -28.60 14.73 -31.28
C HIS A 156 -27.10 14.55 -31.27
N ARG A 157 -26.63 13.31 -31.13
CA ARG A 157 -25.19 13.06 -31.17
C ARG A 157 -24.69 13.19 -32.58
N VAL A 158 -23.44 13.59 -32.72
CA VAL A 158 -22.98 14.25 -33.92
C VAL A 158 -21.47 14.13 -33.95
N ALA A 159 -20.91 14.20 -35.14
CA ALA A 159 -19.46 14.14 -35.26
C ALA A 159 -19.04 14.97 -36.46
N VAL A 160 -17.89 15.61 -36.31
CA VAL A 160 -17.43 16.64 -37.22
C VAL A 160 -15.99 16.29 -37.58
N HIS A 161 -15.70 16.16 -38.87
CA HIS A 161 -14.39 15.68 -39.32
C HIS A 161 -13.54 16.84 -39.80
N VAL A 162 -12.41 17.10 -39.14
CA VAL A 162 -11.48 18.15 -39.53
C VAL A 162 -10.34 17.52 -40.32
N TYR A 163 -10.33 17.78 -41.62
CA TYR A 163 -9.45 17.16 -42.58
C TYR A 163 -8.11 17.86 -42.81
N GLY A 164 -7.95 19.11 -42.43
CA GLY A 164 -6.81 19.84 -42.93
C GLY A 164 -5.52 19.77 -42.14
N THR A 165 -5.28 18.68 -41.42
CA THR A 165 -4.11 18.59 -40.58
C THR A 165 -3.07 17.67 -41.21
N ARG A 166 -1.82 18.02 -40.96
CA ARG A 166 -0.65 17.26 -41.39
C ARG A 166 0.21 17.13 -40.17
N GLN A 167 0.83 15.97 -40.00
CA GLN A 167 1.95 15.97 -39.08
C GLN A 167 3.14 16.47 -39.87
N TYR A 168 4.11 17.03 -39.18
CA TYR A 168 5.31 17.37 -39.91
C TYR A 168 6.47 17.40 -38.96
N PHE A 169 7.67 17.52 -39.54
CA PHE A 169 8.81 17.53 -38.64
C PHE A 169 10.02 18.14 -39.32
N TYR A 170 10.96 18.56 -38.46
CA TYR A 170 12.13 19.34 -38.84
C TYR A 170 13.44 18.56 -38.72
N MET A 171 14.33 18.74 -39.70
CA MET A 171 15.72 18.28 -39.60
C MET A 171 16.63 19.40 -40.09
N ASN A 172 17.85 19.47 -39.53
CA ASN A 172 18.69 20.64 -39.67
C ASN A 172 19.03 20.82 -41.14
N LYS A 173 19.57 21.98 -41.50
CA LYS A 173 19.62 22.26 -42.93
C LYS A 173 20.84 21.60 -43.57
N GLU A 174 22.03 21.91 -43.08
CA GLU A 174 23.21 21.25 -43.61
C GLU A 174 23.24 19.80 -43.17
N GLU A 175 22.89 19.53 -41.92
CA GLU A 175 22.99 18.19 -41.35
C GLU A 175 22.22 17.15 -42.14
N VAL A 176 21.32 17.55 -43.03
CA VAL A 176 20.68 16.65 -43.97
C VAL A 176 21.09 16.94 -45.41
N ASP A 177 21.20 18.22 -45.81
CA ASP A 177 21.71 18.52 -47.15
C ASP A 177 23.01 17.79 -47.43
N ARG A 178 24.00 17.97 -46.55
CA ARG A 178 25.31 17.37 -46.66
C ARG A 178 25.29 15.87 -46.34
N HIS A 179 24.66 15.50 -45.23
CA HIS A 179 24.67 14.11 -44.75
C HIS A 179 23.96 13.23 -45.75
N LEU A 180 22.77 13.62 -46.11
CA LEU A 180 22.01 12.91 -47.10
C LEU A 180 22.47 13.28 -48.49
N GLN A 181 23.24 14.36 -48.64
CA GLN A 181 23.75 14.77 -49.94
C GLN A 181 22.60 14.94 -50.92
N CYS A 182 21.66 15.81 -50.52
CA CYS A 182 20.52 16.09 -51.37
C CYS A 182 19.95 17.45 -51.00
N ARG A 183 19.81 18.28 -52.01
CA ARG A 183 19.60 19.72 -51.96
C ARG A 183 18.18 20.07 -51.52
N ALA A 184 17.92 21.37 -51.49
CA ALA A 184 16.84 22.17 -50.92
C ALA A 184 15.46 21.55 -51.11
N PRO A 185 14.63 21.57 -50.07
CA PRO A 185 14.00 20.37 -49.48
C PRO A 185 13.29 19.40 -50.40
N ARG A 186 12.75 19.80 -51.55
CA ARG A 186 12.02 18.82 -52.35
C ARG A 186 12.92 17.64 -52.71
N ASP A 187 14.20 17.89 -52.89
CA ASP A 187 15.10 16.78 -53.13
C ASP A 187 15.19 15.88 -51.88
N LEU A 188 15.34 16.49 -50.69
CA LEU A 188 15.22 15.80 -49.40
C LEU A 188 13.90 15.04 -49.25
N CYS A 189 12.79 15.68 -49.57
CA CYS A 189 11.49 15.02 -49.68
C CYS A 189 11.53 13.70 -50.45
N GLU A 190 12.05 13.72 -51.67
CA GLU A 190 12.17 12.47 -52.41
C GLU A 190 13.06 11.48 -51.69
N ARG A 191 14.22 11.91 -51.22
CA ARG A 191 15.07 11.03 -50.42
C ARG A 191 14.29 10.31 -49.32
N MET A 192 13.47 11.05 -48.58
CA MET A 192 12.67 10.46 -47.51
C MET A 192 11.66 9.43 -48.02
N ALA A 193 10.98 9.76 -49.13
CA ALA A 193 10.03 8.80 -49.68
C ALA A 193 10.76 7.59 -50.21
N ALA A 194 12.00 7.78 -50.67
CA ALA A 194 12.81 6.64 -51.06
C ALA A 194 13.12 5.76 -49.86
N ALA A 195 13.38 6.38 -48.71
CA ALA A 195 13.68 5.62 -47.51
C ALA A 195 12.48 4.83 -47.04
N LEU A 196 11.28 5.36 -47.29
CA LEU A 196 10.05 4.58 -47.05
C LEU A 196 9.88 3.45 -48.04
N ARG A 197 10.04 3.72 -49.33
CA ARG A 197 9.69 2.73 -50.32
C ARG A 197 10.81 1.73 -50.60
N GLU A 198 12.07 2.11 -50.43
CA GLU A 198 13.22 1.22 -50.67
C GLU A 198 13.61 0.54 -49.36
N SER A 199 12.66 -0.23 -48.85
CA SER A 199 12.51 -0.55 -47.44
C SER A 199 12.15 -2.01 -47.26
N PRO A 200 12.11 -2.54 -46.04
CA PRO A 200 12.09 -4.00 -45.89
C PRO A 200 10.78 -4.68 -46.27
N GLY A 201 9.70 -3.94 -46.47
CA GLY A 201 8.40 -4.57 -46.45
C GLY A 201 7.33 -3.65 -46.96
N ALA A 202 6.20 -4.24 -47.24
CA ALA A 202 5.04 -3.64 -47.88
C ALA A 202 4.28 -2.70 -46.97
N SER A 203 4.74 -2.40 -45.75
CA SER A 203 3.99 -1.52 -44.86
C SER A 203 3.75 -0.14 -45.44
N PHE A 204 4.68 0.39 -46.24
CA PHE A 204 4.55 1.73 -46.81
C PHE A 204 4.50 1.63 -48.32
N ARG A 205 3.38 2.05 -48.88
CA ARG A 205 2.94 1.64 -50.20
C ARG A 205 2.76 2.83 -51.13
N GLY A 206 3.44 2.78 -52.29
CA GLY A 206 3.29 3.73 -53.38
C GLY A 206 3.44 5.19 -53.00
N ILE A 207 4.63 5.54 -52.51
CA ILE A 207 4.91 6.88 -51.98
C ILE A 207 5.45 7.76 -53.10
N SER A 208 4.64 8.71 -53.53
CA SER A 208 5.09 9.81 -54.36
C SER A 208 5.65 10.90 -53.45
N ALA A 209 6.81 11.45 -53.83
CA ALA A 209 7.41 12.62 -53.17
C ALA A 209 6.37 13.67 -52.78
N ASP A 210 5.48 14.02 -53.71
CA ASP A 210 4.47 15.06 -53.47
C ASP A 210 3.57 14.77 -52.27
N HIS A 211 3.62 13.55 -51.71
CA HIS A 211 3.07 13.27 -50.40
C HIS A 211 3.96 13.78 -49.30
N PHE A 212 5.06 14.44 -49.62
CA PHE A 212 6.04 14.87 -48.66
C PHE A 212 6.43 16.33 -48.90
N GLU A 213 5.45 17.22 -49.13
CA GLU A 213 5.81 18.61 -49.47
C GLU A 213 6.56 19.24 -48.30
N ALA A 214 7.70 19.86 -48.60
CA ALA A 214 8.56 20.38 -47.55
C ALA A 214 8.71 21.89 -47.70
N GLU A 215 9.46 22.46 -46.76
CA GLU A 215 9.86 23.85 -46.83
C GLU A 215 11.15 24.00 -46.05
N VAL A 216 11.75 25.17 -46.17
CA VAL A 216 12.87 25.57 -45.34
C VAL A 216 12.32 26.60 -44.36
N VAL A 217 12.88 26.59 -43.17
CA VAL A 217 12.39 27.39 -42.07
C VAL A 217 13.63 27.81 -41.32
N GLU A 218 13.47 28.66 -40.31
CA GLU A 218 14.58 29.19 -39.53
C GLU A 218 14.53 28.79 -38.07
N ARG A 219 13.54 28.03 -37.62
CA ARG A 219 13.32 27.80 -36.20
C ARG A 219 14.61 27.52 -35.43
N THR A 220 14.78 28.18 -34.32
CA THR A 220 15.95 27.94 -33.51
C THR A 220 15.81 26.61 -32.83
N ASP A 221 16.90 26.14 -32.25
CA ASP A 221 16.86 24.87 -31.59
C ASP A 221 16.43 25.15 -30.18
N VAL A 222 15.42 24.42 -29.77
CA VAL A 222 14.90 24.53 -28.43
C VAL A 222 15.99 24.31 -27.43
N TYR A 223 16.97 23.49 -27.78
CA TYR A 223 18.05 23.13 -26.92
C TYR A 223 19.20 24.11 -27.05
N TYR A 224 19.92 24.32 -25.96
CA TYR A 224 21.29 24.78 -26.07
C TYR A 224 21.41 26.10 -26.82
N TYR A 225 20.80 27.13 -26.26
CA TYR A 225 20.61 28.41 -26.90
C TYR A 225 21.79 28.93 -27.68
N GLU A 226 23.02 28.78 -27.22
CA GLU A 226 24.09 29.06 -28.16
C GLU A 226 24.01 28.22 -29.41
N THR A 227 23.24 27.15 -29.43
CA THR A 227 22.76 26.77 -30.74
C THR A 227 21.94 27.96 -31.17
N ARG A 228 22.43 28.58 -32.12
CA ARG A 228 21.95 29.80 -32.69
C ARG A 228 20.75 29.45 -33.55
N PRO A 229 19.84 30.38 -33.75
CA PRO A 229 18.77 30.07 -34.68
C PRO A 229 19.29 29.55 -35.99
N ALA A 230 18.91 28.31 -36.24
CA ALA A 230 19.40 27.50 -37.35
C ALA A 230 18.49 27.63 -38.53
N LEU A 231 19.03 27.30 -39.68
CA LEU A 231 18.23 27.04 -40.86
C LEU A 231 17.81 25.59 -40.82
N PHE A 232 16.54 25.35 -41.07
CA PHE A 232 15.96 24.04 -40.92
C PHE A 232 15.17 23.65 -42.15
N TYR A 233 14.89 22.36 -42.20
CA TYR A 233 14.04 21.76 -43.17
C TYR A 233 12.85 21.36 -42.35
N ARG A 234 11.65 21.70 -42.82
CA ARG A 234 10.38 21.30 -42.21
C ARG A 234 9.61 20.56 -43.30
N VAL A 235 9.71 19.27 -43.26
CA VAL A 235 9.10 18.36 -44.21
C VAL A 235 7.73 17.93 -43.73
N TYR A 236 6.71 18.09 -44.58
CA TYR A 236 5.34 17.73 -44.20
C TYR A 236 4.98 16.28 -44.54
N VAL A 237 4.50 15.55 -43.52
CA VAL A 237 4.23 14.11 -43.55
C VAL A 237 2.74 13.84 -43.24
N ARG A 238 2.01 13.34 -44.26
CA ARG A 238 0.56 13.19 -44.16
C ARG A 238 0.09 12.26 -43.04
N SER A 239 0.72 11.10 -42.87
CA SER A 239 0.21 10.02 -42.04
C SER A 239 1.05 9.77 -40.81
N GLY A 240 0.41 9.32 -39.73
CA GLY A 240 1.16 8.98 -38.52
C GLY A 240 2.11 7.80 -38.69
N ARG A 241 1.64 6.73 -39.33
CA ARG A 241 2.46 5.53 -39.45
C ARG A 241 3.73 5.78 -40.25
N VAL A 242 3.63 6.65 -41.27
CA VAL A 242 4.80 6.99 -42.03
C VAL A 242 5.72 7.79 -41.16
N LEU A 243 5.19 8.43 -40.13
CA LEU A 243 6.03 9.20 -39.27
C LEU A 243 6.76 8.36 -38.26
N SER A 244 6.15 7.33 -37.71
CA SER A 244 6.95 6.56 -36.76
C SER A 244 8.00 5.74 -37.49
N TYR A 245 7.80 5.51 -38.79
CA TYR A 245 8.88 4.91 -39.54
C TYR A 245 9.95 5.92 -39.90
N LEU A 246 9.58 7.15 -40.25
CA LEU A 246 10.60 8.15 -40.49
C LEU A 246 11.18 8.69 -39.23
N CYS A 247 10.71 8.26 -38.07
CA CYS A 247 11.34 8.63 -36.82
C CYS A 247 12.23 7.56 -36.25
N ASP A 248 12.05 6.28 -36.62
CA ASP A 248 13.02 5.27 -36.19
C ASP A 248 13.68 4.47 -37.30
N ASN A 249 13.27 4.62 -38.56
CA ASN A 249 13.85 3.87 -39.67
C ASN A 249 14.53 4.79 -40.67
N PHE A 250 14.89 5.99 -40.25
CA PHE A 250 15.62 6.97 -41.03
C PHE A 250 16.84 7.30 -40.21
N CYS A 251 17.87 7.88 -40.85
CA CYS A 251 19.22 7.88 -40.27
C CYS A 251 19.26 8.32 -38.81
N PRO A 252 19.64 7.41 -37.89
CA PRO A 252 19.78 7.80 -36.47
C PRO A 252 20.73 8.94 -36.19
N ALA A 253 21.62 9.31 -37.12
CA ALA A 253 22.66 10.30 -36.86
C ALA A 253 22.25 11.69 -37.33
N ILE A 254 20.94 11.96 -37.33
CA ILE A 254 20.39 13.29 -37.24
C ILE A 254 19.19 13.21 -36.32
N LYS A 255 19.10 14.11 -35.35
CA LYS A 255 17.92 14.14 -34.49
C LYS A 255 16.89 14.98 -35.21
N LYS A 256 15.87 14.29 -35.73
CA LYS A 256 15.01 14.76 -36.81
C LYS A 256 13.77 15.41 -36.20
N TYR A 257 13.90 16.70 -35.91
CA TYR A 257 13.05 17.39 -34.95
C TYR A 257 11.54 17.26 -35.18
N GLU A 258 10.82 17.00 -34.09
CA GLU A 258 9.34 17.05 -33.97
C GLU A 258 8.57 16.01 -34.80
N GLY A 259 9.11 14.82 -35.02
CA GLY A 259 8.36 13.82 -35.77
C GLY A 259 7.32 13.02 -35.01
N GLY A 260 7.29 13.07 -33.69
CA GLY A 260 6.32 12.21 -33.02
C GLY A 260 4.91 12.75 -33.00
N VAL A 261 4.76 14.02 -33.37
CA VAL A 261 3.60 14.82 -33.02
C VAL A 261 2.33 14.25 -33.61
N ASP A 262 1.27 14.31 -32.84
CA ASP A 262 0.07 13.63 -33.28
C ASP A 262 -0.57 14.48 -34.35
N ALA A 263 -1.65 13.98 -34.92
CA ALA A 263 -2.42 14.83 -35.78
C ALA A 263 -3.30 15.74 -34.96
N THR A 264 -3.75 15.26 -33.81
CA THR A 264 -4.63 16.08 -32.99
C THR A 264 -3.90 17.31 -32.54
N THR A 265 -2.69 17.18 -32.01
CA THR A 265 -2.09 18.38 -31.44
C THR A 265 -1.66 19.36 -32.52
N ARG A 266 -1.36 18.90 -33.71
CA ARG A 266 -1.19 19.85 -34.79
C ARG A 266 -2.50 20.55 -35.09
N PHE A 267 -3.60 19.80 -35.15
CA PHE A 267 -4.88 20.46 -35.34
C PHE A 267 -5.17 21.45 -34.23
N ILE A 268 -4.89 21.08 -32.99
CA ILE A 268 -5.29 21.92 -31.87
C ILE A 268 -4.44 23.18 -31.84
N LEU A 269 -3.12 23.01 -31.72
CA LEU A 269 -2.20 24.15 -31.69
C LEU A 269 -2.34 25.03 -32.93
N ASP A 270 -2.11 24.46 -34.12
CA ASP A 270 -2.04 25.27 -35.34
C ASP A 270 -3.22 26.22 -35.50
N ASN A 271 -4.40 25.79 -35.07
CA ASN A 271 -5.58 26.65 -35.04
C ASN A 271 -5.68 27.33 -33.69
N PRO A 272 -5.44 28.64 -33.59
CA PRO A 272 -5.33 29.29 -32.28
C PRO A 272 -6.68 29.35 -31.56
N GLY A 273 -6.75 28.73 -30.39
CA GLY A 273 -7.89 28.85 -29.49
C GLY A 273 -8.67 27.58 -29.28
N PHE A 274 -8.48 26.56 -30.12
CA PHE A 274 -9.29 25.36 -30.13
C PHE A 274 -9.06 24.55 -28.88
N VAL A 275 -9.95 23.59 -28.69
CA VAL A 275 -9.98 22.77 -27.49
C VAL A 275 -10.40 21.38 -27.88
N THR A 276 -9.96 20.40 -27.11
CA THR A 276 -10.38 19.03 -27.30
C THR A 276 -11.62 18.66 -26.50
N PHE A 277 -12.24 19.62 -25.84
CA PHE A 277 -13.51 19.42 -25.15
C PHE A 277 -14.11 20.78 -24.91
N GLY A 278 -15.34 20.96 -25.33
CA GLY A 278 -16.01 22.22 -25.13
C GLY A 278 -16.74 22.58 -26.38
N TRP A 279 -17.64 23.53 -26.29
CA TRP A 279 -18.52 23.86 -27.38
C TRP A 279 -17.74 24.46 -28.52
N TYR A 280 -18.35 24.44 -29.69
CA TYR A 280 -17.72 24.85 -30.91
C TYR A 280 -18.73 25.60 -31.74
N ARG A 281 -18.30 26.08 -32.90
CA ARG A 281 -19.15 26.78 -33.82
C ARG A 281 -18.63 26.55 -35.21
N LEU A 282 -19.52 26.34 -36.16
CA LEU A 282 -19.17 26.26 -37.58
C LEU A 282 -19.16 27.65 -38.20
N LYS A 283 -17.99 28.15 -38.57
CA LYS A 283 -17.84 29.50 -39.12
C LYS A 283 -17.82 29.47 -40.65
N PRO A 284 -18.71 30.17 -41.36
CA PRO A 284 -18.57 30.37 -42.82
C PRO A 284 -17.51 31.40 -43.19
N GLY A 285 -16.44 30.98 -43.86
CA GLY A 285 -15.58 32.02 -44.43
C GLY A 285 -14.76 31.67 -45.66
N ARG A 286 -13.78 32.53 -45.96
CA ARG A 286 -12.69 32.28 -46.91
C ARG A 286 -13.12 31.59 -48.21
N ASN A 287 -14.01 32.27 -48.96
CA ASN A 287 -14.82 31.72 -50.05
C ASN A 287 -15.97 30.83 -49.58
N ASN A 288 -16.42 31.04 -48.35
CA ASN A 288 -17.72 30.54 -47.91
C ASN A 288 -17.76 29.02 -47.78
N THR A 289 -16.64 28.45 -47.33
CA THR A 289 -16.48 27.02 -47.15
C THR A 289 -16.96 26.68 -45.74
N LEU A 290 -18.29 26.61 -45.62
CA LEU A 290 -18.98 25.97 -44.49
C LEU A 290 -18.70 24.47 -44.38
N ALA A 291 -18.75 23.96 -43.14
CA ALA A 291 -18.73 22.52 -42.89
C ALA A 291 -19.76 21.78 -43.73
N GLN A 292 -19.46 20.52 -44.06
CA GLN A 292 -20.15 19.80 -45.11
C GLN A 292 -20.99 18.68 -44.53
N PRO A 293 -22.32 18.61 -44.73
CA PRO A 293 -23.12 17.54 -44.12
C PRO A 293 -22.85 16.18 -44.72
N ARG A 294 -22.87 15.14 -43.85
CA ARG A 294 -22.53 13.78 -44.26
C ARG A 294 -23.79 13.00 -44.63
N ALA A 295 -23.74 12.32 -45.78
CA ALA A 295 -24.85 11.46 -46.20
C ALA A 295 -24.98 10.32 -45.21
N PRO A 296 -26.19 9.94 -44.78
CA PRO A 296 -26.25 8.93 -43.72
C PRO A 296 -25.67 7.59 -44.10
N MET A 297 -25.56 7.26 -45.38
CA MET A 297 -24.79 6.11 -45.79
C MET A 297 -23.29 6.39 -45.89
N ALA A 298 -22.82 7.52 -45.39
CA ALA A 298 -21.39 7.82 -45.29
C ALA A 298 -20.96 8.16 -43.88
N PHE A 299 -21.80 7.90 -42.89
CA PHE A 299 -21.42 8.21 -41.54
C PHE A 299 -20.27 7.31 -41.16
N GLY A 300 -19.33 7.84 -40.40
CA GLY A 300 -18.25 7.03 -39.89
C GLY A 300 -18.37 6.74 -38.43
N THR A 301 -19.48 7.04 -37.79
CA THR A 301 -19.63 6.82 -36.38
C THR A 301 -21.09 6.47 -36.08
N SER A 302 -21.41 6.38 -34.81
CA SER A 302 -22.73 6.12 -34.24
C SER A 302 -23.55 7.40 -34.04
N SER A 303 -23.22 8.47 -34.72
CA SER A 303 -23.74 9.81 -34.53
C SER A 303 -25.01 10.03 -35.32
N ASP A 304 -25.87 10.93 -34.80
CA ASP A 304 -27.14 11.20 -35.46
C ASP A 304 -27.02 12.12 -36.67
N VAL A 305 -26.11 13.08 -36.67
CA VAL A 305 -25.77 13.87 -37.85
C VAL A 305 -24.27 13.98 -37.93
N GLU A 306 -23.73 14.04 -39.14
CA GLU A 306 -22.30 14.23 -39.25
C GLU A 306 -21.99 15.25 -40.33
N PHE A 307 -20.82 15.86 -40.14
CA PHE A 307 -20.30 16.87 -41.04
C PHE A 307 -18.80 16.69 -41.08
N ASN A 308 -18.20 17.26 -42.10
CA ASN A 308 -16.77 17.17 -42.26
C ASN A 308 -16.39 18.51 -42.83
N CYS A 309 -15.34 19.09 -42.27
CA CYS A 309 -15.19 20.52 -42.27
C CYS A 309 -13.73 20.80 -42.00
N THR A 310 -13.09 21.60 -42.82
CA THR A 310 -11.69 21.85 -42.55
C THR A 310 -11.56 22.60 -41.24
N ALA A 311 -10.34 22.62 -40.70
CA ALA A 311 -10.09 23.15 -39.36
C ALA A 311 -10.63 24.56 -39.21
N ASP A 312 -10.49 25.36 -40.26
CA ASP A 312 -10.96 26.74 -40.31
C ASP A 312 -12.41 26.87 -40.76
N ASN A 313 -13.22 25.82 -40.69
CA ASN A 313 -14.66 25.94 -40.79
C ASN A 313 -15.28 25.84 -39.43
N LEU A 314 -14.48 26.09 -38.42
CA LEU A 314 -14.77 25.65 -37.09
C LEU A 314 -14.40 26.78 -36.17
N ALA A 315 -14.95 26.79 -34.99
CA ALA A 315 -14.63 27.89 -34.09
C ALA A 315 -15.15 27.56 -32.72
N ILE A 316 -14.51 28.10 -31.75
CA ILE A 316 -14.90 27.87 -30.37
C ILE A 316 -15.90 28.95 -29.96
N GLU A 317 -16.68 28.68 -28.91
CA GLU A 317 -17.25 29.73 -28.08
C GLU A 317 -17.00 29.42 -26.62
N GLY A 318 -16.89 30.49 -25.83
CA GLY A 318 -16.86 30.39 -24.40
C GLY A 318 -18.18 30.88 -23.82
N GLY A 319 -18.33 30.63 -22.52
CA GLY A 319 -19.52 31.07 -21.83
C GLY A 319 -20.71 30.21 -22.09
N MET A 320 -20.49 29.00 -22.60
CA MET A 320 -21.54 28.02 -22.85
C MET A 320 -21.28 26.75 -22.08
N SER A 321 -20.87 26.85 -20.83
CA SER A 321 -20.40 25.66 -20.15
C SER A 321 -21.60 24.82 -19.73
N ASP A 322 -21.91 23.80 -20.54
CA ASP A 322 -22.94 22.82 -20.24
C ASP A 322 -22.83 21.68 -21.25
N LEU A 323 -23.07 20.46 -20.77
CA LEU A 323 -22.77 19.24 -21.51
C LEU A 323 -24.04 18.65 -22.08
N PRO A 324 -24.28 18.73 -23.34
CA PRO A 324 -25.68 18.63 -23.73
C PRO A 324 -26.31 17.24 -23.73
N ALA A 325 -26.70 16.77 -22.55
CA ALA A 325 -27.36 15.47 -22.39
C ALA A 325 -26.54 14.33 -22.97
N TYR A 326 -25.31 14.20 -22.48
CA TYR A 326 -24.58 12.99 -22.79
C TYR A 326 -25.11 11.89 -21.87
N LYS A 327 -24.93 10.64 -22.30
CA LYS A 327 -25.36 9.48 -21.52
C LYS A 327 -24.17 8.75 -20.94
N LEU A 328 -24.50 7.78 -20.11
CA LEU A 328 -23.50 7.09 -19.34
C LEU A 328 -24.03 5.70 -19.06
N MET A 329 -23.24 4.66 -19.27
CA MET A 329 -23.65 3.29 -18.93
C MET A 329 -22.84 2.81 -17.76
N CYS A 330 -23.48 2.62 -16.62
CA CYS A 330 -22.83 2.09 -15.43
C CYS A 330 -22.98 0.57 -15.33
N PHE A 331 -22.51 -0.18 -16.32
CA PHE A 331 -22.73 -1.62 -16.29
C PHE A 331 -21.79 -2.33 -15.33
N ASP A 332 -22.22 -3.51 -14.87
CA ASP A 332 -21.41 -4.38 -14.00
C ASP A 332 -21.86 -5.83 -14.15
N ILE A 333 -20.93 -6.75 -14.35
CA ILE A 333 -21.26 -8.12 -14.67
C ILE A 333 -21.14 -9.01 -13.45
N GLU A 334 -21.85 -10.15 -13.48
CA GLU A 334 -21.72 -11.22 -12.51
C GLU A 334 -21.63 -12.54 -13.24
N CYS A 335 -20.59 -13.31 -12.91
CA CYS A 335 -20.32 -14.58 -13.55
C CYS A 335 -20.24 -15.76 -12.58
N LYS A 336 -20.69 -16.91 -13.09
CA LYS A 336 -20.62 -18.21 -12.44
C LYS A 336 -19.41 -18.96 -12.98
N ALA A 337 -18.69 -19.61 -12.09
CA ALA A 337 -17.35 -20.08 -12.33
C ALA A 337 -17.25 -21.58 -12.16
N GLY A 338 -18.22 -22.32 -12.67
CA GLY A 338 -18.42 -23.66 -12.19
C GLY A 338 -17.44 -24.67 -12.75
N GLY A 339 -16.88 -24.40 -13.92
CA GLY A 339 -16.13 -25.35 -14.68
C GLY A 339 -16.78 -26.71 -14.74
N GLU A 340 -16.05 -27.71 -14.26
CA GLU A 340 -16.55 -29.07 -14.09
C GLU A 340 -16.64 -29.43 -12.62
N ASP A 341 -15.84 -28.78 -11.78
CA ASP A 341 -15.86 -28.89 -10.33
C ASP A 341 -14.98 -27.75 -9.83
N GLU A 342 -14.81 -27.68 -8.52
CA GLU A 342 -14.02 -26.62 -7.90
C GLU A 342 -14.54 -25.24 -8.33
N LEU A 343 -15.79 -24.97 -7.99
CA LEU A 343 -16.33 -23.61 -8.12
C LEU A 343 -15.30 -22.63 -7.61
N ALA A 344 -15.09 -21.54 -8.35
CA ALA A 344 -13.81 -20.84 -8.33
C ALA A 344 -14.03 -19.40 -8.75
N PHE A 345 -12.95 -18.63 -8.88
CA PHE A 345 -13.00 -17.53 -9.82
C PHE A 345 -13.19 -18.08 -11.24
N PRO A 346 -14.05 -17.48 -12.06
CA PRO A 346 -14.06 -17.82 -13.47
C PRO A 346 -12.76 -17.39 -14.10
N VAL A 347 -12.58 -17.79 -15.34
CA VAL A 347 -11.44 -17.33 -16.12
C VAL A 347 -11.89 -17.35 -17.56
N ALA A 348 -11.57 -16.27 -18.26
CA ALA A 348 -12.24 -15.96 -19.50
C ALA A 348 -11.92 -17.02 -20.53
N GLY A 349 -10.69 -17.48 -20.54
CA GLY A 349 -10.26 -18.57 -21.38
C GLY A 349 -10.92 -19.92 -21.16
N HIS A 350 -11.81 -20.07 -20.18
CA HIS A 350 -12.46 -21.35 -19.95
C HIS A 350 -13.91 -21.25 -20.42
N PRO A 351 -14.29 -21.88 -21.52
CA PRO A 351 -15.70 -21.84 -21.94
C PRO A 351 -16.67 -22.39 -20.92
N GLU A 352 -16.19 -23.15 -19.96
CA GLU A 352 -17.01 -23.64 -18.86
C GLU A 352 -17.26 -22.57 -17.82
N ASP A 353 -16.38 -21.58 -17.73
CA ASP A 353 -16.52 -20.44 -16.84
C ASP A 353 -17.19 -19.32 -17.60
N LEU A 354 -18.27 -18.77 -17.05
CA LEU A 354 -19.15 -17.95 -17.87
C LEU A 354 -19.89 -16.91 -17.04
N VAL A 355 -20.25 -15.80 -17.72
CA VAL A 355 -21.09 -14.74 -17.16
C VAL A 355 -22.54 -15.18 -17.14
N ILE A 356 -23.24 -14.85 -16.05
CA ILE A 356 -24.61 -15.25 -15.81
C ILE A 356 -25.58 -14.07 -15.87
N GLN A 357 -25.18 -12.89 -15.38
CA GLN A 357 -26.00 -11.69 -15.46
C GLN A 357 -25.13 -10.46 -15.67
N ILE A 358 -25.73 -9.41 -16.25
CA ILE A 358 -25.06 -8.11 -16.46
C ILE A 358 -26.05 -7.03 -16.14
N SER A 359 -25.73 -6.17 -15.19
CA SER A 359 -26.54 -5.01 -14.89
C SER A 359 -26.06 -3.86 -15.76
N CYS A 360 -26.98 -3.00 -16.20
CA CYS A 360 -26.62 -1.97 -17.17
C CYS A 360 -27.52 -0.74 -16.97
N LEU A 361 -26.98 0.29 -16.36
CA LEU A 361 -27.72 1.45 -15.86
C LEU A 361 -27.42 2.70 -16.67
N LEU A 362 -28.23 2.94 -17.66
CA LEU A 362 -28.09 4.02 -18.64
C LEU A 362 -28.56 5.36 -18.06
N TYR A 363 -27.64 6.09 -17.42
CA TYR A 363 -27.88 7.44 -16.92
C TYR A 363 -27.81 8.49 -18.01
N ASP A 364 -28.25 9.70 -17.65
CA ASP A 364 -27.99 10.94 -18.35
C ASP A 364 -26.97 11.76 -17.59
N LEU A 365 -26.19 12.57 -18.31
CA LEU A 365 -25.03 13.24 -17.72
C LEU A 365 -25.30 14.68 -17.35
N SER A 366 -26.10 15.38 -18.12
CA SER A 366 -26.42 16.75 -17.77
C SER A 366 -27.27 16.78 -16.52
N THR A 367 -28.36 16.00 -16.49
CA THR A 367 -29.30 16.07 -15.38
C THR A 367 -29.11 14.98 -14.33
N THR A 368 -28.06 14.17 -14.44
CA THR A 368 -27.72 13.11 -13.47
C THR A 368 -28.91 12.17 -13.22
N ALA A 369 -29.79 12.06 -14.20
CA ALA A 369 -31.06 11.36 -14.08
C ALA A 369 -30.92 9.96 -14.62
N LEU A 370 -30.91 8.96 -13.75
CA LEU A 370 -30.95 7.58 -14.21
C LEU A 370 -32.16 7.37 -15.11
N GLU A 371 -31.91 6.84 -16.30
CA GLU A 371 -32.91 6.84 -17.35
C GLU A 371 -33.38 5.47 -17.73
N HIS A 372 -32.53 4.46 -17.69
CA HIS A 372 -32.96 3.10 -18.00
C HIS A 372 -32.18 2.16 -17.13
N VAL A 373 -32.86 1.17 -16.56
CA VAL A 373 -32.20 0.12 -15.80
C VAL A 373 -32.45 -1.19 -16.52
N LEU A 374 -31.50 -1.61 -17.37
CA LEU A 374 -31.50 -2.91 -17.99
C LEU A 374 -30.77 -3.94 -17.12
N LEU A 375 -31.16 -5.21 -17.28
CA LEU A 375 -30.55 -6.31 -16.55
C LEU A 375 -30.62 -7.53 -17.44
N PHE A 376 -29.46 -7.92 -17.90
CA PHE A 376 -29.28 -9.11 -18.68
C PHE A 376 -29.17 -10.28 -17.73
N SER A 377 -29.86 -11.37 -18.05
CA SER A 377 -29.94 -12.52 -17.19
C SER A 377 -29.94 -13.75 -18.06
N LEU A 378 -29.08 -14.69 -17.70
CA LEU A 378 -29.06 -16.04 -18.25
C LEU A 378 -30.13 -16.87 -17.55
N GLY A 379 -31.28 -16.98 -18.18
CA GLY A 379 -32.36 -17.84 -17.73
C GLY A 379 -33.57 -17.02 -17.34
N SER A 380 -34.61 -17.72 -16.94
CA SER A 380 -35.77 -17.05 -16.38
C SER A 380 -35.37 -16.39 -15.08
N CYS A 381 -35.79 -15.16 -14.89
CA CYS A 381 -35.29 -14.30 -13.82
C CYS A 381 -36.43 -13.42 -13.33
N ASP A 382 -36.70 -13.51 -12.03
CA ASP A 382 -37.83 -12.84 -11.40
C ASP A 382 -37.23 -11.93 -10.34
N LEU A 383 -37.21 -10.64 -10.63
CA LEU A 383 -36.64 -9.72 -9.66
C LEU A 383 -37.50 -9.77 -8.40
N PRO A 384 -36.90 -9.74 -7.20
CA PRO A 384 -37.72 -9.85 -5.99
C PRO A 384 -38.77 -8.75 -5.92
N GLU A 385 -39.93 -9.09 -5.37
CA GLU A 385 -41.02 -8.11 -5.31
C GLU A 385 -40.66 -7.01 -4.34
N SER A 386 -39.77 -7.30 -3.41
CA SER A 386 -39.18 -6.23 -2.64
C SER A 386 -38.40 -5.33 -3.58
N HIS A 387 -37.55 -5.90 -4.45
CA HIS A 387 -36.71 -5.04 -5.30
C HIS A 387 -37.50 -4.18 -6.25
N LEU A 388 -38.53 -4.72 -6.87
CA LEU A 388 -39.33 -3.90 -7.76
C LEU A 388 -40.00 -2.77 -7.01
N ASN A 389 -40.48 -3.06 -5.79
CA ASN A 389 -41.02 -1.98 -4.97
C ASN A 389 -39.95 -0.98 -4.58
N GLU A 390 -38.75 -1.46 -4.25
CA GLU A 390 -37.68 -0.57 -3.81
C GLU A 390 -37.27 0.40 -4.92
N LEU A 391 -37.13 -0.12 -6.14
CA LEU A 391 -36.76 0.73 -7.26
C LEU A 391 -37.88 1.66 -7.67
N ALA A 392 -39.14 1.27 -7.46
CA ALA A 392 -40.20 2.22 -7.73
C ALA A 392 -40.34 3.24 -6.61
N ALA A 393 -39.91 2.89 -5.39
CA ALA A 393 -40.03 3.75 -4.22
C ALA A 393 -38.97 4.82 -4.20
N ARG A 394 -37.72 4.49 -4.52
CA ARG A 394 -36.70 5.51 -4.68
C ARG A 394 -36.80 6.27 -6.01
N GLY A 395 -37.86 6.05 -6.78
CA GLY A 395 -38.16 6.84 -7.94
C GLY A 395 -37.33 6.52 -9.15
N LEU A 396 -36.70 5.45 -9.15
CA LEU A 396 -35.83 5.01 -10.21
C LEU A 396 -36.67 4.18 -11.18
N PRO A 397 -36.37 4.15 -12.48
CA PRO A 397 -37.32 3.55 -13.42
C PRO A 397 -37.44 2.07 -13.14
N THR A 398 -38.36 1.43 -13.82
CA THR A 398 -38.63 0.03 -13.54
C THR A 398 -37.56 -0.82 -14.22
N PRO A 399 -36.81 -1.65 -13.48
CA PRO A 399 -35.77 -2.43 -14.10
C PRO A 399 -36.33 -3.37 -15.12
N VAL A 400 -35.63 -3.49 -16.23
CA VAL A 400 -36.05 -4.34 -17.31
C VAL A 400 -35.10 -5.52 -17.23
N VAL A 401 -35.62 -6.65 -16.77
CA VAL A 401 -34.87 -7.89 -16.73
C VAL A 401 -35.08 -8.62 -18.04
N LEU A 402 -33.99 -8.83 -18.73
CA LEU A 402 -33.95 -9.63 -19.93
C LEU A 402 -33.53 -11.05 -19.55
N GLU A 403 -34.37 -12.03 -19.85
CA GLU A 403 -33.97 -13.43 -19.79
C GLU A 403 -33.18 -13.83 -21.03
N PHE A 404 -32.19 -14.71 -20.84
CA PHE A 404 -31.39 -15.27 -21.91
C PHE A 404 -31.23 -16.77 -21.71
N ASP A 405 -30.80 -17.43 -22.78
CA ASP A 405 -30.57 -18.86 -22.82
C ASP A 405 -29.09 -19.24 -22.78
N SER A 406 -28.21 -18.43 -23.36
CA SER A 406 -26.80 -18.74 -23.49
C SER A 406 -25.96 -17.54 -23.12
N GLU A 407 -24.76 -17.80 -22.61
CA GLU A 407 -23.82 -16.72 -22.33
C GLU A 407 -23.54 -15.84 -23.53
N PHE A 408 -23.48 -16.42 -24.72
CA PHE A 408 -23.27 -15.54 -25.86
C PHE A 408 -24.46 -14.64 -26.04
N GLU A 409 -25.66 -15.13 -25.78
CA GLU A 409 -26.82 -14.29 -26.04
C GLU A 409 -26.73 -13.07 -25.17
N MET A 410 -26.35 -13.28 -23.93
CA MET A 410 -26.22 -12.18 -23.01
C MET A 410 -25.12 -11.25 -23.44
N LEU A 411 -23.94 -11.79 -23.76
CA LEU A 411 -22.80 -10.90 -23.98
C LEU A 411 -22.99 -10.09 -25.25
N LEU A 412 -23.57 -10.69 -26.27
CA LEU A 412 -23.94 -9.91 -27.44
C LEU A 412 -24.99 -8.89 -27.12
N ALA A 413 -25.96 -9.21 -26.27
CA ALA A 413 -27.02 -8.26 -25.98
C ALA A 413 -26.49 -7.09 -25.21
N PHE A 414 -25.63 -7.35 -24.27
CA PHE A 414 -24.97 -6.26 -23.60
C PHE A 414 -24.18 -5.43 -24.58
N MET A 415 -23.43 -6.08 -25.46
CA MET A 415 -22.53 -5.31 -26.30
C MET A 415 -23.30 -4.55 -27.35
N THR A 416 -24.41 -5.09 -27.81
CA THR A 416 -25.27 -4.36 -28.70
C THR A 416 -25.95 -3.24 -28.00
N LEU A 417 -26.10 -3.30 -26.71
CA LEU A 417 -26.49 -2.08 -26.06
C LEU A 417 -25.38 -1.06 -26.13
N VAL A 418 -24.14 -1.47 -25.82
CA VAL A 418 -23.07 -0.48 -25.76
C VAL A 418 -22.86 0.20 -27.09
N LYS A 419 -23.14 -0.49 -28.18
CA LYS A 419 -23.17 0.16 -29.48
C LYS A 419 -24.50 0.86 -29.76
N GLN A 420 -25.65 0.28 -29.36
CA GLN A 420 -26.91 0.89 -29.75
C GLN A 420 -27.14 2.13 -28.95
N TYR A 421 -27.06 2.01 -27.64
CA TYR A 421 -27.19 3.18 -26.82
C TYR A 421 -26.05 4.12 -27.11
N GLY A 422 -24.86 3.59 -27.19
CA GLY A 422 -23.69 4.40 -27.39
C GLY A 422 -23.55 5.35 -26.24
N PRO A 423 -23.31 4.81 -25.07
CA PRO A 423 -23.10 5.67 -23.93
C PRO A 423 -21.78 6.35 -24.16
N GLU A 424 -21.79 7.67 -24.24
CA GLU A 424 -20.56 8.39 -24.50
C GLU A 424 -19.55 8.15 -23.41
N PHE A 425 -20.00 7.87 -22.24
CA PHE A 425 -19.17 7.69 -21.09
C PHE A 425 -19.56 6.32 -20.59
N VAL A 426 -18.61 5.56 -20.12
CA VAL A 426 -18.89 4.25 -19.60
C VAL A 426 -18.12 4.14 -18.33
N THR A 427 -18.79 3.62 -17.33
CA THR A 427 -18.27 3.59 -16.01
C THR A 427 -18.61 2.22 -15.48
N GLY A 428 -18.39 2.03 -14.20
CA GLY A 428 -18.39 0.71 -13.65
C GLY A 428 -17.27 0.62 -12.67
N TYR A 429 -17.22 -0.45 -11.92
CA TYR A 429 -16.12 -0.72 -11.03
C TYR A 429 -15.27 -1.81 -11.64
N ASN A 430 -14.00 -1.51 -11.88
CA ASN A 430 -13.05 -2.50 -12.38
C ASN A 430 -13.40 -2.92 -13.78
N ILE A 431 -14.12 -2.09 -14.51
CA ILE A 431 -14.59 -2.57 -15.80
C ILE A 431 -13.41 -2.73 -16.75
N ILE A 432 -12.34 -2.00 -16.55
CA ILE A 432 -11.17 -2.16 -17.38
C ILE A 432 -10.28 -3.27 -16.83
N ASN A 433 -10.28 -3.45 -15.52
CA ASN A 433 -9.55 -4.53 -14.85
C ASN A 433 -10.20 -5.90 -15.00
N PHE A 434 -11.50 -6.04 -14.69
CA PHE A 434 -12.17 -7.33 -14.84
C PHE A 434 -13.29 -7.38 -15.88
N ASP A 435 -14.26 -6.46 -15.83
CA ASP A 435 -15.48 -6.64 -16.62
C ASP A 435 -15.21 -6.55 -18.11
N TRP A 436 -14.67 -5.43 -18.58
CA TRP A 436 -14.32 -5.38 -20.00
C TRP A 436 -13.29 -6.44 -20.35
N PRO A 437 -12.23 -6.69 -19.56
CA PRO A 437 -11.33 -7.77 -19.96
C PRO A 437 -12.02 -9.11 -20.11
N PHE A 438 -12.90 -9.46 -19.18
CA PHE A 438 -13.68 -10.68 -19.33
C PHE A 438 -14.54 -10.64 -20.59
N LEU A 439 -15.38 -9.63 -20.76
CA LEU A 439 -16.29 -9.63 -21.89
C LEU A 439 -15.55 -9.59 -23.20
N LEU A 440 -14.46 -8.86 -23.27
CA LEU A 440 -13.70 -8.78 -24.51
C LEU A 440 -13.00 -10.10 -24.75
N ALA A 441 -12.50 -10.73 -23.69
CA ALA A 441 -11.87 -12.04 -23.82
C ALA A 441 -12.85 -13.13 -24.20
N LYS A 442 -14.04 -13.14 -23.63
CA LYS A 442 -15.09 -14.03 -24.11
C LYS A 442 -15.41 -13.76 -25.56
N LEU A 443 -15.49 -12.50 -25.91
CA LEU A 443 -15.98 -12.14 -27.23
C LEU A 443 -14.94 -12.25 -28.31
N THR A 444 -13.67 -12.44 -27.99
CA THR A 444 -12.65 -12.40 -29.01
C THR A 444 -12.06 -13.76 -29.34
N ASP A 445 -12.12 -14.70 -28.43
CA ASP A 445 -11.55 -16.03 -28.65
C ASP A 445 -12.55 -17.14 -28.54
N ILE A 446 -13.48 -17.05 -27.58
CA ILE A 446 -14.48 -18.08 -27.46
C ILE A 446 -15.56 -17.89 -28.50
N TYR A 447 -16.23 -16.76 -28.47
CA TYR A 447 -17.26 -16.44 -29.44
C TYR A 447 -16.75 -15.88 -30.77
N LYS A 448 -15.49 -15.44 -30.83
CA LYS A 448 -14.89 -14.91 -32.05
C LYS A 448 -15.65 -13.71 -32.61
N VAL A 449 -15.78 -12.67 -31.79
CA VAL A 449 -16.46 -11.43 -32.19
C VAL A 449 -15.39 -10.38 -32.49
N PRO A 450 -15.45 -9.69 -33.63
CA PRO A 450 -14.56 -8.55 -33.81
C PRO A 450 -15.02 -7.39 -32.95
N LEU A 451 -14.18 -6.92 -32.06
CA LEU A 451 -14.54 -5.80 -31.24
C LEU A 451 -14.09 -4.49 -31.82
N ASP A 452 -13.57 -4.50 -33.04
CA ASP A 452 -13.07 -3.30 -33.68
C ASP A 452 -14.18 -2.43 -34.22
N GLY A 453 -15.44 -2.70 -33.91
CA GLY A 453 -16.52 -1.84 -34.35
C GLY A 453 -17.55 -1.49 -33.34
N TYR A 454 -17.37 -1.93 -32.12
CA TYR A 454 -18.35 -1.76 -31.07
C TYR A 454 -18.10 -0.53 -30.20
N GLY A 455 -17.47 0.49 -30.70
CA GLY A 455 -17.17 1.64 -29.86
C GLY A 455 -18.03 2.79 -30.31
N ARG A 456 -17.46 3.76 -31.01
CA ARG A 456 -18.24 4.83 -31.61
C ARG A 456 -17.87 5.05 -33.04
N MET A 457 -16.94 4.30 -33.58
CA MET A 457 -16.72 4.22 -34.99
C MET A 457 -17.13 2.82 -35.35
N ASN A 458 -17.79 2.71 -36.46
CA ASN A 458 -18.42 1.47 -36.85
C ASN A 458 -17.35 0.49 -37.30
N GLY A 459 -16.56 0.89 -38.29
CA GLY A 459 -15.49 0.07 -38.79
C GLY A 459 -14.18 0.42 -38.12
N ARG A 460 -13.53 -0.60 -37.59
CA ARG A 460 -12.10 -0.62 -37.30
C ARG A 460 -11.62 0.61 -36.53
N GLY A 461 -12.22 0.80 -35.39
CA GLY A 461 -11.71 1.72 -34.42
C GLY A 461 -10.87 0.94 -33.47
N VAL A 462 -10.59 1.53 -32.34
CA VAL A 462 -9.81 0.87 -31.31
C VAL A 462 -10.81 0.49 -30.24
N PHE A 463 -10.84 -0.80 -29.88
CA PHE A 463 -11.64 -1.31 -28.77
C PHE A 463 -10.82 -2.25 -27.94
N ARG A 464 -9.57 -1.99 -27.75
CA ARG A 464 -8.76 -3.02 -27.13
C ARG A 464 -8.49 -2.71 -25.68
N VAL A 465 -7.89 -3.69 -25.02
CA VAL A 465 -7.53 -3.58 -23.62
C VAL A 465 -6.11 -4.14 -23.49
N TRP A 466 -5.16 -3.25 -23.26
CA TRP A 466 -3.84 -3.61 -22.80
C TRP A 466 -3.87 -4.10 -21.36
N ASP A 467 -3.37 -5.32 -21.18
CA ASP A 467 -3.49 -6.11 -19.95
C ASP A 467 -3.15 -5.36 -18.69
N PHE A 473 -0.49 -2.58 -18.82
CA PHE A 473 -0.12 -3.79 -18.11
C PHE A 473 -0.69 -3.78 -16.69
N GLN A 474 -1.24 -4.93 -16.29
CA GLN A 474 -2.01 -5.18 -15.07
C GLN A 474 -2.72 -3.94 -14.56
N LYS A 475 -2.91 -3.75 -13.25
CA LYS A 475 -3.77 -2.64 -12.82
C LYS A 475 -3.03 -1.31 -12.93
N ARG A 476 -2.76 -0.98 -14.18
CA ARG A 476 -2.95 0.28 -14.87
C ARG A 476 -3.52 -0.09 -16.24
N SER A 477 -4.26 -1.20 -16.26
CA SER A 477 -4.83 -1.81 -17.45
C SER A 477 -5.56 -0.79 -18.26
N LYS A 478 -5.11 -0.61 -19.47
CA LYS A 478 -5.55 0.47 -20.33
C LYS A 478 -6.62 -0.10 -21.23
N ILE A 479 -7.76 0.56 -21.30
CA ILE A 479 -8.78 0.24 -22.28
C ILE A 479 -8.93 1.44 -23.17
N LYS A 480 -8.88 1.23 -24.45
CA LYS A 480 -9.13 2.27 -25.41
C LYS A 480 -10.29 1.80 -26.25
N VAL A 481 -11.45 2.40 -26.03
CA VAL A 481 -12.53 2.36 -27.00
C VAL A 481 -12.60 3.74 -27.61
N ASN A 482 -12.81 3.80 -28.91
CA ASN A 482 -12.98 5.09 -29.54
C ASN A 482 -14.36 5.66 -29.31
N GLY A 483 -14.37 6.95 -29.03
CA GLY A 483 -15.59 7.66 -28.73
C GLY A 483 -16.42 7.00 -27.68
N MET A 484 -15.76 6.50 -26.65
CA MET A 484 -16.46 6.04 -25.48
C MET A 484 -15.46 6.21 -24.35
N VAL A 485 -15.61 7.26 -23.58
CA VAL A 485 -14.55 7.59 -22.66
C VAL A 485 -14.77 6.72 -21.44
N ASN A 486 -14.00 5.64 -21.34
CA ASN A 486 -14.26 4.59 -20.38
C ASN A 486 -13.77 5.08 -19.05
N ILE A 487 -14.55 5.95 -18.43
CA ILE A 487 -14.15 6.40 -17.11
C ILE A 487 -14.53 5.23 -16.21
N ASP A 488 -13.55 4.43 -15.86
CA ASP A 488 -13.76 3.46 -14.81
C ASP A 488 -13.86 4.23 -13.52
N MET A 489 -14.36 3.58 -12.48
CA MET A 489 -14.50 4.21 -11.18
C MET A 489 -13.54 3.64 -10.20
N TYR A 490 -13.09 2.42 -10.41
CA TYR A 490 -12.02 1.95 -9.58
C TYR A 490 -10.79 2.80 -9.80
N GLY A 491 -10.49 3.13 -11.06
CA GLY A 491 -9.36 4.00 -11.28
C GLY A 491 -9.59 5.42 -10.85
N ILE A 492 -10.83 5.85 -10.74
CA ILE A 492 -11.14 7.22 -10.34
C ILE A 492 -11.19 7.32 -8.83
N ILE A 493 -11.81 6.36 -8.18
CA ILE A 493 -11.92 6.41 -6.74
C ILE A 493 -10.57 6.12 -6.12
N THR A 494 -9.79 5.21 -6.72
CA THR A 494 -8.45 4.99 -6.21
C THR A 494 -7.64 6.27 -6.16
N ASP A 495 -7.91 7.22 -7.07
CA ASP A 495 -7.25 8.51 -6.94
C ASP A 495 -7.99 9.46 -5.99
N LYS A 496 -9.30 9.60 -6.18
CA LYS A 496 -10.05 10.59 -5.43
C LYS A 496 -10.01 10.33 -3.93
N ILE A 497 -10.52 9.17 -3.51
CA ILE A 497 -10.55 8.77 -2.10
C ILE A 497 -9.33 7.94 -1.77
N LYS A 498 -8.94 7.94 -0.48
CA LYS A 498 -7.75 7.27 0.02
C LYS A 498 -8.06 6.30 1.15
N LEU A 499 -9.13 5.52 1.02
CA LEU A 499 -9.23 4.27 1.77
C LEU A 499 -8.26 3.26 1.16
N SER A 500 -8.15 2.06 1.76
CA SER A 500 -7.47 0.96 1.08
C SER A 500 -8.23 -0.35 1.13
N SER A 501 -9.56 -0.32 1.08
CA SER A 501 -10.31 -1.57 0.94
C SER A 501 -10.73 -1.79 -0.52
N TYR A 502 -11.44 -0.83 -1.11
CA TYR A 502 -11.58 -0.66 -2.54
C TYR A 502 -12.41 -1.76 -3.18
N LYS A 503 -13.05 -2.62 -2.38
CA LYS A 503 -14.14 -3.43 -2.89
C LYS A 503 -15.34 -2.52 -2.99
N LEU A 504 -16.17 -2.75 -4.01
CA LEU A 504 -17.27 -1.83 -4.28
C LEU A 504 -18.12 -1.65 -3.05
N ASN A 505 -18.48 -2.74 -2.38
CA ASN A 505 -19.46 -2.64 -1.31
C ASN A 505 -18.92 -1.81 -0.17
N ALA A 506 -17.64 -2.01 0.16
CA ALA A 506 -17.03 -1.22 1.21
C ALA A 506 -16.88 0.22 0.75
N VAL A 507 -16.62 0.42 -0.54
CA VAL A 507 -16.48 1.77 -1.06
C VAL A 507 -17.81 2.51 -0.97
N ALA A 508 -18.91 1.84 -1.27
CA ALA A 508 -20.18 2.51 -1.21
C ALA A 508 -20.54 2.81 0.23
N GLU A 509 -20.19 1.90 1.12
CA GLU A 509 -20.42 2.15 2.53
C GLU A 509 -19.54 3.29 3.03
N ALA A 510 -18.40 3.52 2.40
CA ALA A 510 -17.51 4.55 2.91
C ALA A 510 -17.81 5.92 2.33
N VAL A 511 -17.91 6.05 1.01
CA VAL A 511 -18.31 7.33 0.46
C VAL A 511 -19.80 7.56 0.65
N LEU A 512 -20.65 6.60 0.26
CA LEU A 512 -22.09 6.80 0.23
C LEU A 512 -22.82 6.31 1.46
N LYS A 513 -22.22 5.40 2.24
CA LYS A 513 -22.80 4.90 3.48
C LYS A 513 -24.17 4.28 3.26
N ASP A 514 -24.47 3.81 2.06
CA ASP A 514 -25.77 3.20 1.78
C ASP A 514 -25.79 1.75 2.20
N LYS A 515 -26.94 1.32 2.72
CA LYS A 515 -26.99 0.21 3.67
C LYS A 515 -27.22 -1.09 2.90
N LYS A 516 -26.28 -1.36 1.99
CA LYS A 516 -26.53 -2.39 1.00
C LYS A 516 -26.60 -3.78 1.63
N LYS A 517 -27.45 -4.62 1.03
CA LYS A 517 -27.35 -6.06 1.18
C LYS A 517 -26.22 -6.57 0.29
N ASP A 518 -25.21 -7.18 0.91
CA ASP A 518 -24.09 -7.74 0.17
C ASP A 518 -24.32 -9.22 -0.09
N LEU A 519 -23.97 -9.65 -1.29
CA LEU A 519 -24.00 -11.04 -1.73
C LEU A 519 -22.58 -11.58 -1.82
N SER A 520 -22.46 -12.89 -1.69
CA SER A 520 -21.24 -13.61 -1.99
C SER A 520 -21.46 -14.49 -3.21
N TYR A 521 -20.37 -14.98 -3.79
CA TYR A 521 -20.45 -15.92 -4.89
C TYR A 521 -20.25 -17.34 -4.42
N ARG A 522 -20.68 -17.58 -3.19
CA ARG A 522 -21.04 -18.88 -2.67
C ARG A 522 -22.55 -19.04 -2.63
N ASP A 523 -23.31 -17.99 -2.92
CA ASP A 523 -24.71 -18.14 -3.20
C ASP A 523 -25.02 -17.92 -4.67
N ILE A 524 -24.02 -17.67 -5.51
CA ILE A 524 -24.27 -17.61 -6.94
C ILE A 524 -24.66 -19.01 -7.37
N PRO A 525 -23.92 -20.07 -7.07
CA PRO A 525 -24.45 -21.39 -7.41
C PRO A 525 -25.76 -21.72 -6.72
N ALA A 526 -25.86 -21.42 -5.44
CA ALA A 526 -27.07 -21.72 -4.69
C ALA A 526 -28.25 -20.95 -5.24
N TYR A 527 -28.06 -19.65 -5.50
CA TYR A 527 -29.14 -18.82 -5.99
C TYR A 527 -29.36 -18.96 -7.48
N TYR A 528 -28.35 -19.41 -8.23
CA TYR A 528 -28.55 -19.53 -9.66
C TYR A 528 -29.20 -20.84 -10.00
N ALA A 529 -28.98 -21.89 -9.21
CA ALA A 529 -29.73 -23.13 -9.44
C ALA A 529 -31.01 -23.25 -8.65
N THR A 530 -31.25 -22.42 -7.65
CA THR A 530 -32.50 -22.56 -6.92
C THR A 530 -33.69 -22.35 -7.84
N GLY A 531 -33.79 -21.16 -8.43
CA GLY A 531 -34.80 -20.91 -9.42
C GLY A 531 -34.92 -19.45 -9.83
N PRO A 532 -35.98 -19.13 -10.58
CA PRO A 532 -36.09 -17.78 -11.14
C PRO A 532 -36.17 -16.73 -10.09
N ALA A 533 -36.74 -17.04 -8.93
CA ALA A 533 -36.75 -16.10 -7.84
C ALA A 533 -35.33 -15.84 -7.39
N GLN A 534 -34.57 -16.90 -7.17
CA GLN A 534 -33.21 -16.71 -6.68
C GLN A 534 -32.28 -16.21 -7.79
N ARG A 535 -32.54 -16.55 -9.05
CA ARG A 535 -31.71 -15.94 -10.07
C ARG A 535 -32.00 -14.44 -10.12
N GLY A 536 -33.26 -14.05 -9.97
CA GLY A 536 -33.56 -12.66 -9.70
C GLY A 536 -32.95 -12.11 -8.44
N VAL A 537 -32.68 -12.94 -7.44
CA VAL A 537 -31.97 -12.43 -6.28
C VAL A 537 -30.57 -12.00 -6.69
N ILE A 538 -29.93 -12.81 -7.54
CA ILE A 538 -28.68 -12.38 -8.17
C ILE A 538 -28.90 -11.11 -8.99
N GLY A 539 -29.97 -11.06 -9.80
CA GLY A 539 -30.28 -9.87 -10.59
C GLY A 539 -30.44 -8.62 -9.75
N GLU A 540 -31.06 -8.77 -8.59
CA GLU A 540 -31.22 -7.70 -7.64
C GLU A 540 -29.87 -7.25 -7.18
N TYR A 541 -29.01 -8.20 -6.91
CA TYR A 541 -27.67 -7.84 -6.46
C TYR A 541 -26.95 -7.05 -7.54
N CYS A 542 -27.02 -7.49 -8.80
CA CYS A 542 -26.27 -6.74 -9.81
C CYS A 542 -26.86 -5.37 -10.04
N ILE A 543 -28.16 -5.20 -9.85
CA ILE A 543 -28.71 -3.87 -10.06
C ILE A 543 -28.29 -2.97 -8.93
N GLN A 544 -28.23 -3.50 -7.74
CA GLN A 544 -27.80 -2.69 -6.63
C GLN A 544 -26.35 -2.28 -6.82
N ASP A 545 -25.52 -3.18 -7.31
CA ASP A 545 -24.12 -2.82 -7.50
C ASP A 545 -23.96 -1.73 -8.55
N SER A 546 -24.67 -1.83 -9.65
CA SER A 546 -24.53 -0.79 -10.64
C SER A 546 -25.15 0.53 -10.19
N LEU A 547 -26.21 0.49 -9.38
CA LEU A 547 -26.72 1.74 -8.87
C LEU A 547 -25.70 2.38 -7.95
N LEU A 548 -24.98 1.58 -7.17
CA LEU A 548 -23.94 2.15 -6.35
C LEU A 548 -22.92 2.84 -7.20
N VAL A 549 -22.50 2.21 -8.29
CA VAL A 549 -21.51 2.83 -9.18
C VAL A 549 -22.05 4.10 -9.81
N GLY A 550 -23.26 4.08 -10.33
CA GLY A 550 -23.87 5.28 -10.87
C GLY A 550 -23.84 6.43 -9.87
N GLN A 551 -24.18 6.13 -8.64
CA GLN A 551 -24.15 7.14 -7.59
C GLN A 551 -22.72 7.63 -7.35
N LEU A 552 -21.75 6.73 -7.45
CA LEU A 552 -20.37 7.15 -7.34
C LEU A 552 -19.99 8.11 -8.46
N PHE A 553 -20.27 7.73 -9.70
CA PHE A 553 -19.92 8.58 -10.83
C PHE A 553 -20.54 9.94 -10.70
N PHE A 554 -21.80 10.02 -10.34
CA PHE A 554 -22.42 11.32 -10.35
C PHE A 554 -22.21 12.07 -9.06
N LYS A 555 -21.48 11.50 -8.11
CA LYS A 555 -20.98 12.31 -7.01
C LYS A 555 -19.63 12.87 -7.35
N PHE A 556 -18.74 12.08 -7.94
CA PHE A 556 -17.40 12.58 -8.21
C PHE A 556 -17.32 13.38 -9.49
N LEU A 557 -18.19 13.10 -10.45
CA LEU A 557 -18.29 13.80 -11.72
C LEU A 557 -16.94 13.74 -12.41
N PRO A 558 -16.41 12.55 -12.67
CA PRO A 558 -15.07 12.49 -13.23
C PRO A 558 -14.96 13.12 -14.59
N HIS A 559 -16.04 13.07 -15.36
CA HIS A 559 -15.98 13.59 -16.72
C HIS A 559 -15.68 15.06 -16.74
N LEU A 560 -16.14 15.81 -15.74
CA LEU A 560 -15.87 17.24 -15.73
C LEU A 560 -14.40 17.53 -15.48
N GLU A 561 -13.76 16.81 -14.56
CA GLU A 561 -12.35 17.08 -14.30
C GLU A 561 -11.48 16.62 -15.46
N LEU A 562 -11.78 15.47 -16.05
CA LEU A 562 -10.97 15.04 -17.19
C LEU A 562 -11.22 15.93 -18.36
N SER A 563 -12.42 16.45 -18.50
CA SER A 563 -12.70 17.29 -19.63
C SER A 563 -12.03 18.63 -19.48
N ALA A 564 -11.91 19.11 -18.26
CA ALA A 564 -11.13 20.31 -18.02
C ALA A 564 -9.71 20.10 -18.48
N VAL A 565 -9.08 19.01 -18.03
CA VAL A 565 -7.69 18.76 -18.46
C VAL A 565 -7.61 18.55 -19.95
N ALA A 566 -8.63 17.97 -20.55
CA ALA A 566 -8.53 17.64 -21.96
C ALA A 566 -8.65 18.87 -22.81
N ARG A 567 -9.37 19.89 -22.34
CA ARG A 567 -9.40 21.11 -23.12
C ARG A 567 -8.38 22.10 -22.67
N LEU A 568 -7.72 21.86 -21.55
CA LEU A 568 -6.59 22.69 -21.19
C LEU A 568 -5.34 22.29 -21.92
N ALA A 569 -4.97 21.02 -21.80
CA ALA A 569 -3.74 20.55 -22.43
C ALA A 569 -3.75 20.72 -23.92
N GLY A 570 -4.68 20.06 -24.60
CA GLY A 570 -4.59 19.95 -26.04
C GLY A 570 -4.81 18.54 -26.57
N ILE A 571 -5.17 17.62 -25.67
CA ILE A 571 -5.22 16.19 -25.94
C ILE A 571 -6.68 15.78 -25.84
N ASN A 572 -7.04 14.62 -26.38
CA ASN A 572 -8.45 14.28 -26.22
C ASN A 572 -8.64 13.66 -24.87
N ILE A 573 -9.91 13.64 -24.44
CA ILE A 573 -10.25 13.19 -23.10
C ILE A 573 -9.72 11.78 -22.83
N THR A 574 -10.02 10.82 -23.71
CA THR A 574 -9.42 9.49 -23.63
C THR A 574 -7.93 9.51 -23.33
N ARG A 575 -7.19 10.40 -23.98
CA ARG A 575 -5.74 10.43 -23.78
C ARG A 575 -5.38 10.92 -22.40
N THR A 576 -6.02 11.98 -21.94
CA THR A 576 -5.80 12.37 -20.56
C THR A 576 -6.13 11.25 -19.60
N ILE A 577 -7.12 10.41 -19.91
CA ILE A 577 -7.40 9.31 -18.99
C ILE A 577 -6.25 8.33 -18.97
N TYR A 578 -5.84 7.84 -20.13
CA TYR A 578 -4.94 6.69 -20.17
C TYR A 578 -3.47 7.06 -20.25
N ASP A 579 -3.06 7.81 -21.26
CA ASP A 579 -1.65 7.81 -21.59
C ASP A 579 -0.95 8.96 -20.87
N GLY A 580 0.00 8.57 -20.07
CA GLY A 580 0.97 9.37 -19.38
C GLY A 580 0.47 10.52 -18.55
N GLN A 581 1.41 11.40 -18.27
CA GLN A 581 1.24 12.71 -17.74
C GLN A 581 2.08 13.73 -18.52
N GLN A 582 2.96 13.28 -19.40
CA GLN A 582 3.86 14.16 -20.10
C GLN A 582 3.33 14.61 -21.42
N ILE A 583 2.25 14.02 -21.90
CA ILE A 583 1.75 14.46 -23.19
C ILE A 583 0.97 15.75 -23.02
N ARG A 584 0.43 16.00 -21.84
CA ARG A 584 -0.20 17.27 -21.58
C ARG A 584 0.80 18.39 -21.72
N VAL A 585 1.83 18.34 -20.88
CA VAL A 585 2.85 19.39 -20.88
C VAL A 585 3.52 19.44 -22.22
N PHE A 586 3.71 18.31 -22.86
CA PHE A 586 4.37 18.36 -24.13
C PHE A 586 3.55 19.13 -25.16
N THR A 587 2.24 18.86 -25.26
CA THR A 587 1.46 19.53 -26.30
C THR A 587 1.34 21.01 -26.06
N CYS A 588 1.16 21.44 -24.82
CA CYS A 588 1.12 22.88 -24.58
C CYS A 588 2.47 23.54 -24.84
N LEU A 589 3.56 22.92 -24.38
CA LEU A 589 4.89 23.41 -24.66
C LEU A 589 5.16 23.43 -26.14
N LEU A 590 4.52 22.54 -26.86
CA LEU A 590 4.63 22.58 -28.30
C LEU A 590 3.91 23.81 -28.86
N ARG A 591 2.75 24.19 -28.30
CA ARG A 591 2.10 25.43 -28.76
C ARG A 591 3.00 26.61 -28.56
N LEU A 592 3.64 26.67 -27.41
CA LEU A 592 4.55 27.76 -27.14
C LEU A 592 5.68 27.81 -28.17
N ALA A 593 6.38 26.71 -28.34
CA ALA A 593 7.45 26.68 -29.30
C ALA A 593 6.99 26.95 -30.72
N ASP A 594 5.75 26.65 -31.05
CA ASP A 594 5.25 26.94 -32.38
C ASP A 594 5.05 28.43 -32.58
N GLN A 595 4.65 29.14 -31.54
CA GLN A 595 4.52 30.59 -31.64
C GLN A 595 5.90 31.23 -31.68
N LYS A 596 6.82 30.75 -30.85
CA LYS A 596 8.14 31.33 -30.65
C LYS A 596 9.16 30.81 -31.66
N GLY A 597 8.71 30.25 -32.77
CA GLY A 597 9.59 29.76 -33.81
C GLY A 597 10.72 28.88 -33.33
N PHE A 598 10.34 27.83 -32.62
CA PHE A 598 11.19 26.80 -32.06
C PHE A 598 10.90 25.46 -32.72
N ILE A 599 11.80 24.53 -32.45
CA ILE A 599 11.74 23.15 -32.88
C ILE A 599 11.75 22.31 -31.64
N LEU A 600 11.45 21.04 -31.81
CA LEU A 600 11.46 20.13 -30.67
C LEU A 600 11.82 18.71 -31.12
N PRO A 601 12.90 18.13 -30.58
CA PRO A 601 13.43 16.88 -31.13
C PRO A 601 12.54 15.70 -30.92
N ASP A 602 13.00 14.57 -31.42
CA ASP A 602 12.40 13.29 -31.14
C ASP A 602 13.54 12.54 -30.50
N THR A 603 13.37 12.20 -29.21
CA THR A 603 14.44 11.63 -28.41
C THR A 603 15.05 10.46 -29.16
N GLN A 604 16.34 10.20 -28.92
CA GLN A 604 17.11 9.39 -29.85
C GLN A 604 16.68 7.93 -29.84
N GLY A 605 15.67 7.61 -29.04
CA GLY A 605 14.74 6.57 -29.37
C GLY A 605 14.05 5.90 -28.20
N ARG A 606 12.77 5.69 -28.48
CA ARG A 606 11.84 4.93 -27.65
C ARG A 606 11.82 3.51 -28.20
N PHE A 607 12.97 2.84 -28.08
CA PHE A 607 13.39 1.82 -29.05
C PHE A 607 12.42 0.66 -29.19
N ARG A 608 11.43 0.55 -28.31
CA ARG A 608 10.05 0.27 -28.69
C ARG A 608 9.22 0.34 -27.42
N GLY A 609 7.92 0.51 -27.62
CA GLY A 609 6.97 0.66 -26.52
C GLY A 609 5.97 -0.48 -26.53
N ALA A 610 5.67 -1.00 -25.35
CA ALA A 610 5.04 -2.30 -25.21
C ALA A 610 3.71 -2.14 -24.49
N GLY A 611 2.71 -2.83 -25.00
CA GLY A 611 1.41 -2.95 -24.38
C GLY A 611 0.98 -4.39 -24.39
N GLY A 612 0.72 -4.97 -23.22
CA GLY A 612 0.24 -6.33 -23.15
C GLY A 612 1.25 -7.34 -23.68
N GLN A 661 25.37 15.56 -0.28
CA GLN A 661 24.50 16.46 -1.04
C GLN A 661 24.06 17.59 -0.12
N GLY A 662 23.43 18.61 -0.70
CA GLY A 662 22.89 19.73 0.04
C GLY A 662 21.80 19.43 1.07
N ALA A 663 21.37 18.18 1.20
CA ALA A 663 20.11 17.88 1.88
C ALA A 663 20.27 17.34 3.29
N ARG A 664 21.47 16.84 3.64
N ARG A 664 21.49 17.05 3.76
CA ARG A 664 21.78 16.29 4.96
CA ARG A 664 21.54 16.27 4.99
C ARG A 664 21.23 17.13 6.11
C ARG A 664 21.26 17.12 6.22
N VAL A 665 21.57 18.41 6.18
CA VAL A 665 21.07 19.29 7.24
C VAL A 665 19.57 19.55 7.17
N LEU A 666 18.88 19.08 6.13
CA LEU A 666 17.48 19.40 5.86
C LEU A 666 16.61 18.16 5.82
N ASP A 667 16.79 17.23 6.73
CA ASP A 667 16.09 15.94 6.72
C ASP A 667 15.48 15.70 8.07
N PRO A 668 14.64 14.67 8.19
CA PRO A 668 14.07 14.37 9.50
C PRO A 668 15.14 14.12 10.54
N THR A 669 14.93 14.73 11.70
CA THR A 669 15.59 14.35 12.92
C THR A 669 14.79 13.30 13.68
N SER A 670 13.68 12.83 13.12
CA SER A 670 12.99 11.65 13.60
C SER A 670 12.60 11.78 15.07
N GLY A 671 11.76 12.77 15.34
CA GLY A 671 11.40 13.13 16.69
C GLY A 671 9.94 13.57 16.77
N PHE A 672 9.53 13.91 17.98
CA PHE A 672 8.20 14.44 18.24
C PHE A 672 8.30 15.90 18.59
N HIS A 673 7.31 16.66 18.12
CA HIS A 673 7.35 18.12 18.07
C HIS A 673 5.96 18.60 18.45
N VAL A 674 5.82 19.07 19.69
CA VAL A 674 4.61 19.75 20.08
C VAL A 674 4.64 21.21 19.65
N ASN A 675 5.82 21.80 19.54
CA ASN A 675 5.92 23.16 19.08
C ASN A 675 5.30 23.35 17.70
N PRO A 676 4.69 24.50 17.44
CA PRO A 676 3.91 24.62 16.20
C PRO A 676 4.83 24.61 15.00
N VAL A 677 4.64 23.66 14.13
CA VAL A 677 5.51 23.49 13.00
C VAL A 677 4.79 24.15 11.85
N VAL A 678 5.16 25.40 11.58
CA VAL A 678 4.68 26.07 10.40
C VAL A 678 5.13 25.24 9.22
N VAL A 679 4.36 25.26 8.17
CA VAL A 679 4.79 24.54 6.99
C VAL A 679 4.74 25.54 5.88
N PHE A 680 5.89 25.79 5.30
CA PHE A 680 6.15 26.84 4.33
C PHE A 680 6.16 26.29 2.94
N ASP A 681 5.36 25.29 2.64
CA ASP A 681 5.48 24.67 1.35
C ASP A 681 5.52 25.70 0.25
N PHE A 682 6.43 25.53 -0.69
CA PHE A 682 6.46 26.50 -1.74
C PHE A 682 5.25 26.20 -2.60
N ALA A 683 4.81 27.20 -3.31
CA ALA A 683 3.50 27.14 -3.91
C ALA A 683 3.75 26.73 -5.34
N SER A 684 3.49 25.47 -5.63
CA SER A 684 3.87 24.96 -6.93
C SER A 684 5.36 25.19 -7.17
N LEU A 685 6.21 24.58 -6.33
CA LEU A 685 7.61 24.99 -6.25
C LEU A 685 8.27 24.91 -7.58
N TYR A 686 8.31 23.72 -8.16
CA TYR A 686 9.11 23.55 -9.36
C TYR A 686 8.63 24.40 -10.51
N PRO A 687 7.34 24.60 -10.75
CA PRO A 687 6.99 25.62 -11.73
C PRO A 687 7.42 27.03 -11.35
N SER A 688 7.40 27.39 -10.08
CA SER A 688 7.90 28.70 -9.71
C SER A 688 9.38 28.84 -9.98
N ILE A 689 10.13 27.75 -9.78
CA ILE A 689 11.55 27.78 -10.09
C ILE A 689 11.75 27.86 -11.58
N ILE A 690 11.03 27.03 -12.32
CA ILE A 690 11.16 27.00 -13.77
C ILE A 690 10.84 28.36 -14.37
N GLN A 691 9.95 29.12 -13.74
CA GLN A 691 9.48 30.38 -14.28
C GLN A 691 10.18 31.58 -13.67
N ALA A 692 10.89 31.39 -12.59
CA ALA A 692 11.63 32.44 -11.91
C ALA A 692 12.99 32.54 -12.54
N HIS A 693 13.64 31.39 -12.66
CA HIS A 693 15.00 31.30 -13.08
C HIS A 693 15.12 31.09 -14.55
N ASN A 694 14.03 31.13 -15.27
CA ASN A 694 14.12 31.11 -16.71
C ASN A 694 14.72 29.77 -17.16
N LEU A 695 14.33 28.69 -16.49
CA LEU A 695 14.89 27.41 -16.86
C LEU A 695 14.14 26.92 -18.06
N CYS A 696 14.88 26.45 -19.01
CA CYS A 696 14.35 25.85 -20.18
C CYS A 696 15.52 25.13 -20.82
N PHE A 697 15.27 24.64 -22.00
CA PHE A 697 16.24 23.97 -22.85
C PHE A 697 16.95 25.00 -23.69
N SER A 698 16.19 26.03 -24.06
CA SER A 698 16.57 27.20 -24.80
C SER A 698 17.21 28.29 -23.96
N THR A 699 17.27 28.19 -22.64
CA THR A 699 18.12 29.09 -21.87
C THR A 699 19.47 28.48 -21.54
N LEU A 700 19.53 27.17 -21.38
CA LEU A 700 20.78 26.44 -21.17
C LEU A 700 21.81 26.85 -22.19
N SER A 701 23.06 26.87 -21.73
CA SER A 701 24.26 26.76 -22.54
C SER A 701 25.16 25.77 -21.84
N LEU A 702 26.21 25.31 -22.54
CA LEU A 702 27.18 24.40 -21.92
C LEU A 702 28.62 24.88 -21.98
N ARG A 703 28.95 25.90 -22.78
CA ARG A 703 30.26 26.52 -22.76
C ARG A 703 30.11 27.98 -22.43
N ALA A 704 31.00 28.52 -21.60
CA ALA A 704 30.89 29.93 -21.22
C ALA A 704 31.22 30.83 -22.38
N ASP A 705 31.79 30.27 -23.45
CA ASP A 705 31.82 30.96 -24.72
C ASP A 705 30.42 31.37 -25.13
N ALA A 706 29.42 30.56 -24.79
CA ALA A 706 28.07 30.92 -25.13
C ALA A 706 27.50 32.06 -24.29
N VAL A 707 28.14 32.39 -23.17
CA VAL A 707 27.80 33.58 -22.40
C VAL A 707 29.00 34.53 -22.35
N ALA A 708 29.84 34.51 -23.39
CA ALA A 708 30.98 35.41 -23.39
C ALA A 708 30.53 36.86 -23.47
N HIS A 709 29.44 37.13 -24.20
CA HIS A 709 28.97 38.49 -24.43
C HIS A 709 27.76 38.84 -23.57
N LEU A 710 27.65 38.24 -22.39
CA LEU A 710 26.55 38.53 -21.48
C LEU A 710 27.12 38.62 -20.07
N GLU A 711 26.91 39.74 -19.40
CA GLU A 711 27.55 39.88 -18.11
C GLU A 711 27.04 38.84 -17.13
N ALA A 712 27.87 38.54 -16.15
CA ALA A 712 27.49 37.73 -15.01
C ALA A 712 26.79 38.58 -13.96
N GLY A 713 25.94 37.92 -13.19
CA GLY A 713 25.28 38.54 -12.06
C GLY A 713 24.06 39.37 -12.41
N LYS A 714 24.00 39.95 -13.61
CA LYS A 714 22.77 40.51 -14.16
C LYS A 714 22.19 39.62 -15.23
N ASP A 715 22.98 39.27 -16.23
CA ASP A 715 22.43 38.69 -17.44
C ASP A 715 22.42 37.18 -17.42
N TYR A 716 23.01 36.54 -16.41
CA TYR A 716 22.92 35.08 -16.39
C TYR A 716 23.12 34.54 -14.99
N LEU A 717 23.26 33.23 -14.94
CA LEU A 717 23.36 32.42 -13.76
C LEU A 717 24.21 31.22 -14.16
N GLU A 718 25.35 31.02 -13.53
CA GLU A 718 26.18 29.86 -13.81
C GLU A 718 25.86 28.88 -12.71
N ILE A 719 25.17 27.80 -13.08
CA ILE A 719 24.83 26.75 -12.14
C ILE A 719 25.54 25.49 -12.61
N GLU A 720 26.05 24.74 -11.64
CA GLU A 720 26.88 23.56 -11.87
C GLU A 720 26.11 22.44 -11.20
N VAL A 721 25.44 21.63 -12.01
CA VAL A 721 24.39 20.75 -11.53
C VAL A 721 24.96 19.43 -11.01
N GLY A 722 25.97 18.93 -11.69
CA GLY A 722 26.77 17.77 -11.31
C GLY A 722 28.24 18.08 -11.52
N GLY A 723 28.54 19.27 -12.05
CA GLY A 723 29.85 19.71 -12.43
C GLY A 723 29.77 20.34 -13.81
N ARG A 724 28.64 20.16 -14.48
CA ARG A 724 28.52 20.52 -15.87
C ARG A 724 28.70 22.02 -16.13
N ARG A 725 28.51 22.87 -15.13
CA ARG A 725 28.69 24.31 -15.27
C ARG A 725 27.85 24.87 -16.42
N LEU A 726 26.54 24.71 -16.29
CA LEU A 726 25.48 25.24 -17.14
C LEU A 726 25.16 26.68 -16.80
N PHE A 727 24.63 27.39 -17.80
CA PHE A 727 24.53 28.84 -17.79
C PHE A 727 23.13 29.14 -18.29
N PHE A 728 22.21 29.38 -17.39
CA PHE A 728 20.88 29.80 -17.78
C PHE A 728 20.84 31.31 -17.72
N VAL A 729 20.79 31.91 -18.91
CA VAL A 729 20.64 33.34 -19.01
C VAL A 729 19.37 33.76 -18.32
N LYS A 730 19.32 35.01 -17.85
CA LYS A 730 18.10 35.60 -17.34
C LYS A 730 17.18 36.05 -18.48
N ALA A 731 16.04 36.60 -18.09
CA ALA A 731 14.89 36.76 -18.99
C ALA A 731 15.16 37.72 -20.13
N HIS A 732 15.81 38.85 -19.87
CA HIS A 732 15.81 39.93 -20.85
C HIS A 732 16.63 39.65 -22.10
N VAL A 733 17.22 38.47 -22.26
CA VAL A 733 17.87 38.04 -23.50
C VAL A 733 17.10 36.90 -24.15
N ARG A 734 16.61 35.98 -23.35
CA ARG A 734 15.80 34.91 -23.88
C ARG A 734 14.78 34.53 -22.83
N GLU A 735 13.53 34.53 -23.26
CA GLU A 735 12.44 34.04 -22.46
C GLU A 735 12.38 32.52 -22.50
N SER A 736 12.09 31.96 -21.36
CA SER A 736 12.01 30.52 -21.15
C SER A 736 10.69 30.00 -21.67
N LEU A 737 10.69 28.94 -22.46
CA LEU A 737 9.40 28.42 -22.86
C LEU A 737 8.63 27.96 -21.64
N LEU A 738 9.31 27.29 -20.74
CA LEU A 738 8.61 26.77 -19.59
C LEU A 738 8.11 27.89 -18.69
N SER A 739 8.84 29.00 -18.61
CA SER A 739 8.36 30.09 -17.78
C SER A 739 7.09 30.68 -18.34
N ILE A 740 7.08 30.99 -19.62
CA ILE A 740 5.89 31.56 -20.22
C ILE A 740 4.73 30.60 -20.10
N LEU A 741 4.96 29.30 -20.30
CA LEU A 741 3.90 28.30 -20.19
C LEU A 741 3.26 28.30 -18.80
N LEU A 742 4.08 28.09 -17.77
CA LEU A 742 3.58 28.10 -16.40
C LEU A 742 3.02 29.45 -16.02
N ARG A 743 3.55 30.53 -16.58
CA ARG A 743 3.08 31.85 -16.23
C ARG A 743 1.66 32.03 -16.70
N ASP A 744 1.42 31.74 -17.97
CA ASP A 744 0.09 31.87 -18.51
C ASP A 744 -0.89 31.02 -17.73
N TRP A 745 -0.53 29.78 -17.42
CA TRP A 745 -1.50 28.94 -16.72
C TRP A 745 -1.75 29.40 -15.29
N LEU A 746 -0.73 29.88 -14.61
CA LEU A 746 -0.91 30.31 -13.24
C LEU A 746 -1.74 31.57 -13.18
N ALA A 747 -1.66 32.40 -14.23
CA ALA A 747 -2.56 33.52 -14.34
C ALA A 747 -3.99 33.06 -14.56
N MET A 748 -4.22 32.04 -15.41
CA MET A 748 -5.60 31.60 -15.61
C MET A 748 -6.19 31.01 -14.33
N ARG A 749 -5.39 30.26 -13.59
CA ARG A 749 -5.89 29.70 -12.34
C ARG A 749 -6.22 30.79 -11.36
N LYS A 750 -5.37 31.81 -11.28
CA LYS A 750 -5.64 32.92 -10.38
C LYS A 750 -6.95 33.60 -10.75
N GLN A 751 -7.15 33.84 -12.04
CA GLN A 751 -8.37 34.54 -12.47
C GLN A 751 -9.61 33.73 -12.12
N ILE A 752 -9.57 32.44 -12.40
CA ILE A 752 -10.73 31.59 -12.16
C ILE A 752 -11.04 31.50 -10.67
N ARG A 753 -10.01 31.37 -9.83
CA ARG A 753 -10.26 31.34 -8.40
C ARG A 753 -10.71 32.69 -7.88
N SER A 754 -10.43 33.76 -8.63
CA SER A 754 -11.01 35.07 -8.41
C SER A 754 -12.34 35.24 -9.12
N ARG A 755 -12.92 34.16 -9.64
CA ARG A 755 -14.24 34.21 -10.26
C ARG A 755 -15.26 33.34 -9.56
N ILE A 756 -14.93 32.75 -8.41
CA ILE A 756 -15.80 31.71 -7.84
C ILE A 756 -17.04 32.33 -7.23
N PRO A 757 -16.94 33.32 -6.32
CA PRO A 757 -18.16 33.80 -5.67
C PRO A 757 -19.21 34.40 -6.58
N GLN A 758 -18.89 34.75 -7.83
CA GLN A 758 -19.83 35.43 -8.71
C GLN A 758 -20.37 34.49 -9.79
N SER A 759 -20.54 33.23 -9.44
CA SER A 759 -21.09 32.19 -10.30
C SER A 759 -22.17 31.44 -9.54
N SER A 760 -23.00 30.74 -10.26
CA SER A 760 -23.99 29.90 -9.62
C SER A 760 -23.35 28.60 -9.15
N PRO A 761 -23.91 27.96 -8.11
CA PRO A 761 -23.18 26.87 -7.43
C PRO A 761 -22.77 25.72 -8.34
N GLU A 762 -23.61 25.33 -9.30
CA GLU A 762 -23.19 24.31 -10.25
C GLU A 762 -22.03 24.77 -11.10
N GLU A 763 -21.84 26.08 -11.20
CA GLU A 763 -20.81 26.66 -12.05
C GLU A 763 -19.60 27.02 -11.24
N ALA A 764 -19.78 27.21 -9.95
CA ALA A 764 -18.64 27.18 -9.07
C ALA A 764 -18.02 25.80 -9.07
N VAL A 765 -18.84 24.75 -9.07
CA VAL A 765 -18.27 23.41 -9.21
C VAL A 765 -17.61 23.23 -10.58
N LEU A 766 -18.23 23.73 -11.65
CA LEU A 766 -17.61 23.58 -12.97
C LEU A 766 -16.27 24.31 -13.05
N LEU A 767 -16.20 25.52 -12.52
CA LEU A 767 -14.93 26.24 -12.50
C LEU A 767 -13.96 25.58 -11.55
N ASP A 768 -14.42 24.98 -10.46
CA ASP A 768 -13.53 24.19 -9.63
C ASP A 768 -12.88 23.08 -10.44
N LYS A 769 -13.63 22.45 -11.32
CA LYS A 769 -13.03 21.45 -12.21
C LYS A 769 -11.99 22.09 -13.11
N GLN A 770 -12.30 23.28 -13.63
CA GLN A 770 -11.36 23.98 -14.50
C GLN A 770 -10.06 24.32 -13.78
N GLN A 771 -10.14 24.84 -12.57
CA GLN A 771 -8.94 25.23 -11.86
C GLN A 771 -8.18 24.01 -11.42
N ALA A 772 -8.87 22.93 -11.10
CA ALA A 772 -8.18 21.70 -10.75
C ALA A 772 -7.37 21.19 -11.93
N ALA A 773 -7.91 21.30 -13.14
CA ALA A 773 -7.13 20.87 -14.30
C ALA A 773 -5.89 21.73 -14.49
N ILE A 774 -6.01 23.03 -14.30
CA ILE A 774 -4.80 23.87 -14.39
C ILE A 774 -3.78 23.45 -13.35
N LYS A 775 -4.21 23.19 -12.12
CA LYS A 775 -3.25 22.82 -11.10
C LYS A 775 -2.52 21.55 -11.47
N VAL A 776 -3.25 20.53 -11.91
CA VAL A 776 -2.63 19.25 -12.20
C VAL A 776 -1.64 19.42 -13.34
N VAL A 777 -2.06 20.05 -14.44
CA VAL A 777 -1.17 20.14 -15.59
C VAL A 777 0.01 21.02 -15.31
N CYS A 778 -0.05 21.92 -14.34
CA CYS A 778 1.09 22.79 -14.08
C CYS A 778 2.07 22.17 -13.11
N ASN A 779 1.64 21.27 -12.26
CA ASN A 779 2.60 20.57 -11.42
C ASN A 779 3.29 19.44 -12.15
N SER A 780 2.73 18.97 -13.26
CA SER A 780 3.33 17.95 -14.10
C SER A 780 4.67 18.33 -14.72
N VAL A 781 4.93 19.62 -14.99
CA VAL A 781 6.02 19.98 -15.90
C VAL A 781 7.39 19.56 -15.39
N TYR A 782 7.61 19.58 -14.07
CA TYR A 782 8.92 19.14 -13.62
C TYR A 782 9.14 17.67 -13.93
N GLY A 783 8.06 16.90 -13.83
CA GLY A 783 8.17 15.50 -14.16
C GLY A 783 8.40 15.36 -15.64
N PHE A 784 7.74 16.19 -16.42
CA PHE A 784 7.90 16.18 -17.86
C PHE A 784 9.38 16.24 -18.24
N THR A 785 10.10 17.24 -17.75
CA THR A 785 11.49 17.32 -18.16
C THR A 785 12.29 16.18 -17.53
N GLY A 786 12.22 16.06 -16.21
CA GLY A 786 13.16 15.20 -15.51
C GLY A 786 13.11 13.74 -15.88
N VAL A 787 11.91 13.17 -16.00
CA VAL A 787 11.78 11.74 -16.28
C VAL A 787 12.59 11.39 -17.52
N GLN A 788 13.51 10.45 -17.32
CA GLN A 788 14.50 10.08 -18.32
C GLN A 788 13.88 9.39 -19.53
N HIS A 789 14.39 9.74 -20.70
CA HIS A 789 14.23 8.88 -21.87
C HIS A 789 12.79 8.80 -22.31
N GLY A 790 12.11 9.94 -22.28
CA GLY A 790 10.75 10.06 -22.74
C GLY A 790 10.64 11.15 -23.79
N LEU A 791 9.59 11.95 -23.69
CA LEU A 791 9.31 13.01 -24.65
C LEU A 791 10.00 14.27 -24.15
N LEU A 792 10.89 14.82 -24.96
CA LEU A 792 11.73 15.97 -24.62
C LEU A 792 12.25 15.96 -23.19
N PRO A 793 12.99 14.94 -22.80
CA PRO A 793 13.69 15.03 -21.53
C PRO A 793 14.87 15.95 -21.69
N CYS A 794 15.07 16.80 -20.71
CA CYS A 794 16.30 17.56 -20.67
C CYS A 794 16.68 17.49 -19.20
N LEU A 795 17.51 16.49 -18.92
CA LEU A 795 17.94 16.25 -17.55
C LEU A 795 18.74 17.40 -17.02
N HIS A 796 19.31 18.24 -17.86
CA HIS A 796 20.01 19.41 -17.35
C HIS A 796 19.06 20.38 -16.66
N VAL A 797 17.89 20.60 -17.25
CA VAL A 797 16.93 21.51 -16.67
C VAL A 797 16.30 20.91 -15.44
N ALA A 798 15.98 19.64 -15.49
CA ALA A 798 15.45 18.98 -14.33
C ALA A 798 16.48 18.94 -13.24
N ALA A 799 17.72 18.70 -13.62
CA ALA A 799 18.78 18.71 -12.64
C ALA A 799 18.90 20.07 -12.02
N THR A 800 18.87 21.13 -12.82
CA THR A 800 18.86 22.47 -12.24
C THR A 800 17.61 22.70 -11.41
N VAL A 801 16.45 22.24 -11.88
CA VAL A 801 15.22 22.51 -11.15
C VAL A 801 15.30 21.89 -9.79
N THR A 802 15.80 20.67 -9.72
CA THR A 802 16.00 20.03 -8.44
C THR A 802 17.14 20.67 -7.68
N THR A 803 18.21 21.06 -8.39
CA THR A 803 19.35 21.70 -7.76
C THR A 803 18.98 23.03 -7.14
N ILE A 804 18.32 23.89 -7.91
CA ILE A 804 17.86 25.15 -7.36
C ILE A 804 16.84 24.87 -6.30
N GLY A 805 16.06 23.80 -6.44
CA GLY A 805 15.10 23.46 -5.41
C GLY A 805 15.81 23.23 -4.11
N ARG A 806 16.87 22.45 -4.15
CA ARG A 806 17.66 22.22 -2.95
C ARG A 806 18.32 23.50 -2.51
N GLU A 807 18.80 24.32 -3.44
CA GLU A 807 19.50 25.52 -3.00
C GLU A 807 18.58 26.63 -2.51
N MET A 808 17.34 26.74 -2.98
CA MET A 808 16.38 27.62 -2.32
C MET A 808 15.87 27.04 -1.04
N LEU A 809 15.72 25.73 -0.98
CA LEU A 809 15.37 25.18 0.30
C LEU A 809 16.46 25.49 1.29
N LEU A 810 17.72 25.33 0.89
CA LEU A 810 18.85 25.76 1.71
C LEU A 810 18.95 27.28 1.86
N ALA A 811 18.63 28.05 0.83
CA ALA A 811 18.64 29.50 0.97
C ALA A 811 17.59 29.95 1.95
N THR A 812 16.45 29.28 1.94
CA THR A 812 15.41 29.54 2.90
C THR A 812 15.88 29.11 4.26
N ARG A 813 16.56 27.99 4.33
CA ARG A 813 17.03 27.50 5.60
C ARG A 813 18.04 28.45 6.17
N GLU A 814 19.01 28.88 5.36
CA GLU A 814 20.00 29.83 5.82
C GLU A 814 19.39 31.17 6.14
N TYR A 815 18.52 31.69 5.28
CA TYR A 815 17.91 32.98 5.55
C TYR A 815 17.11 32.98 6.83
N VAL A 816 16.33 31.93 7.02
CA VAL A 816 15.52 31.79 8.21
C VAL A 816 16.43 31.77 9.42
N HIS A 817 17.45 30.92 9.38
CA HIS A 817 18.46 30.97 10.42
C HIS A 817 19.13 32.34 10.54
N ALA A 818 19.24 33.10 9.45
CA ALA A 818 20.02 34.33 9.46
C ALA A 818 19.29 35.55 10.01
N ARG A 819 18.17 35.92 9.40
CA ARG A 819 17.44 37.10 9.87
C ARG A 819 16.70 36.79 11.14
N TRP A 820 15.84 35.78 11.08
CA TRP A 820 14.84 35.53 12.10
C TRP A 820 15.26 34.46 13.08
N ALA A 821 16.54 34.30 13.35
CA ALA A 821 16.92 33.40 14.42
C ALA A 821 17.03 34.12 15.74
N ALA A 822 16.65 35.39 15.77
CA ALA A 822 16.55 36.18 16.97
C ALA A 822 15.16 36.78 16.93
N PHE A 823 14.35 36.50 17.94
CA PHE A 823 12.95 36.90 17.87
C PHE A 823 12.80 38.38 17.62
N GLU A 824 13.67 39.18 18.23
CA GLU A 824 13.49 40.62 18.12
C GLU A 824 13.66 41.10 16.69
N GLN A 825 14.51 40.44 15.91
CA GLN A 825 14.57 40.82 14.51
C GLN A 825 13.30 40.43 13.78
N LEU A 826 12.70 39.31 14.14
CA LEU A 826 11.38 38.99 13.64
C LEU A 826 10.36 40.08 13.98
N LEU A 827 10.39 40.56 15.21
CA LEU A 827 9.36 41.50 15.66
C LEU A 827 9.59 42.87 15.08
N ALA A 828 10.84 43.20 14.80
CA ALA A 828 11.17 44.39 14.03
C ALA A 828 10.81 44.25 12.55
N ASP A 829 10.66 43.04 12.04
CA ASP A 829 10.18 42.84 10.67
C ASP A 829 8.67 42.65 10.58
N PHE A 830 8.07 41.93 11.52
CA PHE A 830 6.64 41.65 11.55
C PHE A 830 6.12 42.05 12.92
N PRO A 831 5.51 43.25 13.06
CA PRO A 831 5.19 43.73 14.41
C PRO A 831 4.23 42.83 15.15
N GLU A 832 3.32 42.19 14.41
CA GLU A 832 2.31 41.33 15.01
C GLU A 832 2.88 40.16 15.82
N ALA A 833 4.18 39.87 15.73
CA ALA A 833 4.76 38.86 16.60
C ALA A 833 4.81 39.25 18.06
N ALA A 834 4.48 40.49 18.45
CA ALA A 834 4.57 40.83 19.86
C ALA A 834 3.71 39.91 20.71
N ASP A 835 2.42 39.82 20.39
CA ASP A 835 1.49 38.93 21.06
C ASP A 835 1.71 37.45 20.77
N MET A 836 2.52 37.09 19.78
CA MET A 836 2.70 35.70 19.39
C MET A 836 3.88 35.04 20.08
N ARG A 837 4.31 35.58 21.21
CA ARG A 837 5.39 35.02 21.98
C ARG A 837 4.86 33.97 22.96
N ALA A 838 5.67 32.95 23.17
CA ALA A 838 5.40 31.83 24.07
C ALA A 838 6.35 31.90 25.26
N PRO A 839 6.05 31.19 26.35
CA PRO A 839 6.88 31.33 27.57
C PRO A 839 8.37 31.02 27.37
N GLY A 840 8.67 29.89 26.75
CA GLY A 840 10.00 29.35 26.63
C GLY A 840 10.97 30.17 25.79
N PRO A 841 12.11 29.56 25.48
CA PRO A 841 13.01 30.11 24.46
C PRO A 841 12.52 29.89 23.03
N TYR A 842 13.14 30.66 22.13
CA TYR A 842 12.65 30.92 20.78
C TYR A 842 13.57 30.34 19.72
N SER A 843 13.00 29.80 18.64
CA SER A 843 13.81 29.49 17.48
C SER A 843 12.93 29.20 16.30
N MET A 844 13.36 29.67 15.14
CA MET A 844 12.87 29.21 13.86
C MET A 844 13.99 28.42 13.25
N ARG A 845 13.72 27.16 12.96
CA ARG A 845 14.75 26.23 12.61
C ARG A 845 14.07 25.20 11.75
N ILE A 846 14.56 24.97 10.56
CA ILE A 846 13.90 23.98 9.78
C ILE A 846 14.20 22.64 10.44
N ILE A 847 13.25 21.72 10.33
CA ILE A 847 13.38 20.39 10.92
C ILE A 847 13.14 19.30 9.91
N TYR A 848 12.52 19.62 8.79
CA TYR A 848 12.27 18.67 7.74
C TYR A 848 12.28 19.47 6.49
N GLY A 849 12.56 18.84 5.39
CA GLY A 849 12.42 19.52 4.14
C GLY A 849 12.35 18.55 3.01
N ASP A 850 11.45 18.71 2.07
CA ASP A 850 11.46 17.78 0.97
C ASP A 850 10.71 18.41 -0.17
N THR A 851 11.29 18.34 -1.36
CA THR A 851 10.69 18.91 -2.55
C THR A 851 10.26 20.33 -2.20
N ASP A 852 8.95 20.61 -2.19
CA ASP A 852 8.47 21.96 -2.04
C ASP A 852 8.14 22.33 -0.63
N SER A 853 8.63 21.63 0.36
CA SER A 853 8.14 21.77 1.73
C SER A 853 9.30 21.88 2.68
N ILE A 854 9.33 22.93 3.49
CA ILE A 854 10.16 22.97 4.68
C ILE A 854 9.24 23.17 5.86
N PHE A 855 9.56 22.54 6.94
CA PHE A 855 8.71 22.55 8.10
C PHE A 855 9.52 23.34 9.10
N VAL A 856 9.25 24.58 9.22
CA VAL A 856 9.95 25.35 10.21
C VAL A 856 9.33 25.02 11.54
N LEU A 857 10.12 25.00 12.58
CA LEU A 857 9.66 24.52 13.87
C LEU A 857 9.74 25.77 14.68
N CYS A 858 8.67 26.53 14.68
CA CYS A 858 8.72 27.81 15.33
C CYS A 858 8.61 27.55 16.83
N ARG A 859 9.72 27.13 17.40
CA ARG A 859 9.77 27.00 18.83
C ARG A 859 9.68 28.39 19.42
N GLY A 860 8.75 28.58 20.34
CA GLY A 860 8.67 29.80 21.10
C GLY A 860 7.71 30.78 20.51
N LEU A 861 6.74 30.32 19.74
CA LEU A 861 5.65 31.09 19.20
C LEU A 861 4.37 30.34 19.53
N THR A 862 3.24 31.01 19.39
CA THR A 862 1.99 30.29 19.54
C THR A 862 1.49 29.84 18.19
N ALA A 863 0.64 28.84 18.20
CA ALA A 863 0.06 28.37 16.96
C ALA A 863 -1.00 29.33 16.48
N ALA A 864 -1.71 29.95 17.41
CA ALA A 864 -3.02 30.53 17.09
C ALA A 864 -2.94 31.59 16.01
N GLY A 865 -2.21 32.66 16.23
CA GLY A 865 -2.12 33.61 15.15
C GLY A 865 -1.10 33.25 14.09
N LEU A 866 -0.67 32.01 14.01
CA LEU A 866 0.62 31.79 13.39
C LEU A 866 0.50 31.84 11.89
N THR A 867 -0.43 31.10 11.30
CA THR A 867 -0.53 31.02 9.86
C THR A 867 -0.79 32.40 9.22
N ALA A 868 -1.46 33.29 9.95
CA ALA A 868 -1.52 34.69 9.53
C ALA A 868 -0.14 35.33 9.45
N MET A 869 0.79 34.92 10.33
CA MET A 869 2.16 35.43 10.26
C MET A 869 3.04 34.60 9.37
N GLY A 870 2.74 33.33 9.25
CA GLY A 870 3.44 32.51 8.30
C GLY A 870 3.22 33.01 6.90
N ASP A 871 2.02 33.45 6.59
CA ASP A 871 1.80 33.93 5.24
C ASP A 871 2.59 35.20 4.98
N LYS A 872 2.79 36.03 5.99
CA LYS A 872 3.63 37.18 5.77
C LYS A 872 5.11 36.80 5.77
N MET A 873 5.51 35.80 6.54
CA MET A 873 6.87 35.27 6.42
C MET A 873 7.14 34.72 5.03
N ALA A 874 6.22 33.92 4.53
CA ALA A 874 6.34 33.39 3.19
C ALA A 874 6.44 34.49 2.17
N SER A 875 5.63 35.54 2.32
CA SER A 875 5.73 36.66 1.38
C SER A 875 7.09 37.33 1.49
N HIS A 876 7.55 37.56 2.71
CA HIS A 876 8.76 38.32 2.90
C HIS A 876 9.93 37.57 2.32
N ILE A 877 10.02 36.28 2.59
CA ILE A 877 11.06 35.48 1.97
C ILE A 877 10.92 35.54 0.46
N SER A 878 9.77 35.12 -0.06
CA SER A 878 9.58 35.01 -1.49
C SER A 878 9.93 36.25 -2.27
N ARG A 879 9.83 37.43 -1.66
CA ARG A 879 10.29 38.62 -2.33
C ARG A 879 11.68 39.07 -1.90
N ALA A 880 12.18 38.60 -0.76
CA ALA A 880 13.45 39.13 -0.29
C ALA A 880 14.63 38.40 -0.88
N LEU A 881 14.51 37.08 -1.02
CA LEU A 881 15.49 36.28 -1.72
C LEU A 881 15.07 35.95 -3.14
N PHE A 882 13.92 35.35 -3.27
CA PHE A 882 13.60 34.65 -4.48
C PHE A 882 13.06 35.59 -5.54
N LEU A 883 13.02 35.10 -6.73
CA LEU A 883 12.61 35.89 -7.87
C LEU A 883 11.10 35.91 -7.92
N PRO A 884 10.49 36.84 -8.66
CA PRO A 884 9.09 37.20 -8.41
C PRO A 884 8.12 36.04 -8.57
N PRO A 885 8.19 35.21 -9.61
CA PRO A 885 7.22 34.11 -9.72
C PRO A 885 7.25 33.12 -8.57
N ILE A 886 8.20 33.19 -7.66
CA ILE A 886 8.27 32.26 -6.54
C ILE A 886 7.45 32.83 -5.42
N LYS A 887 6.75 31.93 -4.75
CA LYS A 887 5.99 32.29 -3.58
C LYS A 887 6.10 31.13 -2.62
N LEU A 888 6.52 31.43 -1.42
CA LEU A 888 6.31 30.59 -0.27
C LEU A 888 4.88 30.73 0.21
N GLU A 889 4.41 29.74 0.96
CA GLU A 889 3.04 29.74 1.45
C GLU A 889 3.03 29.03 2.78
N CYS A 890 2.65 29.72 3.84
CA CYS A 890 2.36 29.07 5.11
C CYS A 890 1.00 28.40 5.06
N GLU A 891 0.94 27.23 4.43
CA GLU A 891 -0.34 26.53 4.42
C GLU A 891 -0.81 26.11 5.82
N LYS A 892 0.04 25.39 6.56
CA LYS A 892 -0.37 24.77 7.82
C LYS A 892 0.41 25.28 9.01
N THR A 893 -0.04 24.84 10.16
CA THR A 893 0.70 25.02 11.39
C THR A 893 0.40 23.79 12.24
N PHE A 894 1.27 22.82 12.19
CA PHE A 894 1.00 21.58 12.87
C PHE A 894 1.15 21.85 14.33
N THR A 895 0.08 21.74 15.10
CA THR A 895 0.26 21.99 16.51
C THR A 895 0.99 20.85 17.19
N LYS A 896 0.99 19.67 16.60
CA LYS A 896 1.79 18.57 17.07
C LYS A 896 2.31 17.83 15.86
N LEU A 897 3.47 17.21 15.99
CA LEU A 897 4.01 16.50 14.85
C LEU A 897 5.01 15.47 15.33
N LEU A 898 5.23 14.50 14.46
CA LEU A 898 5.97 13.29 14.76
C LEU A 898 6.61 12.99 13.44
N LEU A 899 7.85 13.40 13.29
CA LEU A 899 8.56 13.20 12.04
C LEU A 899 9.02 11.77 12.03
N ILE A 900 8.33 10.92 11.27
CA ILE A 900 8.68 9.51 11.27
C ILE A 900 9.90 9.27 10.40
N ALA A 901 9.82 9.65 9.13
CA ALA A 901 10.84 9.28 8.16
C ALA A 901 10.97 10.40 7.14
N LYS A 902 11.73 10.13 6.08
CA LYS A 902 11.95 11.12 5.04
C LYS A 902 10.68 11.48 4.30
N LYS A 903 9.63 10.66 4.40
CA LYS A 903 8.35 11.01 3.80
C LYS A 903 7.20 10.70 4.73
N LYS A 904 7.47 10.37 5.99
CA LYS A 904 6.47 9.87 6.92
C LYS A 904 6.34 10.81 8.10
N TYR A 905 5.11 11.14 8.48
CA TYR A 905 4.92 11.89 9.72
C TYR A 905 3.44 11.93 10.02
N ILE A 906 3.13 12.19 11.28
CA ILE A 906 1.76 12.26 11.76
C ILE A 906 1.64 13.60 12.49
N GLY A 907 1.13 14.63 11.82
CA GLY A 907 0.80 15.88 12.46
C GLY A 907 -0.66 16.06 12.85
N VAL A 908 -0.92 17.18 13.54
CA VAL A 908 -2.27 17.62 13.91
C VAL A 908 -2.41 19.11 13.66
N ILE A 909 -3.07 19.46 12.56
CA ILE A 909 -3.16 20.84 12.12
C ILE A 909 -3.88 21.66 13.19
N TYR A 910 -3.66 22.98 13.16
CA TYR A 910 -4.13 23.85 14.24
C TYR A 910 -5.62 23.69 14.53
N GLY A 911 -6.46 23.94 13.53
CA GLY A 911 -7.90 23.81 13.73
C GLY A 911 -8.35 22.44 14.20
N GLY A 912 -7.48 21.45 14.15
CA GLY A 912 -7.66 20.12 14.71
C GLY A 912 -8.00 19.21 13.56
N LYS A 913 -7.02 18.43 13.14
CA LYS A 913 -7.25 17.43 12.12
C LYS A 913 -6.02 16.55 12.14
N MET A 914 -6.19 15.26 12.05
CA MET A 914 -5.05 14.35 12.16
C MET A 914 -4.56 14.16 10.74
N LEU A 915 -3.57 14.96 10.35
CA LEU A 915 -2.87 14.72 9.10
C LEU A 915 -1.86 13.60 9.30
N ILE A 916 -1.95 12.58 8.46
CA ILE A 916 -1.06 11.43 8.48
C ILE A 916 -0.49 11.33 7.08
N LYS A 917 0.81 11.53 6.95
CA LYS A 917 1.49 11.53 5.67
C LYS A 917 2.25 10.22 5.66
N GLY A 918 1.57 9.22 5.12
CA GLY A 918 2.11 7.99 4.57
C GLY A 918 2.75 7.08 5.58
N VAL A 919 2.08 6.81 6.69
CA VAL A 919 2.39 5.64 7.48
C VAL A 919 1.15 4.79 7.70
N ASP A 920 0.16 4.90 6.80
CA ASP A 920 -0.86 3.86 6.51
C ASP A 920 -1.36 3.17 7.77
N LEU A 921 -1.77 3.97 8.75
CA LEU A 921 -2.05 3.50 10.11
C LEU A 921 -2.90 2.24 10.20
N VAL A 922 -3.83 2.03 9.27
CA VAL A 922 -4.59 0.79 9.21
C VAL A 922 -3.92 -0.16 8.24
N ARG A 923 -3.67 -1.38 8.71
CA ARG A 923 -3.04 -2.45 7.94
C ARG A 923 -4.05 -3.58 7.71
N LYS A 924 -4.57 -3.69 6.48
CA LYS A 924 -5.56 -4.74 6.21
C LYS A 924 -4.99 -6.15 6.29
N ASN A 925 -3.68 -6.29 6.32
CA ASN A 925 -3.02 -7.57 6.57
C ASN A 925 -2.89 -7.83 8.05
N ASN A 926 -3.16 -6.83 8.86
CA ASN A 926 -3.39 -6.98 10.28
C ASN A 926 -4.90 -7.01 10.46
N CYS A 927 -5.35 -7.58 11.55
CA CYS A 927 -6.76 -7.78 11.67
C CYS A 927 -7.45 -6.50 12.12
N ALA A 928 -8.75 -6.58 12.36
CA ALA A 928 -9.48 -5.40 12.79
C ALA A 928 -9.06 -4.95 14.18
N PHE A 929 -8.90 -5.89 15.10
CA PHE A 929 -8.42 -5.58 16.43
C PHE A 929 -7.14 -4.78 16.38
N ILE A 930 -6.16 -5.24 15.62
CA ILE A 930 -4.84 -4.60 15.62
C ILE A 930 -4.95 -3.18 15.06
N ASN A 931 -5.64 -3.02 13.94
CA ASN A 931 -5.73 -1.67 13.38
C ASN A 931 -6.49 -0.75 14.32
N ARG A 932 -7.50 -1.26 15.00
CA ARG A 932 -8.28 -0.37 15.84
C ARG A 932 -7.51 0.01 17.09
N THR A 933 -6.78 -0.94 17.67
CA THR A 933 -6.00 -0.57 18.85
C THR A 933 -4.76 0.23 18.51
N SER A 934 -4.18 0.04 17.33
CA SER A 934 -3.01 0.83 17.00
C SER A 934 -3.40 2.27 16.69
N ARG A 935 -4.50 2.46 15.96
CA ARG A 935 -4.96 3.81 15.69
C ARG A 935 -5.50 4.46 16.94
N ALA A 936 -6.04 3.69 17.87
CA ALA A 936 -6.37 4.26 19.18
C ALA A 936 -5.10 4.70 19.87
N LEU A 937 -4.05 3.93 19.70
CA LEU A 937 -2.77 4.26 20.29
C LEU A 937 -2.24 5.58 19.75
N VAL A 938 -2.28 5.76 18.44
CA VAL A 938 -1.78 7.00 17.85
C VAL A 938 -2.61 8.17 18.32
N ASP A 939 -3.93 8.02 18.30
CA ASP A 939 -4.72 9.16 18.67
C ASP A 939 -4.65 9.42 20.15
N LEU A 940 -4.14 8.48 20.91
CA LEU A 940 -3.78 8.81 22.27
C LEU A 940 -2.53 9.68 22.30
N LEU A 941 -1.51 9.28 21.54
CA LEU A 941 -0.29 10.05 21.54
C LEU A 941 -0.54 11.50 21.13
N PHE A 942 -1.52 11.71 20.24
CA PHE A 942 -1.76 13.06 19.73
C PHE A 942 -2.83 13.83 20.48
N TYR A 943 -4.02 13.28 20.53
CA TYR A 943 -5.14 14.03 21.02
C TYR A 943 -5.03 14.23 22.51
N ASP A 944 -4.58 13.23 23.21
CA ASP A 944 -4.37 13.43 24.63
C ASP A 944 -3.15 14.31 24.78
N ASP A 945 -3.33 15.52 25.29
CA ASP A 945 -2.22 16.22 25.89
C ASP A 945 -2.01 15.64 27.28
N THR A 946 -0.81 15.82 27.80
CA THR A 946 -0.22 15.16 28.98
C THR A 946 0.19 13.74 28.66
N VAL A 947 -0.07 13.26 27.45
CA VAL A 947 0.62 12.14 26.88
C VAL A 947 1.59 12.64 25.83
N SER A 948 1.07 13.49 24.95
CA SER A 948 1.84 14.02 23.82
C SER A 948 3.05 14.80 24.28
N GLY A 949 2.95 15.53 25.38
CA GLY A 949 4.12 16.22 25.88
C GLY A 949 5.16 15.26 26.40
N ALA A 950 4.76 14.05 26.78
CA ALA A 950 5.70 13.08 27.27
C ALA A 950 6.36 12.39 26.09
N ALA A 951 5.60 12.10 25.04
CA ALA A 951 6.22 11.66 23.80
C ALA A 951 7.10 12.74 23.20
N ALA A 952 6.92 13.99 23.60
CA ALA A 952 7.85 15.05 23.23
C ALA A 952 9.14 14.90 24.01
N ALA A 953 9.04 14.79 25.34
CA ALA A 953 10.22 14.62 26.17
C ALA A 953 11.01 13.38 25.80
N LEU A 954 10.37 12.43 25.12
CA LEU A 954 11.07 11.25 24.61
C LEU A 954 12.20 11.56 23.64
N ALA A 955 12.27 12.76 23.06
CA ALA A 955 13.31 13.04 22.08
C ALA A 955 14.36 14.00 22.60
N GLU A 956 14.46 14.17 23.93
CA GLU A 956 15.58 14.86 24.55
C GLU A 956 16.53 13.91 25.26
N ARG A 957 16.61 12.66 24.81
CA ARG A 957 17.68 11.74 25.18
C ARG A 957 18.02 10.92 23.95
N PRO A 958 19.18 10.26 23.95
CA PRO A 958 19.42 9.25 22.93
C PRO A 958 18.56 8.03 23.20
N ALA A 959 17.99 7.46 22.12
CA ALA A 959 17.00 6.38 22.23
C ALA A 959 17.40 5.31 23.23
N GLU A 960 18.65 4.86 23.16
CA GLU A 960 19.14 3.83 24.07
C GLU A 960 19.04 4.26 25.52
N GLU A 961 19.16 5.54 25.82
CA GLU A 961 19.09 5.94 27.22
C GLU A 961 17.70 5.76 27.78
N TRP A 962 16.69 5.58 26.93
CA TRP A 962 15.35 5.30 27.41
C TRP A 962 15.16 3.84 27.78
N LEU A 963 16.20 3.01 27.67
CA LEU A 963 16.09 1.64 28.16
C LEU A 963 16.31 1.58 29.65
N ALA A 964 17.10 2.48 30.18
CA ALA A 964 17.52 2.47 31.57
C ALA A 964 16.81 3.57 32.36
N ARG A 965 16.27 4.56 31.67
CA ARG A 965 15.52 5.63 32.27
C ARG A 965 14.05 5.33 32.03
N PRO A 966 13.18 5.20 33.03
CA PRO A 966 11.77 5.01 32.73
C PRO A 966 11.25 6.13 31.85
N LEU A 967 10.28 5.80 31.02
CA LEU A 967 9.65 6.78 30.17
C LEU A 967 9.06 7.91 31.01
N PRO A 968 8.76 9.06 30.40
CA PRO A 968 8.13 10.14 31.14
C PRO A 968 6.71 9.76 31.44
N GLU A 969 6.21 10.22 32.59
CA GLU A 969 5.03 9.60 33.15
C GLU A 969 3.81 9.84 32.28
N GLY A 970 3.81 10.90 31.50
CA GLY A 970 2.66 11.17 30.68
C GLY A 970 2.27 10.05 29.75
N LEU A 971 3.21 9.20 29.38
CA LEU A 971 2.87 8.10 28.51
C LEU A 971 2.12 6.95 29.19
N GLN A 972 1.80 7.05 30.49
CA GLN A 972 1.12 5.94 31.17
C GLN A 972 -0.13 5.48 30.41
N ALA A 973 -1.03 6.41 30.08
CA ALA A 973 -2.24 6.03 29.38
C ALA A 973 -1.98 5.49 27.98
N PHE A 974 -0.75 5.58 27.51
CA PHE A 974 -0.34 4.89 26.30
C PHE A 974 -0.24 3.40 26.56
N GLY A 975 0.56 3.01 27.53
CA GLY A 975 0.65 1.60 27.81
C GLY A 975 -0.67 1.02 28.23
N ALA A 976 -1.50 1.82 28.89
CA ALA A 976 -2.80 1.34 29.28
C ALA A 976 -3.71 1.03 28.10
N VAL A 977 -3.28 1.30 26.87
CA VAL A 977 -3.99 0.81 25.70
C VAL A 977 -3.45 -0.54 25.29
N LEU A 978 -2.13 -0.66 25.15
CA LEU A 978 -1.56 -1.95 24.80
C LEU A 978 -1.94 -3.04 25.80
N VAL A 979 -1.81 -2.77 27.10
CA VAL A 979 -2.23 -3.74 28.11
C VAL A 979 -3.68 -4.13 27.99
N ASP A 980 -4.48 -3.34 27.27
CA ASP A 980 -5.83 -3.71 26.93
C ASP A 980 -5.84 -4.58 25.69
N ALA A 981 -5.24 -4.11 24.60
CA ALA A 981 -5.16 -4.89 23.38
C ALA A 981 -4.43 -6.22 23.57
N HIS A 982 -3.74 -6.42 24.68
CA HIS A 982 -3.30 -7.76 25.06
C HIS A 982 -4.41 -8.48 25.79
N ARG A 983 -4.89 -7.87 26.87
CA ARG A 983 -5.96 -8.43 27.68
C ARG A 983 -7.14 -8.80 26.80
N ARG A 984 -7.45 -7.98 25.80
CA ARG A 984 -8.62 -8.21 24.98
C ARG A 984 -8.54 -9.54 24.23
N ILE A 985 -7.34 -9.98 23.87
CA ILE A 985 -7.22 -11.22 23.10
C ILE A 985 -7.19 -12.44 24.02
N THR A 986 -6.78 -12.29 25.27
CA THR A 986 -6.78 -13.36 26.26
C THR A 986 -7.96 -13.31 27.23
N ASP A 987 -8.97 -12.48 26.98
CA ASP A 987 -10.10 -12.37 27.89
C ASP A 987 -11.11 -13.46 27.58
N PRO A 988 -12.13 -13.65 28.43
CA PRO A 988 -12.97 -14.86 28.26
C PRO A 988 -13.75 -14.93 26.97
N GLU A 989 -14.13 -13.78 26.39
CA GLU A 989 -15.07 -13.77 25.27
C GLU A 989 -14.56 -14.52 24.05
N ARG A 990 -13.24 -14.75 23.96
CA ARG A 990 -12.54 -15.70 23.08
C ARG A 990 -12.76 -15.42 21.60
N ASP A 991 -13.35 -14.29 21.24
CA ASP A 991 -13.30 -13.71 19.90
C ASP A 991 -14.02 -12.37 19.99
N ILE A 992 -13.84 -11.57 18.95
CA ILE A 992 -14.90 -10.79 18.33
C ILE A 992 -14.62 -10.95 16.85
N GLN A 993 -15.49 -11.67 16.15
CA GLN A 993 -15.11 -12.60 15.07
C GLN A 993 -14.01 -12.06 14.19
N ASP A 994 -14.12 -10.81 13.77
CA ASP A 994 -13.19 -10.26 12.80
C ASP A 994 -11.85 -9.98 13.50
N PHE A 995 -10.98 -10.99 13.37
CA PHE A 995 -9.56 -11.08 13.71
C PHE A 995 -8.90 -11.58 12.44
N VAL A 996 -9.58 -11.24 11.34
CA VAL A 996 -9.60 -12.00 10.09
C VAL A 996 -8.20 -12.38 9.63
N LEU A 997 -7.30 -11.41 9.53
CA LEU A 997 -6.02 -11.61 8.86
C LEU A 997 -6.23 -12.17 7.46
N THR A 998 -6.95 -11.42 6.62
CA THR A 998 -7.30 -11.95 5.32
C THR A 998 -6.04 -12.34 4.53
N ALA A 999 -6.23 -13.22 3.54
CA ALA A 999 -5.11 -13.93 2.93
C ALA A 999 -4.62 -13.35 1.62
N GLU A 1000 -5.45 -12.64 0.86
CA GLU A 1000 -5.06 -12.09 -0.45
C GLU A 1000 -4.45 -13.18 -1.35
N LEU A 1001 -5.24 -14.22 -1.58
CA LEU A 1001 -4.77 -15.59 -1.77
C LEU A 1001 -4.17 -15.73 -3.17
N SER A 1002 -2.93 -15.25 -3.28
CA SER A 1002 -2.16 -15.08 -4.51
C SER A 1002 -2.33 -16.26 -5.46
N ARG A 1003 -2.53 -15.93 -6.74
CA ARG A 1003 -3.63 -16.38 -7.57
C ARG A 1003 -3.99 -17.85 -7.45
N HIS A 1004 -3.05 -18.77 -7.69
CA HIS A 1004 -3.41 -20.16 -7.97
C HIS A 1004 -2.95 -21.08 -6.85
N PRO A 1005 -3.83 -21.50 -5.93
CA PRO A 1005 -3.48 -22.54 -4.97
C PRO A 1005 -3.02 -23.82 -5.62
N ARG A 1006 -2.26 -24.58 -4.84
CA ARG A 1006 -1.47 -25.77 -5.13
C ARG A 1006 -0.18 -25.44 -5.89
N ALA A 1007 0.07 -24.19 -6.26
CA ALA A 1007 1.36 -23.74 -6.77
C ALA A 1007 1.98 -22.64 -5.91
N TYR A 1008 1.83 -22.70 -4.60
CA TYR A 1008 2.53 -21.77 -3.71
C TYR A 1008 3.88 -22.35 -3.33
N THR A 1009 4.92 -21.90 -4.04
CA THR A 1009 6.29 -22.39 -3.97
C THR A 1009 6.76 -22.65 -2.54
N ASN A 1010 6.45 -21.74 -1.61
CA ASN A 1010 6.96 -21.89 -0.24
C ASN A 1010 6.11 -22.84 0.59
N LYS A 1011 4.82 -23.00 0.25
CA LYS A 1011 3.94 -23.89 0.98
C LYS A 1011 3.83 -23.36 2.40
N ARG A 1012 3.34 -24.21 3.31
CA ARG A 1012 3.39 -24.00 4.77
C ARG A 1012 2.91 -22.61 5.16
N LEU A 1013 2.00 -22.04 4.39
CA LEU A 1013 1.40 -20.77 4.74
C LEU A 1013 0.20 -21.00 5.65
N ALA A 1014 -0.12 -19.97 6.45
CA ALA A 1014 -1.29 -20.04 7.31
C ALA A 1014 -2.57 -20.24 6.51
N HIS A 1015 -2.79 -19.37 5.53
CA HIS A 1015 -3.98 -19.50 4.72
C HIS A 1015 -4.01 -20.82 3.95
N LEU A 1016 -2.86 -21.33 3.53
CA LEU A 1016 -2.86 -22.66 2.90
C LEU A 1016 -3.18 -23.72 3.93
N THR A 1017 -2.77 -23.52 5.17
CA THR A 1017 -3.12 -24.49 6.19
C THR A 1017 -4.62 -24.58 6.32
N VAL A 1018 -5.31 -23.44 6.34
CA VAL A 1018 -6.77 -23.55 6.38
C VAL A 1018 -7.29 -24.09 5.06
N TYR A 1019 -6.67 -23.75 3.93
CA TYR A 1019 -7.15 -24.26 2.65
C TYR A 1019 -7.22 -25.79 2.68
N TYR A 1020 -6.18 -26.44 3.20
CA TYR A 1020 -6.22 -27.89 3.24
C TYR A 1020 -7.03 -28.41 4.40
N LYS A 1021 -7.17 -27.63 5.47
CA LYS A 1021 -8.07 -28.01 6.55
C LYS A 1021 -9.52 -27.94 6.12
N LEU A 1022 -9.83 -27.05 5.18
CA LEU A 1022 -11.16 -27.07 4.60
C LEU A 1022 -11.30 -28.25 3.66
N MET A 1023 -10.25 -28.52 2.86
CA MET A 1023 -10.17 -29.68 1.99
C MET A 1023 -10.14 -31.01 2.77
N ALA A 1024 -10.13 -30.97 4.10
CA ALA A 1024 -10.47 -32.12 4.91
C ALA A 1024 -11.76 -31.92 5.70
N ARG A 1025 -11.98 -30.74 6.26
CA ARG A 1025 -13.05 -30.50 7.24
C ARG A 1025 -14.07 -29.54 6.65
N ARG A 1026 -15.17 -30.11 6.15
CA ARG A 1026 -16.35 -29.37 5.68
C ARG A 1026 -15.97 -28.20 4.77
N ALA A 1027 -15.30 -28.53 3.66
CA ALA A 1027 -14.85 -27.48 2.76
C ALA A 1027 -16.04 -26.72 2.20
N GLN A 1028 -15.83 -25.42 1.97
CA GLN A 1028 -16.61 -24.63 1.01
C GLN A 1028 -15.65 -23.57 0.51
N VAL A 1029 -15.06 -23.79 -0.68
CA VAL A 1029 -13.89 -23.02 -1.11
C VAL A 1029 -14.07 -22.47 -2.53
N PRO A 1030 -14.47 -21.21 -2.70
CA PRO A 1030 -14.29 -20.52 -4.01
C PRO A 1030 -12.82 -20.15 -4.25
N SER A 1031 -12.02 -21.20 -4.34
CA SER A 1031 -10.57 -21.22 -4.17
C SER A 1031 -9.69 -20.14 -4.78
N ILE A 1032 -9.93 -19.69 -6.00
CA ILE A 1032 -8.73 -19.31 -6.74
C ILE A 1032 -8.43 -17.83 -6.57
N LYS A 1033 -9.36 -16.95 -6.96
CA LYS A 1033 -9.33 -15.56 -6.54
C LYS A 1033 -10.18 -15.37 -5.29
N ASP A 1034 -9.79 -15.98 -4.19
CA ASP A 1034 -10.45 -15.59 -2.95
C ASP A 1034 -9.54 -15.76 -1.76
N ARG A 1035 -9.72 -14.85 -0.83
CA ARG A 1035 -9.00 -14.78 0.41
C ARG A 1035 -9.71 -15.62 1.44
N ILE A 1036 -8.97 -16.02 2.47
CA ILE A 1036 -9.50 -16.83 3.55
C ILE A 1036 -9.50 -15.99 4.81
N PRO A 1037 -10.62 -15.86 5.51
CA PRO A 1037 -10.54 -15.35 6.88
C PRO A 1037 -9.89 -16.41 7.72
N TYR A 1038 -8.77 -16.09 8.37
CA TYR A 1038 -8.03 -17.12 9.10
C TYR A 1038 -7.52 -16.58 10.43
N VAL A 1039 -7.74 -17.36 11.48
CA VAL A 1039 -7.39 -16.99 12.85
C VAL A 1039 -6.22 -17.87 13.22
N ILE A 1040 -5.47 -17.49 14.26
CA ILE A 1040 -4.36 -18.29 14.79
C ILE A 1040 -4.73 -18.69 16.20
N VAL A 1041 -4.77 -20.01 16.45
CA VAL A 1041 -5.17 -20.52 17.77
C VAL A 1041 -3.93 -20.84 18.59
N ALA A 1042 -4.14 -20.89 19.90
CA ALA A 1042 -3.08 -20.86 20.90
C ALA A 1042 -2.56 -22.26 21.18
N GLN A 1043 -2.04 -22.89 20.13
CA GLN A 1043 -1.49 -24.25 20.16
C GLN A 1043 -2.34 -25.19 21.01
N THR A 1044 -3.62 -25.22 20.67
CA THR A 1044 -4.55 -26.21 21.21
C THR A 1044 -3.94 -27.60 21.10
N ARG A 1045 -4.19 -28.40 22.13
CA ARG A 1045 -3.27 -29.47 22.52
C ARG A 1045 -3.27 -30.63 21.55
N GLU A 1046 -4.34 -30.82 20.79
CA GLU A 1046 -4.41 -31.90 19.83
C GLU A 1046 -3.85 -31.53 18.47
N VAL A 1047 -3.58 -30.24 18.22
CA VAL A 1047 -3.44 -29.76 16.86
C VAL A 1047 -2.12 -30.20 16.26
N GLU A 1048 -1.16 -30.66 17.06
CA GLU A 1048 0.08 -31.17 16.51
C GLU A 1048 -0.18 -32.40 15.64
N GLU A 1049 -0.80 -33.43 16.26
CA GLU A 1049 -1.29 -34.58 15.52
C GLU A 1049 -2.09 -34.20 14.29
N THR A 1050 -2.88 -33.13 14.37
CA THR A 1050 -3.69 -32.76 13.21
C THR A 1050 -2.85 -32.15 12.11
N VAL A 1051 -1.73 -31.53 12.45
CA VAL A 1051 -0.86 -31.04 11.40
C VAL A 1051 -0.08 -32.20 10.81
N ALA A 1052 0.15 -33.26 11.57
CA ALA A 1052 0.77 -34.43 10.96
C ALA A 1052 -0.23 -35.20 10.12
N ARG A 1053 -1.50 -35.13 10.51
CA ARG A 1053 -2.55 -35.64 9.65
C ARG A 1053 -2.61 -34.84 8.36
N LEU A 1054 -2.34 -33.52 8.45
CA LEU A 1054 -2.08 -32.75 7.25
C LEU A 1054 -0.84 -33.28 6.53
N ALA A 1055 0.22 -33.59 7.27
CA ALA A 1055 1.46 -33.95 6.61
C ALA A 1055 1.39 -35.30 5.93
N ALA A 1056 0.30 -36.04 6.13
CA ALA A 1056 -0.03 -37.13 5.23
C ALA A 1056 -1.14 -36.78 4.23
N LEU A 1057 -2.09 -35.90 4.58
CA LEU A 1057 -3.18 -35.55 3.67
C LEU A 1057 -2.90 -34.31 2.83
N ARG A 1058 -1.95 -33.47 3.24
CA ARG A 1058 -1.21 -32.63 2.31
C ARG A 1058 -0.65 -33.47 1.17
N GLU A 1059 -0.15 -34.67 1.50
CA GLU A 1059 0.63 -35.39 0.53
C GLU A 1059 -0.24 -36.13 -0.48
N LEU A 1060 -1.55 -36.21 -0.22
CA LEU A 1060 -2.60 -36.44 -1.22
C LEU A 1060 -2.20 -37.49 -2.26
N ASP A 1061 -1.85 -38.68 -1.78
CA ASP A 1061 -1.45 -39.85 -2.55
C ASP A 1061 -0.01 -39.73 -3.06
N ALA A 1062 0.70 -38.64 -2.80
CA ALA A 1062 2.05 -38.48 -3.31
C ALA A 1062 3.07 -39.07 -2.34
N ALA A 1095 5.45 -35.10 23.71
CA ALA A 1095 6.60 -35.79 24.28
C ALA A 1095 7.88 -35.00 24.03
N SER A 1096 8.26 -34.86 22.76
CA SER A 1096 9.51 -34.20 22.39
C SER A 1096 9.31 -32.75 22.00
N LYS A 1097 8.29 -32.08 22.57
CA LYS A 1097 8.06 -30.64 22.43
C LYS A 1097 8.21 -30.16 20.99
N PRO A 1098 7.27 -30.53 20.10
CA PRO A 1098 7.60 -30.69 18.68
C PRO A 1098 7.83 -29.38 17.92
N ARG A 1099 8.85 -28.65 18.36
CA ARG A 1099 9.29 -27.42 17.72
C ARG A 1099 8.15 -26.41 17.57
N LYS A 1100 7.64 -26.00 18.74
CA LYS A 1100 7.04 -24.68 18.95
C LYS A 1100 6.13 -24.26 17.82
N LEU A 1101 5.09 -25.06 17.59
CA LEU A 1101 4.52 -25.40 16.29
C LEU A 1101 4.41 -24.17 15.39
N LEU A 1102 5.00 -24.28 14.20
CA LEU A 1102 5.11 -23.15 13.28
C LEU A 1102 3.78 -22.44 13.17
N VAL A 1103 3.83 -21.11 13.11
CA VAL A 1103 2.61 -20.33 13.27
C VAL A 1103 1.62 -20.68 12.18
N SER A 1104 2.10 -20.80 10.94
CA SER A 1104 1.19 -21.13 9.86
C SER A 1104 0.57 -22.50 10.03
N GLU A 1105 1.20 -23.40 10.79
CA GLU A 1105 0.53 -24.62 11.15
C GLU A 1105 -0.47 -24.43 12.28
N LEU A 1106 -0.53 -23.25 12.89
CA LEU A 1106 -1.64 -22.84 13.74
C LEU A 1106 -2.32 -21.71 13.01
N ALA A 1107 -3.26 -22.05 12.16
CA ALA A 1107 -4.04 -21.06 11.48
C ALA A 1107 -5.50 -21.43 11.49
N GLU A 1108 -6.03 -21.92 12.61
CA GLU A 1108 -7.35 -22.55 12.55
C GLU A 1108 -8.41 -21.56 12.09
N ASP A 1109 -9.39 -22.12 11.36
CA ASP A 1109 -10.39 -21.35 10.63
C ASP A 1109 -11.30 -20.60 11.59
N PRO A 1110 -11.80 -19.41 11.21
CA PRO A 1110 -12.59 -18.65 12.17
C PRO A 1110 -13.86 -19.35 12.59
N ALA A 1111 -14.69 -19.82 11.65
CA ALA A 1111 -15.98 -20.42 11.98
C ALA A 1111 -15.81 -21.57 12.97
N TYR A 1112 -14.91 -22.49 12.67
CA TYR A 1112 -14.62 -23.61 13.56
C TYR A 1112 -14.02 -23.09 14.86
N ALA A 1113 -13.16 -22.07 14.77
CA ALA A 1113 -12.60 -21.48 16.00
C ALA A 1113 -13.68 -20.89 16.89
N ILE A 1114 -14.68 -20.22 16.33
CA ILE A 1114 -15.72 -19.64 17.19
C ILE A 1114 -16.54 -20.74 17.81
N ALA A 1115 -17.16 -21.57 16.97
CA ALA A 1115 -18.15 -22.56 17.40
C ALA A 1115 -17.80 -23.27 18.70
N HIS A 1116 -16.61 -23.85 18.75
CA HIS A 1116 -16.04 -24.38 20.01
C HIS A 1116 -14.76 -23.66 20.42
N GLY A 1117 -13.81 -23.47 19.51
CA GLY A 1117 -12.47 -22.95 19.79
C GLY A 1117 -12.31 -21.80 20.76
N VAL A 1118 -11.48 -22.02 21.78
CA VAL A 1118 -11.28 -21.12 22.91
C VAL A 1118 -9.87 -20.52 22.95
N ALA A 1119 -9.64 -19.61 23.92
CA ALA A 1119 -8.30 -19.19 24.40
C ALA A 1119 -7.28 -18.86 23.30
N LEU A 1120 -7.62 -17.84 22.51
CA LEU A 1120 -6.91 -17.42 21.31
C LEU A 1120 -5.45 -17.00 21.56
N ASN A 1121 -4.65 -17.09 20.49
CA ASN A 1121 -3.18 -17.07 20.49
C ASN A 1121 -2.60 -15.69 20.66
N THR A 1122 -2.04 -15.40 21.82
CA THR A 1122 -1.55 -14.03 21.98
C THR A 1122 -0.36 -13.75 21.07
N ASP A 1123 0.64 -14.64 21.08
CA ASP A 1123 1.98 -14.23 20.66
C ASP A 1123 1.99 -13.71 19.24
N TYR A 1124 1.20 -14.30 18.35
CA TYR A 1124 1.28 -13.84 16.97
C TYR A 1124 0.53 -12.56 16.82
N TYR A 1125 -0.57 -12.43 17.55
CA TYR A 1125 -1.43 -11.28 17.36
C TYR A 1125 -0.81 -10.08 18.00
N PHE A 1126 -0.54 -10.18 19.30
CA PHE A 1126 0.12 -9.10 19.99
C PHE A 1126 1.48 -8.76 19.38
N SER A 1127 2.17 -9.73 18.77
CA SER A 1127 3.45 -9.39 18.19
C SER A 1127 3.27 -8.58 16.92
N HIS A 1128 2.28 -8.91 16.12
CA HIS A 1128 2.03 -8.05 14.97
C HIS A 1128 1.49 -6.70 15.40
N LEU A 1129 0.73 -6.67 16.49
CA LEU A 1129 0.29 -5.38 17.00
C LEU A 1129 1.50 -4.52 17.34
N LEU A 1130 2.46 -5.11 18.04
CA LEU A 1130 3.64 -4.34 18.34
C LEU A 1130 4.48 -4.08 17.13
N GLY A 1131 4.36 -4.88 16.08
CA GLY A 1131 5.13 -4.56 14.91
C GLY A 1131 4.62 -3.29 14.28
N ALA A 1132 3.31 -3.11 14.24
CA ALA A 1132 2.77 -1.85 13.76
C ALA A 1132 3.06 -0.70 14.73
N ALA A 1133 2.95 -0.96 16.02
CA ALA A 1133 3.21 0.08 17.01
C ALA A 1133 4.65 0.55 16.95
N CYS A 1134 5.59 -0.37 16.86
CA CYS A 1134 6.98 0.00 16.68
C CYS A 1134 7.23 0.68 15.34
N VAL A 1135 6.56 0.25 14.26
CA VAL A 1135 6.78 0.88 12.96
C VAL A 1135 6.42 2.35 13.03
N THR A 1136 5.38 2.69 13.78
CA THR A 1136 5.01 4.09 13.94
C THR A 1136 5.88 4.77 14.98
N PHE A 1137 5.87 4.28 16.20
CA PHE A 1137 6.40 5.00 17.34
C PHE A 1137 7.88 4.75 17.56
N LYS A 1138 8.58 4.26 16.54
CA LYS A 1138 10.03 4.20 16.67
C LYS A 1138 10.65 5.57 16.52
N ALA A 1139 9.95 6.46 15.82
CA ALA A 1139 10.46 7.80 15.61
C ALA A 1139 10.61 8.55 16.91
N LEU A 1140 9.87 8.18 17.94
CA LEU A 1140 10.17 8.70 19.25
C LEU A 1140 11.56 8.29 19.69
N PHE A 1141 12.00 7.10 19.31
CA PHE A 1141 13.27 6.50 19.73
C PHE A 1141 14.26 6.42 18.58
N GLY A 1142 14.26 7.43 17.71
CA GLY A 1142 15.24 7.50 16.64
C GLY A 1142 15.21 6.37 15.63
N ASN A 1143 14.04 5.86 15.33
CA ASN A 1143 13.87 4.71 14.42
C ASN A 1143 14.56 3.46 14.92
N ASN A 1144 14.76 3.35 16.22
CA ASN A 1144 15.38 2.17 16.81
C ASN A 1144 14.27 1.17 17.08
N ALA A 1145 13.99 0.33 16.08
CA ALA A 1145 12.94 -0.67 16.19
C ALA A 1145 13.14 -1.55 17.41
N LYS A 1146 14.40 -1.94 17.68
N LYS A 1146 14.38 -1.97 17.66
CA LYS A 1146 14.71 -2.72 18.86
CA LYS A 1146 14.67 -2.75 18.86
C LYS A 1146 14.26 -1.99 20.12
C LYS A 1146 14.25 -1.99 20.12
N ILE A 1147 14.70 -0.74 20.30
CA ILE A 1147 14.33 0.00 21.49
C ILE A 1147 12.83 0.25 21.52
N THR A 1148 12.25 0.59 20.39
CA THR A 1148 10.81 0.81 20.38
C THR A 1148 10.07 -0.40 20.89
N GLU A 1149 10.37 -1.57 20.34
CA GLU A 1149 9.68 -2.78 20.75
C GLU A 1149 10.00 -3.13 22.18
N SER A 1150 11.23 -2.89 22.63
CA SER A 1150 11.56 -3.18 24.01
C SER A 1150 10.78 -2.32 24.96
N LEU A 1151 10.51 -1.07 24.59
CA LEU A 1151 9.78 -0.21 25.48
C LEU A 1151 8.30 -0.52 25.41
N LEU A 1152 7.76 -0.68 24.20
CA LEU A 1152 6.35 -1.03 24.08
C LEU A 1152 6.01 -2.36 24.74
N LYS A 1153 6.92 -3.32 24.70
CA LYS A 1153 6.65 -4.61 25.32
C LYS A 1153 6.80 -4.56 26.81
N ARG A 1154 7.38 -3.50 27.33
CA ARG A 1154 7.49 -3.32 28.76
C ARG A 1154 6.19 -2.81 29.38
N PHE A 1155 5.18 -2.56 28.57
CA PHE A 1155 3.91 -2.09 29.08
C PHE A 1155 3.06 -3.23 29.57
N ILE A 1156 3.20 -4.40 28.96
CA ILE A 1156 2.31 -5.53 29.21
C ILE A 1156 2.67 -6.16 30.54
N PRO A 1157 1.81 -6.18 31.54
CA PRO A 1157 2.08 -7.04 32.68
C PRO A 1157 2.18 -8.45 32.17
N GLU A 1158 3.29 -9.11 32.46
CA GLU A 1158 3.48 -10.50 32.09
C GLU A 1158 3.38 -11.34 33.34
N VAL A 1159 2.67 -12.45 33.22
CA VAL A 1159 2.42 -13.37 34.32
C VAL A 1159 3.36 -14.55 34.18
N TRP A 1160 3.68 -15.17 35.32
CA TRP A 1160 4.47 -16.41 35.30
C TRP A 1160 3.85 -17.42 36.26
N HIS A 1161 3.16 -18.39 35.69
CA HIS A 1161 2.74 -19.60 36.40
C HIS A 1161 3.48 -20.79 35.82
N PRO A 1162 3.93 -21.76 36.61
CA PRO A 1162 4.44 -22.98 36.01
C PRO A 1162 3.33 -23.69 35.28
N PRO A 1163 3.62 -24.54 34.30
CA PRO A 1163 2.51 -25.31 33.73
C PRO A 1163 1.92 -26.21 34.79
N ASP A 1164 0.59 -26.27 34.82
CA ASP A 1164 -0.07 -27.01 35.88
C ASP A 1164 0.13 -28.51 35.74
N ASP A 1165 0.62 -28.98 34.60
CA ASP A 1165 0.94 -30.39 34.44
C ASP A 1165 2.27 -30.73 35.09
N VAL A 1166 2.98 -29.74 35.64
CA VAL A 1166 4.13 -30.04 36.49
C VAL A 1166 4.04 -29.29 37.81
N ALA A 1167 3.14 -28.30 37.90
CA ALA A 1167 2.63 -27.86 39.20
C ALA A 1167 1.93 -28.98 39.91
N ALA A 1168 1.22 -29.82 39.15
CA ALA A 1168 0.52 -30.97 39.71
C ALA A 1168 1.52 -31.96 40.30
N ARG A 1169 2.58 -32.27 39.54
CA ARG A 1169 3.63 -33.13 40.07
C ARG A 1169 4.29 -32.51 41.29
N LEU A 1170 4.57 -31.21 41.27
CA LEU A 1170 5.23 -30.59 42.41
C LEU A 1170 4.29 -30.54 43.61
N ARG A 1171 3.04 -30.19 43.38
CA ARG A 1171 2.02 -30.22 44.42
C ARG A 1171 1.79 -31.62 44.95
N ALA A 1172 2.08 -32.63 44.15
CA ALA A 1172 2.14 -33.97 44.70
C ALA A 1172 3.41 -34.17 45.50
N ALA A 1173 4.47 -33.43 45.18
CA ALA A 1173 5.70 -33.35 45.96
C ALA A 1173 5.65 -32.31 47.06
N GLY A 1174 4.54 -31.59 47.22
CA GLY A 1174 4.40 -30.81 48.40
C GLY A 1174 5.23 -29.55 48.44
N PHE A 1175 5.69 -29.06 47.30
CA PHE A 1175 6.41 -27.81 47.27
C PHE A 1175 5.57 -26.73 47.95
N GLY A 1176 6.21 -25.87 48.72
CA GLY A 1176 5.56 -24.66 49.17
C GLY A 1176 5.49 -23.61 48.08
N ALA A 1177 4.52 -22.72 48.17
CA ALA A 1177 4.36 -21.65 47.19
C ALA A 1177 4.99 -20.34 47.66
N VAL A 1178 5.44 -19.57 46.68
CA VAL A 1178 5.87 -18.18 46.86
C VAL A 1178 5.24 -17.44 45.71
N GLY A 1179 4.14 -16.73 45.95
CA GLY A 1179 3.62 -16.01 44.82
C GLY A 1179 2.37 -15.18 44.89
N ALA A 1180 1.61 -15.31 43.82
CA ALA A 1180 0.43 -14.55 43.48
C ALA A 1180 -0.71 -15.49 43.15
N GLY A 1181 -0.85 -16.49 44.01
CA GLY A 1181 -2.07 -17.20 44.24
C GLY A 1181 -2.97 -16.46 45.18
N ALA A 1182 -2.59 -15.22 45.55
CA ALA A 1182 -3.26 -14.38 46.53
C ALA A 1182 -3.17 -14.97 47.93
N THR A 1183 -2.07 -15.63 48.23
CA THR A 1183 -1.57 -15.70 49.60
C THR A 1183 -0.40 -14.73 49.65
N ALA A 1184 -0.67 -13.50 50.11
CA ALA A 1184 0.36 -12.48 50.08
C ALA A 1184 1.41 -12.68 51.17
N GLU A 1185 0.97 -12.67 52.42
CA GLU A 1185 1.85 -12.90 53.57
C GLU A 1185 2.75 -14.10 53.38
N GLU A 1186 2.15 -15.22 53.01
CA GLU A 1186 2.83 -16.49 52.73
C GLU A 1186 4.13 -16.32 51.94
N THR A 1187 4.07 -15.51 50.88
CA THR A 1187 5.21 -15.37 49.97
C THR A 1187 6.50 -15.06 50.70
N ARG A 1188 6.43 -14.27 51.76
CA ARG A 1188 7.63 -13.91 52.49
C ARG A 1188 8.15 -15.08 53.31
N ARG A 1189 7.26 -15.76 54.01
CA ARG A 1189 7.67 -16.84 54.90
C ARG A 1189 8.15 -18.05 54.10
N MET A 1190 7.42 -18.40 53.05
CA MET A 1190 7.87 -19.48 52.17
C MET A 1190 9.18 -19.15 51.47
N LEU A 1191 9.45 -17.89 51.17
CA LEU A 1191 10.75 -17.57 50.61
C LEU A 1191 11.85 -17.76 51.65
N HIS A 1192 11.59 -17.38 52.92
CA HIS A 1192 12.53 -17.78 53.98
C HIS A 1192 12.69 -19.28 54.02
N ARG A 1193 11.65 -20.00 53.62
CA ARG A 1193 11.67 -21.45 53.71
C ARG A 1193 12.44 -22.07 52.55
N ALA A 1194 12.48 -21.37 51.41
CA ALA A 1194 13.38 -21.77 50.34
C ALA A 1194 14.81 -21.67 50.82
N PHE A 1195 15.13 -20.56 51.47
CA PHE A 1195 16.52 -20.41 51.85
C PHE A 1195 16.87 -21.34 52.98
N ASP A 1196 15.92 -21.69 53.84
CA ASP A 1196 16.26 -22.66 54.87
C ASP A 1196 16.54 -24.02 54.25
N THR A 1197 15.76 -24.42 53.24
CA THR A 1197 16.01 -25.71 52.64
C THR A 1197 17.29 -25.77 51.80
N LEU A 1198 17.71 -24.66 51.18
CA LEU A 1198 18.70 -24.70 50.11
C LEU A 1198 20.03 -24.06 50.45
N ALA A 1199 20.01 -22.81 50.89
CA ALA A 1199 21.20 -21.99 51.00
C ALA A 1199 21.85 -21.78 49.64
N GLY B 28 17.13 6.61 45.76
CA GLY B 28 16.79 5.55 44.83
C GLY B 28 15.54 4.81 45.25
N ALA B 29 15.59 3.48 45.18
CA ALA B 29 14.57 2.66 45.79
C ALA B 29 14.72 2.64 47.32
N PRO B 30 13.67 2.26 48.05
CA PRO B 30 13.87 1.86 49.45
C PRO B 30 14.67 0.59 49.61
N CYS B 31 14.77 -0.24 48.57
CA CYS B 31 15.27 -1.62 48.65
C CYS B 31 16.49 -1.77 47.75
N GLN B 32 17.63 -1.95 48.38
CA GLN B 32 18.95 -1.73 47.83
C GLN B 32 19.74 -3.02 47.89
N VAL B 33 20.47 -3.27 46.82
CA VAL B 33 21.38 -4.40 46.71
C VAL B 33 22.67 -3.83 46.18
N VAL B 34 23.78 -4.24 46.77
CA VAL B 34 25.05 -3.79 46.22
C VAL B 34 26.09 -4.85 46.52
N LEU B 35 26.98 -4.97 45.53
CA LEU B 35 28.05 -5.93 45.51
C LEU B 35 29.27 -5.08 45.24
N GLN B 36 30.08 -4.94 46.27
CA GLN B 36 31.43 -4.41 46.24
C GLN B 36 32.36 -5.56 45.95
N GLY B 37 33.52 -5.23 45.39
CA GLY B 37 34.43 -6.18 44.80
C GLY B 37 34.68 -7.45 45.60
N ALA B 38 34.98 -7.39 46.89
CA ALA B 38 34.99 -8.60 47.70
C ALA B 38 33.76 -9.49 47.46
N GLU B 39 32.56 -8.94 47.71
CA GLU B 39 31.36 -9.76 47.57
C GLU B 39 30.98 -10.01 46.12
N LEU B 40 31.45 -9.17 45.21
CA LEU B 40 31.19 -9.40 43.80
C LEU B 40 32.14 -10.42 43.21
N ASN B 41 33.34 -10.57 43.79
CA ASN B 41 34.17 -11.71 43.44
C ASN B 41 33.58 -12.99 44.03
N GLY B 42 32.99 -12.89 45.21
CA GLY B 42 32.41 -14.08 45.81
C GLY B 42 31.17 -14.56 45.10
N ILE B 43 30.48 -13.66 44.41
CA ILE B 43 29.35 -14.02 43.56
C ILE B 43 29.77 -14.27 42.12
N LEU B 44 30.77 -13.57 41.60
CA LEU B 44 31.17 -13.87 40.24
C LEU B 44 31.76 -15.25 40.17
N GLN B 45 32.27 -15.75 41.29
CA GLN B 45 32.73 -17.12 41.38
C GLN B 45 31.57 -18.07 41.51
N ALA B 46 30.51 -17.69 42.23
CA ALA B 46 29.30 -18.52 42.31
C ALA B 46 28.69 -18.76 40.93
N PHE B 47 28.57 -17.73 40.10
CA PHE B 47 28.18 -17.88 38.70
C PHE B 47 29.30 -18.44 37.82
N ALA B 48 30.54 -18.46 38.30
CA ALA B 48 31.69 -18.92 37.52
C ALA B 48 31.78 -20.44 37.34
N PRO B 49 31.45 -21.35 38.34
CA PRO B 49 31.70 -22.78 38.14
C PRO B 49 31.07 -23.31 36.86
N LEU B 50 30.17 -22.52 36.28
CA LEU B 50 30.18 -22.22 34.84
C LEU B 50 28.81 -22.44 34.27
N ARG B 51 28.35 -21.46 33.52
CA ARG B 51 26.98 -21.48 33.07
C ARG B 51 26.72 -20.40 32.03
N THR B 52 25.66 -20.67 31.31
CA THR B 52 24.76 -19.75 30.65
C THR B 52 23.35 -20.23 31.00
N SER B 53 23.28 -21.13 32.00
CA SER B 53 22.11 -21.75 32.57
C SER B 53 21.86 -20.97 33.85
N LEU B 54 20.62 -20.58 34.10
CA LEU B 54 20.26 -19.45 34.94
C LEU B 54 20.53 -18.12 34.28
N LEU B 55 20.57 -18.07 32.96
CA LEU B 55 20.38 -16.78 32.34
C LEU B 55 18.93 -16.56 31.93
N ASP B 56 18.19 -17.58 31.54
CA ASP B 56 16.76 -17.43 31.24
C ASP B 56 15.88 -17.69 32.45
N SER B 57 16.16 -16.99 33.48
CA SER B 57 15.79 -17.36 34.81
C SER B 57 14.58 -16.63 35.35
N LEU B 58 14.25 -16.85 36.64
CA LEU B 58 13.32 -15.99 37.39
C LEU B 58 13.89 -15.68 38.76
N LEU B 59 13.97 -14.39 39.11
CA LEU B 59 14.43 -13.91 40.41
C LEU B 59 13.26 -13.48 41.28
N VAL B 60 13.01 -14.19 42.35
CA VAL B 60 12.03 -13.78 43.36
C VAL B 60 12.83 -13.11 44.46
N MET B 61 12.80 -11.79 44.50
CA MET B 61 13.53 -11.02 45.47
C MET B 61 12.63 -10.66 46.63
N GLY B 62 13.16 -10.78 47.84
CA GLY B 62 12.51 -10.20 48.98
C GLY B 62 13.46 -10.09 50.15
N ASP B 63 12.89 -9.82 51.32
CA ASP B 63 13.62 -10.01 52.55
C ASP B 63 14.12 -11.43 52.63
N ARG B 64 15.35 -11.60 53.11
CA ARG B 64 16.13 -12.82 53.19
C ARG B 64 16.69 -13.22 51.81
N GLY B 65 16.50 -12.40 50.77
CA GLY B 65 17.45 -12.26 49.68
C GLY B 65 16.80 -12.47 48.34
N ILE B 66 17.61 -12.86 47.35
CA ILE B 66 17.12 -13.15 46.01
C ILE B 66 17.15 -14.64 45.84
N LEU B 67 16.08 -15.20 45.30
CA LEU B 67 16.04 -16.60 44.94
C LEU B 67 15.98 -16.66 43.44
N ILE B 68 16.98 -17.28 42.80
CA ILE B 68 16.96 -17.36 41.35
C ILE B 68 16.71 -18.80 40.95
N HIS B 69 15.55 -19.00 40.36
CA HIS B 69 14.96 -20.28 40.04
C HIS B 69 14.89 -20.44 38.53
N ASN B 70 15.19 -21.65 38.06
CA ASN B 70 15.06 -21.99 36.66
C ASN B 70 14.81 -23.48 36.57
N THR B 71 14.40 -23.92 35.39
CA THR B 71 14.13 -25.32 35.07
C THR B 71 15.05 -25.77 33.96
N ILE B 72 15.89 -26.76 34.23
CA ILE B 72 16.84 -27.29 33.26
C ILE B 72 16.52 -28.75 33.03
N PHE B 73 16.33 -29.11 31.76
CA PHE B 73 15.94 -30.45 31.35
C PHE B 73 14.68 -30.89 32.07
N GLY B 74 13.79 -29.95 32.33
CA GLY B 74 12.57 -30.25 33.02
C GLY B 74 12.69 -30.10 34.50
N GLU B 75 13.79 -30.57 35.06
CA GLU B 75 13.90 -30.59 36.50
C GLU B 75 14.21 -29.19 37.02
N GLN B 76 14.04 -28.99 38.32
CA GLN B 76 14.06 -27.64 38.86
C GLN B 76 15.42 -27.40 39.48
N VAL B 77 15.92 -26.16 39.33
CA VAL B 77 17.17 -25.70 39.91
C VAL B 77 16.95 -24.36 40.56
N PHE B 78 17.58 -24.16 41.70
CA PHE B 78 17.46 -22.99 42.54
C PHE B 78 18.86 -22.49 42.80
N LEU B 79 19.00 -21.19 43.02
CA LEU B 79 20.27 -20.65 43.48
C LEU B 79 19.83 -19.53 44.40
N PRO B 80 19.71 -19.82 45.68
CA PRO B 80 19.43 -18.73 46.60
C PRO B 80 20.68 -17.92 46.86
N LEU B 81 20.49 -16.61 46.86
CA LEU B 81 21.53 -15.61 46.98
C LEU B 81 21.07 -14.88 48.23
N GLU B 82 21.60 -15.36 49.34
CA GLU B 82 21.33 -14.81 50.65
C GLU B 82 21.65 -13.32 50.68
N HIS B 83 21.02 -12.64 51.62
CA HIS B 83 21.27 -11.22 51.81
C HIS B 83 22.62 -11.01 52.49
N SER B 84 23.07 -11.97 53.29
CA SER B 84 24.43 -11.88 53.80
C SER B 84 25.47 -12.07 52.71
N GLN B 85 25.10 -12.73 51.60
CA GLN B 85 26.05 -13.01 50.54
C GLN B 85 26.32 -11.82 49.64
N PHE B 86 25.46 -10.81 49.69
CA PHE B 86 25.71 -9.50 49.11
C PHE B 86 26.45 -8.63 50.12
N SER B 87 27.01 -7.53 49.62
CA SER B 87 27.74 -6.65 50.52
C SER B 87 26.75 -5.85 51.35
N ARG B 88 25.88 -5.06 50.73
CA ARG B 88 24.75 -4.45 51.46
C ARG B 88 23.44 -4.80 50.77
N TYR B 89 22.53 -5.40 51.53
CA TYR B 89 21.22 -5.78 51.05
C TYR B 89 20.18 -5.29 52.04
N ARG B 90 19.05 -4.80 51.50
CA ARG B 90 17.91 -4.39 52.32
C ARG B 90 16.68 -4.45 51.42
N TRP B 91 15.74 -5.32 51.78
CA TRP B 91 14.43 -5.43 51.13
C TRP B 91 13.32 -5.06 52.12
N ARG B 92 12.77 -3.87 51.98
CA ARG B 92 11.63 -3.41 52.78
C ARG B 92 10.41 -3.42 51.88
N GLY B 93 9.53 -4.40 52.07
CA GLY B 93 8.40 -4.57 51.18
C GLY B 93 8.20 -6.01 50.78
N PRO B 94 7.03 -6.33 50.21
CA PRO B 94 6.78 -7.71 49.80
C PRO B 94 7.65 -8.10 48.61
N THR B 95 7.65 -9.40 48.32
CA THR B 95 8.51 -9.93 47.27
C THR B 95 8.13 -9.42 45.90
N ALA B 96 9.14 -9.14 45.09
CA ALA B 96 8.99 -8.75 43.69
C ALA B 96 9.68 -9.79 42.83
N ALA B 97 9.01 -10.25 41.79
CA ALA B 97 9.52 -11.32 40.94
C ALA B 97 9.82 -10.82 39.54
N PHE B 98 11.09 -10.89 39.16
CA PHE B 98 11.61 -10.36 37.92
C PHE B 98 12.05 -11.49 37.02
N LEU B 99 11.55 -11.51 35.81
CA LEU B 99 12.11 -12.42 34.83
C LEU B 99 13.51 -11.96 34.52
N SER B 100 14.46 -12.87 34.53
CA SER B 100 15.85 -12.47 34.38
C SER B 100 16.08 -11.75 33.06
N LEU B 101 15.62 -12.34 31.97
CA LEU B 101 16.02 -11.78 30.69
C LEU B 101 15.31 -10.46 30.39
N VAL B 102 16.00 -9.33 30.55
CA VAL B 102 15.37 -8.05 30.25
C VAL B 102 15.28 -7.86 28.74
N ASP B 103 14.07 -7.71 28.26
CA ASP B 103 13.71 -7.89 26.86
C ASP B 103 14.34 -9.15 26.32
N GLN B 104 14.39 -10.21 27.10
CA GLN B 104 14.61 -11.56 26.62
C GLN B 104 15.98 -11.77 25.96
N LYS B 105 16.87 -10.77 25.96
N LYS B 105 16.85 -10.77 25.97
CA LYS B 105 18.23 -10.90 25.49
CA LYS B 105 18.21 -10.89 25.49
C LYS B 105 19.25 -10.75 26.59
C LYS B 105 19.25 -10.74 26.58
N ARG B 106 19.20 -9.65 27.33
CA ARG B 106 20.19 -9.42 28.35
C ARG B 106 19.72 -10.21 29.55
N SER B 107 20.33 -10.04 30.69
CA SER B 107 19.94 -10.79 31.86
C SER B 107 20.48 -10.01 33.03
N LEU B 108 19.71 -9.91 34.09
CA LEU B 108 20.28 -9.18 35.21
C LEU B 108 21.52 -9.85 35.75
N LEU B 109 21.74 -11.12 35.43
CA LEU B 109 22.91 -11.87 35.83
C LEU B 109 23.87 -12.20 34.70
N SER B 110 23.64 -11.70 33.50
CA SER B 110 24.55 -11.96 32.40
C SER B 110 25.85 -11.20 32.62
N VAL B 111 25.83 -10.18 33.47
CA VAL B 111 27.06 -9.60 33.96
C VAL B 111 27.84 -10.57 34.85
N PHE B 112 27.17 -11.48 35.56
CA PHE B 112 27.83 -12.26 36.60
C PHE B 112 28.72 -13.38 36.09
N ARG B 113 28.86 -13.52 34.79
CA ARG B 113 29.61 -14.61 34.21
C ARG B 113 31.10 -14.46 34.57
N ALA B 114 31.88 -15.45 34.17
CA ALA B 114 33.30 -15.46 34.50
C ALA B 114 34.00 -14.25 33.89
N ASN B 115 33.97 -14.13 32.57
CA ASN B 115 34.81 -13.21 31.81
C ASN B 115 33.97 -12.43 30.80
N GLN B 116 32.82 -11.93 31.23
CA GLN B 116 31.97 -11.13 30.36
C GLN B 116 32.48 -9.71 30.19
N TYR B 117 32.65 -8.99 31.30
CA TYR B 117 33.39 -7.74 31.32
C TYR B 117 34.42 -7.91 32.44
N PRO B 118 35.69 -8.24 32.14
CA PRO B 118 36.60 -8.56 33.23
C PRO B 118 37.23 -7.32 33.86
N ASP B 119 36.39 -6.33 34.18
CA ASP B 119 36.82 -5.14 34.91
C ASP B 119 35.82 -4.75 35.99
N LEU B 120 34.93 -5.68 36.35
CA LEU B 120 33.84 -5.39 37.28
C LEU B 120 34.39 -4.99 38.64
N ARG B 121 33.89 -3.92 39.19
CA ARG B 121 34.20 -3.53 40.56
C ARG B 121 32.96 -3.53 41.42
N ARG B 122 31.83 -3.13 40.87
CA ARG B 122 30.63 -3.02 41.68
C ARG B 122 29.43 -3.19 40.80
N VAL B 123 28.39 -3.79 41.37
CA VAL B 123 27.08 -3.84 40.70
C VAL B 123 26.02 -3.59 41.77
N GLU B 124 24.92 -2.98 41.36
CA GLU B 124 23.95 -2.50 42.32
C GLU B 124 22.56 -2.51 41.70
N LEU B 125 21.58 -2.86 42.52
CA LEU B 125 20.19 -3.02 42.13
C LEU B 125 19.31 -2.18 43.03
N ALA B 126 18.45 -1.37 42.44
CA ALA B 126 17.44 -0.61 43.16
C ALA B 126 16.11 -0.79 42.43
N ILE B 127 15.08 -1.16 43.19
CA ILE B 127 13.76 -1.49 42.66
C ILE B 127 12.79 -0.48 43.24
N THR B 128 12.53 0.59 42.50
CA THR B 128 11.76 1.71 43.04
C THR B 128 10.28 1.37 42.94
N GLY B 129 9.41 2.32 43.25
CA GLY B 129 7.98 2.06 43.25
C GLY B 129 7.39 1.22 44.38
N GLN B 130 6.13 0.87 44.18
CA GLN B 130 5.23 0.26 45.16
C GLN B 130 4.95 -1.21 44.79
N ALA B 131 4.46 -1.97 45.79
CA ALA B 131 4.22 -3.44 45.86
C ALA B 131 3.57 -4.16 44.66
N PRO B 132 2.38 -3.78 44.16
CA PRO B 132 2.21 -4.15 42.68
C PRO B 132 3.00 -3.55 41.56
N PHE B 133 3.71 -2.43 41.62
CA PHE B 133 4.48 -1.95 40.45
C PHE B 133 5.94 -1.54 40.80
N ARG B 134 6.64 -2.38 41.57
CA ARG B 134 8.07 -2.19 41.82
C ARG B 134 8.89 -2.48 40.58
N THR B 135 9.71 -1.53 40.09
CA THR B 135 10.55 -1.70 38.90
C THR B 135 12.04 -1.61 39.21
N LEU B 136 12.77 -2.67 38.86
CA LEU B 136 14.22 -2.84 39.07
C LEU B 136 15.08 -2.09 38.06
N VAL B 137 16.14 -1.46 38.56
CA VAL B 137 17.28 -1.00 37.74
C VAL B 137 18.56 -1.63 38.27
N GLN B 138 19.36 -2.19 37.37
CA GLN B 138 20.69 -2.73 37.64
C GLN B 138 21.74 -1.84 37.02
N ARG B 139 22.77 -1.53 37.81
CA ARG B 139 23.88 -0.66 37.42
C ARG B 139 25.21 -1.38 37.56
N ILE B 140 26.14 -1.07 36.66
CA ILE B 140 27.48 -1.68 36.62
C ILE B 140 28.52 -0.61 36.90
N TRP B 141 29.71 -1.05 37.30
CA TRP B 141 30.86 -0.17 37.46
C TRP B 141 32.09 -0.98 37.10
N THR B 142 32.76 -0.59 36.03
CA THR B 142 34.07 -1.11 35.69
C THR B 142 35.16 -0.19 36.23
N THR B 143 36.38 -0.70 36.30
CA THR B 143 37.56 0.11 36.54
C THR B 143 38.40 0.13 35.27
N THR B 144 39.05 1.27 35.02
CA THR B 144 40.13 1.33 34.04
C THR B 144 41.39 1.83 34.72
N SER B 145 42.45 1.97 33.90
CA SER B 145 43.80 2.21 34.41
C SER B 145 43.76 3.44 35.27
N ASP B 146 44.72 3.51 36.21
CA ASP B 146 44.82 4.45 37.35
C ASP B 146 43.70 4.17 38.37
N GLY B 147 42.97 3.06 38.19
CA GLY B 147 41.92 2.58 39.07
C GLY B 147 40.68 3.44 39.12
N GLU B 148 40.39 4.20 38.07
CA GLU B 148 39.18 5.04 38.07
C GLU B 148 37.97 4.23 37.60
N ALA B 149 36.82 4.53 38.19
CA ALA B 149 35.65 3.67 38.10
C ALA B 149 34.58 4.33 37.25
N VAL B 150 34.22 3.63 36.18
CA VAL B 150 33.42 4.14 35.07
C VAL B 150 32.17 3.30 35.01
N GLU B 151 31.01 3.92 35.17
CA GLU B 151 29.75 3.23 34.93
C GLU B 151 29.43 3.29 33.45
N LEU B 152 29.30 2.14 32.82
CA LEU B 152 28.73 2.11 31.48
C LEU B 152 27.24 2.38 31.58
N ALA B 153 26.77 3.36 30.83
CA ALA B 153 25.36 3.68 30.74
C ALA B 153 24.63 2.85 29.71
N SER B 154 25.33 1.90 29.08
CA SER B 154 24.76 1.02 28.08
C SER B 154 24.67 -0.42 28.58
N GLU B 155 25.23 -0.70 29.76
CA GLU B 155 25.18 -1.98 30.44
C GLU B 155 24.70 -1.74 31.86
N THR B 156 23.66 -0.92 31.97
CA THR B 156 22.74 -0.94 33.09
C THR B 156 21.39 -1.34 32.52
N LEU B 157 20.76 -2.32 33.16
CA LEU B 157 19.50 -2.92 32.73
C LEU B 157 18.36 -2.43 33.60
N MET B 158 17.14 -2.50 33.10
CA MET B 158 15.99 -2.16 33.93
C MET B 158 14.82 -3.06 33.56
N LYS B 159 14.27 -3.70 34.59
CA LYS B 159 13.26 -4.74 34.47
C LYS B 159 12.12 -4.44 35.43
N ARG B 160 10.89 -4.52 34.95
CA ARG B 160 9.76 -4.35 35.84
C ARG B 160 9.55 -5.64 36.65
N GLU B 161 8.64 -5.59 37.62
CA GLU B 161 8.29 -6.74 38.43
C GLU B 161 7.34 -7.59 37.61
N LEU B 162 6.80 -8.63 38.24
CA LEU B 162 5.75 -9.43 37.67
C LEU B 162 4.50 -9.09 38.45
N THR B 163 3.40 -8.95 37.74
CA THR B 163 2.15 -8.62 38.38
C THR B 163 1.73 -9.76 39.26
N SER B 164 1.60 -10.93 38.65
CA SER B 164 1.32 -12.15 39.38
C SER B 164 2.29 -13.22 38.90
N PHE B 165 3.19 -13.62 39.79
CA PHE B 165 3.93 -14.86 39.70
C PHE B 165 3.36 -15.87 40.69
N VAL B 166 3.59 -17.16 40.41
CA VAL B 166 3.41 -18.19 41.43
C VAL B 166 4.55 -19.21 41.36
N VAL B 167 5.48 -19.11 42.29
CA VAL B 167 6.68 -19.94 42.29
C VAL B 167 6.53 -20.97 43.38
N LEU B 168 7.11 -22.15 43.17
CA LEU B 168 7.00 -23.25 44.11
C LEU B 168 8.38 -23.59 44.65
N VAL B 169 8.42 -24.08 45.90
CA VAL B 169 9.68 -24.16 46.64
C VAL B 169 9.74 -25.45 47.46
N PRO B 170 10.96 -26.02 47.64
CA PRO B 170 11.19 -27.09 48.63
C PRO B 170 11.08 -26.71 50.12
N GLN B 171 11.23 -27.69 51.03
CA GLN B 171 10.95 -27.52 52.45
C GLN B 171 12.03 -28.09 53.38
N GLY B 172 12.48 -27.26 54.32
CA GLY B 172 13.02 -27.67 55.62
C GLY B 172 14.13 -28.71 55.72
N THR B 173 14.26 -29.27 56.91
CA THR B 173 15.35 -30.21 57.23
C THR B 173 15.05 -31.58 56.63
N PRO B 174 15.92 -32.12 55.77
CA PRO B 174 15.51 -33.25 54.91
C PRO B 174 15.30 -34.55 55.67
N ASP B 175 14.78 -35.53 54.93
CA ASP B 175 14.52 -36.84 55.53
C ASP B 175 15.75 -37.72 55.59
N VAL B 176 16.67 -37.55 54.63
CA VAL B 176 17.95 -38.22 54.65
C VAL B 176 18.94 -37.23 54.07
N GLN B 177 20.21 -37.39 54.40
CA GLN B 177 21.17 -36.37 54.00
C GLN B 177 22.55 -36.98 54.01
N LEU B 178 23.34 -36.63 53.00
CA LEU B 178 24.69 -37.17 52.94
C LEU B 178 25.54 -36.24 52.09
N ARG B 179 26.84 -36.32 52.34
CA ARG B 179 27.80 -35.44 51.71
C ARG B 179 28.49 -36.21 50.60
N LEU B 180 28.92 -35.48 49.58
CA LEU B 180 29.54 -36.10 48.42
C LEU B 180 30.59 -35.14 47.91
N THR B 181 31.48 -35.67 47.08
CA THR B 181 32.62 -34.93 46.54
C THR B 181 32.69 -35.18 45.04
N ARG B 182 33.42 -34.30 44.36
CA ARG B 182 33.48 -34.32 42.90
C ARG B 182 33.80 -35.69 42.32
N PRO B 183 34.78 -36.45 42.82
CA PRO B 183 34.93 -37.82 42.31
C PRO B 183 33.72 -38.68 42.63
N GLN B 184 33.26 -38.65 43.87
CA GLN B 184 32.08 -39.42 44.24
C GLN B 184 30.88 -39.05 43.39
N LEU B 185 30.63 -37.76 43.20
CA LEU B 185 29.43 -37.37 42.48
C LEU B 185 29.55 -37.74 41.01
N THR B 186 30.72 -37.55 40.42
CA THR B 186 30.95 -38.11 39.09
C THR B 186 30.59 -39.58 39.05
N LYS B 187 30.98 -40.32 40.10
CA LYS B 187 30.70 -41.76 40.08
C LYS B 187 29.21 -42.01 40.14
N VAL B 188 28.49 -41.17 40.88
CA VAL B 188 27.05 -41.37 41.07
C VAL B 188 26.28 -41.04 39.80
N LEU B 189 26.64 -39.92 39.17
CA LEU B 189 25.99 -39.53 37.93
C LEU B 189 26.28 -40.52 36.82
N ASN B 190 27.55 -40.87 36.63
CA ASN B 190 27.87 -41.81 35.55
C ASN B 190 27.25 -43.16 35.81
N ALA B 191 27.13 -43.56 37.07
CA ALA B 191 26.59 -44.86 37.36
C ALA B 191 25.13 -44.96 36.93
N THR B 192 24.33 -43.99 37.35
CA THR B 192 22.88 -44.03 37.21
C THR B 192 22.36 -42.73 36.63
N GLY B 193 21.54 -42.83 35.62
CA GLY B 193 21.34 -41.74 34.69
C GLY B 193 21.19 -42.26 33.27
N ALA B 194 21.46 -43.55 33.08
CA ALA B 194 21.18 -44.24 31.84
C ALA B 194 19.81 -43.88 31.29
N ASP B 195 19.79 -43.60 29.97
CA ASP B 195 18.70 -42.89 29.31
C ASP B 195 17.38 -43.67 29.45
N SER B 196 16.29 -42.96 29.14
CA SER B 196 14.92 -43.46 29.26
C SER B 196 14.76 -44.83 28.63
N ALA B 197 13.86 -45.63 29.22
CA ALA B 197 13.85 -47.10 29.21
C ALA B 197 14.86 -47.73 30.17
N THR B 198 15.50 -46.94 31.03
CA THR B 198 16.36 -47.45 32.10
C THR B 198 15.91 -46.88 33.44
N PRO B 199 15.29 -47.65 34.34
CA PRO B 199 14.89 -47.09 35.65
C PRO B 199 16.05 -46.99 36.65
N THR B 200 16.36 -45.75 37.02
CA THR B 200 17.51 -45.33 37.81
C THR B 200 17.24 -45.27 39.32
N THR B 201 17.69 -46.28 40.06
CA THR B 201 17.25 -46.58 41.41
C THR B 201 18.30 -46.21 42.45
N PHE B 202 17.96 -45.30 43.34
CA PHE B 202 18.79 -45.02 44.51
C PHE B 202 18.31 -45.89 45.65
N GLU B 203 19.22 -46.27 46.53
CA GLU B 203 18.83 -47.18 47.57
C GLU B 203 19.82 -47.07 48.71
N LEU B 204 19.35 -47.24 49.93
CA LEU B 204 20.20 -47.37 51.11
C LEU B 204 20.02 -48.73 51.76
N GLY B 205 21.13 -49.36 52.13
CA GLY B 205 21.12 -50.54 52.96
C GLY B 205 21.51 -50.28 54.41
N VAL B 206 21.11 -51.23 55.25
CA VAL B 206 21.53 -51.33 56.65
C VAL B 206 23.02 -51.63 56.73
N ASN B 207 23.60 -51.42 57.92
CA ASN B 207 25.04 -51.32 58.15
C ASN B 207 25.61 -50.08 57.45
N GLY B 208 24.77 -49.06 57.30
CA GLY B 208 25.21 -47.75 56.84
C GLY B 208 25.73 -47.84 55.43
N LYS B 209 24.87 -48.22 54.51
CA LYS B 209 25.26 -48.42 53.12
C LYS B 209 24.40 -47.53 52.25
N PHE B 210 25.02 -46.98 51.21
CA PHE B 210 24.34 -46.28 50.14
C PHE B 210 24.71 -47.04 48.89
N SER B 211 23.77 -47.07 47.98
CA SER B 211 23.97 -47.70 46.71
C SER B 211 23.13 -46.91 45.76
N VAL B 212 23.65 -46.66 44.59
CA VAL B 212 22.85 -46.16 43.50
C VAL B 212 23.11 -47.10 42.34
N PHE B 213 22.06 -47.74 41.87
CA PHE B 213 22.17 -48.80 40.91
C PHE B 213 21.11 -48.59 39.84
N THR B 214 21.38 -49.15 38.66
CA THR B 214 20.48 -49.09 37.54
C THR B 214 20.49 -50.48 36.94
N THR B 215 19.88 -50.64 35.76
CA THR B 215 19.72 -51.98 35.19
C THR B 215 21.06 -52.68 35.04
N SER B 216 22.13 -51.92 34.80
CA SER B 216 23.47 -52.48 34.58
C SER B 216 24.46 -52.14 35.69
N THR B 217 24.64 -50.86 36.03
CA THR B 217 25.73 -50.40 36.89
C THR B 217 25.26 -50.21 38.32
N CYS B 218 26.13 -50.50 39.30
CA CYS B 218 25.78 -50.41 40.73
C CYS B 218 26.92 -49.90 41.61
N VAL B 219 26.96 -48.60 41.93
CA VAL B 219 28.05 -48.02 42.75
C VAL B 219 27.58 -47.81 44.19
N THR B 220 28.43 -48.16 45.18
CA THR B 220 28.08 -47.96 46.58
C THR B 220 29.04 -47.06 47.35
N PHE B 221 28.53 -46.56 48.49
CA PHE B 221 29.26 -45.67 49.38
C PHE B 221 28.80 -45.87 50.82
N ALA B 222 29.74 -45.94 51.74
CA ALA B 222 29.40 -46.01 53.15
C ALA B 222 29.25 -44.58 53.68
N ALA B 223 28.13 -44.28 54.31
CA ALA B 223 27.95 -42.99 54.99
C ALA B 223 28.07 -43.17 56.49
N ARG B 224 28.68 -42.17 57.14
CA ARG B 224 29.11 -42.26 58.54
C ARG B 224 28.60 -41.05 59.33
N GLU B 225 28.93 -41.05 60.61
CA GLU B 225 28.71 -39.96 61.53
C GLU B 225 29.90 -39.01 61.46
N GLU B 226 29.98 -38.04 62.37
CA GLU B 226 30.87 -36.88 62.29
C GLU B 226 30.60 -36.06 61.03
N GLY B 227 29.36 -35.60 60.97
CA GLY B 227 28.91 -34.57 60.05
C GLY B 227 27.97 -33.61 60.76
N VAL B 228 27.97 -33.65 62.10
CA VAL B 228 27.28 -32.66 62.93
C VAL B 228 28.01 -31.32 62.80
N ASN B 252 38.03 -45.55 50.06
CA ASN B 252 38.71 -44.27 50.22
C ASN B 252 37.88 -43.16 49.59
N ALA B 253 37.37 -43.45 48.41
CA ALA B 253 36.41 -42.60 47.72
C ALA B 253 34.98 -42.97 48.05
N LYS B 254 34.76 -43.79 49.08
CA LYS B 254 33.45 -44.37 49.36
C LYS B 254 33.06 -44.23 50.83
N THR B 255 33.70 -43.33 51.58
CA THR B 255 33.19 -42.92 52.88
C THR B 255 32.77 -41.46 52.80
N VAL B 256 31.51 -41.19 53.15
CA VAL B 256 30.96 -39.85 53.30
C VAL B 256 30.60 -39.66 54.76
N TYR B 257 30.46 -38.40 55.17
CA TYR B 257 30.13 -38.06 56.56
C TYR B 257 28.87 -37.20 56.58
N GLY B 258 27.76 -37.79 57.04
CA GLY B 258 26.45 -37.23 56.85
C GLY B 258 25.66 -37.05 58.14
N GLU B 259 24.51 -36.39 57.97
CA GLU B 259 23.42 -36.30 58.93
C GLU B 259 22.26 -37.13 58.40
N ASN B 260 21.39 -37.60 59.30
CA ASN B 260 20.31 -38.52 58.91
C ASN B 260 20.85 -39.83 58.33
N THR B 261 21.93 -40.33 58.94
CA THR B 261 22.70 -41.46 58.43
C THR B 261 22.03 -42.81 58.67
N HIS B 262 20.83 -42.84 59.27
CA HIS B 262 20.17 -44.09 59.63
C HIS B 262 19.16 -44.64 58.62
N ARG B 263 18.63 -43.83 57.73
CA ARG B 263 17.38 -44.18 57.05
C ARG B 263 17.64 -44.81 55.71
N THR B 264 16.93 -45.89 55.44
CA THR B 264 17.01 -46.52 54.15
C THR B 264 15.87 -46.02 53.28
N PHE B 265 15.90 -46.40 52.02
CA PHE B 265 14.84 -46.16 51.06
C PHE B 265 15.23 -46.91 49.82
N SER B 266 14.26 -47.24 48.97
CA SER B 266 14.55 -47.69 47.62
C SER B 266 13.71 -46.86 46.67
N VAL B 267 14.27 -45.74 46.27
CA VAL B 267 13.58 -44.74 45.47
C VAL B 267 14.06 -44.92 44.05
N VAL B 268 13.24 -44.49 43.11
CA VAL B 268 13.57 -44.58 41.70
C VAL B 268 13.19 -43.27 41.07
N VAL B 269 14.04 -42.78 40.17
CA VAL B 269 13.73 -41.60 39.37
C VAL B 269 13.26 -42.12 38.03
N ASP B 270 12.36 -41.38 37.38
CA ASP B 270 11.67 -41.88 36.19
C ASP B 270 12.22 -41.29 34.90
N ASP B 271 12.32 -39.97 34.82
CA ASP B 271 12.99 -39.30 33.73
C ASP B 271 14.47 -39.20 34.07
N CYS B 272 15.30 -39.19 33.05
CA CYS B 272 16.73 -39.39 33.23
C CYS B 272 17.38 -38.05 32.93
N SER B 273 17.56 -37.28 34.00
CA SER B 273 18.11 -35.94 33.90
C SER B 273 19.23 -35.69 34.90
N MET B 274 19.35 -36.48 35.96
CA MET B 274 20.37 -36.21 36.98
C MET B 274 21.76 -36.13 36.36
N ARG B 275 22.11 -37.11 35.51
CA ARG B 275 23.39 -37.06 34.81
C ARG B 275 23.55 -35.74 34.07
N ALA B 276 22.47 -35.19 33.54
CA ALA B 276 22.61 -34.15 32.54
C ALA B 276 22.28 -32.77 33.06
N VAL B 277 21.32 -32.67 33.97
CA VAL B 277 21.19 -31.42 34.72
C VAL B 277 22.46 -31.19 35.51
N LEU B 278 22.90 -32.17 36.29
CA LEU B 278 24.05 -31.90 37.13
C LEU B 278 25.31 -31.68 36.31
N ARG B 279 25.52 -32.42 35.23
CA ARG B 279 26.67 -32.11 34.40
C ARG B 279 26.47 -30.90 33.50
N ARG B 280 25.30 -30.26 33.47
CA ARG B 280 25.17 -28.99 32.76
C ARG B 280 25.53 -27.80 33.63
N LEU B 281 25.19 -27.86 34.88
CA LEU B 281 25.66 -26.87 35.82
C LEU B 281 27.12 -27.02 36.13
N GLN B 282 27.80 -28.02 35.57
CA GLN B 282 29.20 -28.26 35.82
C GLN B 282 29.43 -28.37 37.32
N VAL B 283 28.59 -29.18 37.95
CA VAL B 283 28.61 -29.33 39.40
C VAL B 283 29.89 -30.03 39.82
N ALA B 284 30.67 -29.37 40.66
CA ALA B 284 31.89 -29.94 41.22
C ALA B 284 31.53 -30.58 42.55
N GLY B 285 30.80 -31.67 42.45
CA GLY B 285 30.35 -32.42 43.60
C GLY B 285 29.29 -31.66 44.41
N GLY B 286 28.96 -32.25 45.54
CA GLY B 286 28.19 -31.54 46.55
C GLY B 286 27.55 -32.51 47.52
N THR B 287 26.38 -32.11 48.05
CA THR B 287 25.67 -32.97 48.99
C THR B 287 24.28 -33.24 48.49
N LEU B 288 23.79 -34.42 48.86
CA LEU B 288 22.45 -34.90 48.52
C LEU B 288 21.54 -34.93 49.74
N LYS B 289 20.28 -34.53 49.54
CA LYS B 289 19.36 -34.31 50.64
C LYS B 289 18.00 -34.78 50.20
N PHE B 290 17.49 -35.80 50.88
CA PHE B 290 16.30 -36.53 50.47
C PHE B 290 15.10 -36.09 51.30
N PHE B 291 14.03 -35.75 50.62
CA PHE B 291 12.74 -35.40 51.15
C PHE B 291 11.80 -36.53 50.76
N LEU B 292 11.36 -37.30 51.73
CA LEU B 292 10.49 -38.44 51.50
C LEU B 292 9.11 -38.30 52.15
N THR B 293 8.91 -37.34 53.04
CA THR B 293 7.64 -37.22 53.74
C THR B 293 6.49 -37.03 52.75
N THR B 294 6.64 -36.10 51.81
CA THR B 294 5.55 -35.81 50.89
C THR B 294 5.21 -37.06 50.08
N PRO B 295 3.96 -37.18 49.58
CA PRO B 295 3.57 -38.43 48.91
C PRO B 295 4.42 -38.85 47.73
N VAL B 296 5.09 -37.94 47.04
CA VAL B 296 6.23 -38.27 46.18
C VAL B 296 7.47 -37.69 46.83
N PRO B 297 8.50 -38.49 47.09
CA PRO B 297 9.75 -37.89 47.56
C PRO B 297 10.36 -37.01 46.48
N SER B 298 11.13 -36.04 46.93
CA SER B 298 12.01 -35.26 46.08
C SER B 298 13.39 -35.22 46.72
N LEU B 299 14.43 -35.27 45.89
CA LEU B 299 15.81 -35.28 46.36
C LEU B 299 16.56 -34.10 45.78
N CYS B 300 17.27 -33.39 46.63
CA CYS B 300 17.83 -32.06 46.41
C CYS B 300 19.35 -32.22 46.49
N VAL B 301 19.99 -32.26 45.33
CA VAL B 301 21.45 -32.27 45.21
C VAL B 301 21.97 -30.85 45.14
N THR B 302 22.86 -30.51 46.06
CA THR B 302 23.42 -29.17 46.17
C THR B 302 24.84 -29.18 45.64
N ALA B 303 25.41 -27.98 45.46
CA ALA B 303 26.82 -27.72 45.20
C ALA B 303 27.53 -27.25 46.47
N THR B 304 27.98 -28.20 47.30
CA THR B 304 28.66 -27.91 48.59
C THR B 304 29.66 -26.74 48.53
N GLY B 305 30.54 -26.72 47.53
CA GLY B 305 31.46 -25.62 47.26
C GLY B 305 30.72 -24.31 47.28
N PRO B 306 31.36 -23.19 47.62
CA PRO B 306 30.84 -22.32 48.70
C PRO B 306 29.38 -21.88 48.62
N ASN B 307 28.91 -21.29 47.52
CA ASN B 307 27.49 -21.05 47.37
C ASN B 307 26.91 -22.19 46.53
N ALA B 308 25.63 -22.14 46.20
CA ALA B 308 24.97 -23.35 45.73
C ALA B 308 24.13 -23.05 44.50
N VAL B 309 24.06 -24.03 43.64
CA VAL B 309 23.00 -24.15 42.66
C VAL B 309 22.45 -25.55 42.86
N SER B 310 21.27 -25.63 43.43
CA SER B 310 20.75 -26.87 43.94
C SER B 310 19.66 -27.32 43.00
N ALA B 311 19.73 -28.57 42.56
CA ALA B 311 18.69 -29.12 41.72
C ALA B 311 17.88 -30.09 42.56
N VAL B 312 16.57 -30.00 42.45
CA VAL B 312 15.67 -30.90 43.14
C VAL B 312 14.96 -31.76 42.10
N PHE B 313 14.75 -33.01 42.46
CA PHE B 313 14.39 -34.05 41.50
C PHE B 313 13.20 -34.81 42.03
N LEU B 314 12.24 -35.09 41.15
CA LEU B 314 10.99 -35.74 41.49
C LEU B 314 10.99 -37.16 40.93
N LEU B 315 10.59 -38.10 41.77
CA LEU B 315 10.92 -39.49 41.59
C LEU B 315 9.73 -40.29 41.07
N LYS B 316 10.02 -41.48 40.53
CA LYS B 316 9.02 -42.51 40.28
C LYS B 316 8.43 -43.01 41.60
N PRO B 317 7.12 -43.25 41.67
CA PRO B 317 6.56 -43.83 42.91
C PRO B 317 7.20 -45.18 43.23
N GLN B 318 7.87 -45.22 44.39
CA GLN B 318 8.62 -46.39 44.89
C GLN B 318 7.83 -47.68 44.68
N LYS B 319 8.44 -48.63 44.00
CA LYS B 319 7.72 -49.82 43.54
C LYS B 319 7.48 -50.79 44.68
#